data_1WWX
#
_entry.id   1WWX
#
_entity_poly.entity_id   1
_entity_poly.type   'polypeptide(L)'
_entity_poly.pdbx_seq_one_letter_code
;GSSGSSGSSHLWEFVRDLLLSPEENCGILEWEDREQGIFRVVKSEALAKMWGQRKKNDRMTYEKLSRALRYYYKTGILER
VDRRLVYKFGKNAHGWQEDKLSGPSSG
;
_entity_poly.pdbx_strand_id   A
#
# COMPACT_ATOMS: atom_id res chain seq x y z
N GLY A 1 25.32 7.81 -10.15
CA GLY A 1 25.21 6.59 -9.38
C GLY A 1 23.78 6.23 -9.04
N SER A 2 23.51 4.94 -8.93
CA SER A 2 22.16 4.46 -8.63
C SER A 2 22.21 3.27 -7.67
N SER A 3 21.33 3.30 -6.66
CA SER A 3 21.27 2.23 -5.68
C SER A 3 19.84 1.93 -5.27
N GLY A 4 19.12 2.96 -4.84
CA GLY A 4 17.74 2.80 -4.43
C GLY A 4 17.50 3.25 -3.00
N SER A 5 17.91 4.47 -2.69
CA SER A 5 17.74 5.01 -1.35
C SER A 5 16.76 6.18 -1.34
N SER A 6 15.68 6.03 -0.58
CA SER A 6 14.66 7.07 -0.49
C SER A 6 14.92 7.99 0.69
N GLY A 7 15.13 7.38 1.86
CA GLY A 7 15.38 8.16 3.06
C GLY A 7 14.16 8.24 3.97
N SER A 8 13.00 8.43 3.37
CA SER A 8 11.76 8.54 4.13
C SER A 8 10.81 7.39 3.79
N SER A 9 10.67 6.45 4.72
CA SER A 9 9.79 5.29 4.52
C SER A 9 8.32 5.69 4.64
N HIS A 10 7.44 4.85 4.12
CA HIS A 10 6.01 5.11 4.17
C HIS A 10 5.21 3.81 4.03
N LEU A 11 4.20 3.66 4.87
CA LEU A 11 3.35 2.47 4.84
C LEU A 11 2.74 2.27 3.45
N TRP A 12 1.96 3.25 3.00
CA TRP A 12 1.33 3.18 1.70
C TRP A 12 2.27 2.61 0.65
N GLU A 13 3.56 2.87 0.81
CA GLU A 13 4.57 2.38 -0.11
C GLU A 13 4.86 0.90 0.14
N PHE A 14 5.00 0.54 1.41
CA PHE A 14 5.28 -0.84 1.78
C PHE A 14 4.15 -1.76 1.35
N VAL A 15 2.92 -1.43 1.77
CA VAL A 15 1.76 -2.23 1.42
C VAL A 15 1.57 -2.31 -0.09
N ARG A 16 1.92 -1.24 -0.79
CA ARG A 16 1.79 -1.20 -2.23
C ARG A 16 2.85 -2.09 -2.89
N ASP A 17 4.09 -1.95 -2.45
CA ASP A 17 5.19 -2.74 -2.99
C ASP A 17 4.86 -4.23 -2.96
N LEU A 18 4.19 -4.65 -1.89
CA LEU A 18 3.81 -6.05 -1.73
C LEU A 18 2.95 -6.53 -2.89
N LEU A 19 2.10 -5.62 -3.39
CA LEU A 19 1.22 -5.94 -4.50
C LEU A 19 2.01 -6.13 -5.80
N LEU A 20 3.13 -5.41 -5.91
CA LEU A 20 3.98 -5.50 -7.09
C LEU A 20 5.13 -6.47 -6.87
N SER A 21 5.21 -7.01 -5.66
CA SER A 21 6.26 -7.96 -5.31
C SER A 21 5.68 -9.25 -4.77
N PRO A 22 5.24 -10.13 -5.67
CA PRO A 22 4.65 -11.43 -5.31
C PRO A 22 5.68 -12.40 -4.72
N GLU A 23 6.95 -12.02 -4.81
CA GLU A 23 8.03 -12.85 -4.30
C GLU A 23 8.18 -12.66 -2.78
N GLU A 24 7.79 -11.50 -2.30
CA GLU A 24 7.88 -11.19 -0.87
C GLU A 24 6.53 -11.35 -0.20
N ASN A 25 5.47 -10.91 -0.88
CA ASN A 25 4.12 -11.00 -0.35
C ASN A 25 3.58 -12.42 -0.46
N CYS A 26 3.07 -12.95 0.65
CA CYS A 26 2.53 -14.31 0.66
C CYS A 26 1.04 -14.28 0.97
N GLY A 27 0.23 -14.10 -0.06
CA GLY A 27 -1.22 -14.06 0.11
C GLY A 27 -1.64 -13.13 1.23
N ILE A 28 -1.09 -11.93 1.23
CA ILE A 28 -1.41 -10.94 2.26
C ILE A 28 -2.38 -9.88 1.72
N LEU A 29 -2.30 -9.62 0.42
CA LEU A 29 -3.17 -8.65 -0.22
C LEU A 29 -3.71 -9.17 -1.54
N GLU A 30 -4.67 -8.44 -2.10
CA GLU A 30 -5.27 -8.84 -3.38
C GLU A 30 -5.57 -7.62 -4.24
N TRP A 31 -5.42 -7.79 -5.55
CA TRP A 31 -5.68 -6.70 -6.49
C TRP A 31 -7.14 -6.68 -6.92
N GLU A 32 -7.92 -5.82 -6.28
CA GLU A 32 -9.34 -5.70 -6.61
C GLU A 32 -9.55 -4.89 -7.90
N ASP A 33 -8.64 -3.96 -8.14
CA ASP A 33 -8.72 -3.12 -9.34
C ASP A 33 -7.35 -2.54 -9.69
N ARG A 34 -6.77 -3.00 -10.79
CA ARG A 34 -5.46 -2.52 -11.22
C ARG A 34 -5.56 -1.11 -11.79
N GLU A 35 -6.64 -0.84 -12.52
CA GLU A 35 -6.85 0.46 -13.12
C GLU A 35 -7.09 1.52 -12.05
N GLN A 36 -8.05 1.25 -11.16
CA GLN A 36 -8.38 2.17 -10.09
C GLN A 36 -7.31 2.15 -9.00
N GLY A 37 -6.73 0.97 -8.77
CA GLY A 37 -5.71 0.82 -7.75
C GLY A 37 -6.27 0.33 -6.44
N ILE A 38 -7.41 -0.33 -6.48
CA ILE A 38 -8.05 -0.86 -5.28
C ILE A 38 -7.48 -2.22 -4.91
N PHE A 39 -7.18 -2.40 -3.62
CA PHE A 39 -6.63 -3.65 -3.13
C PHE A 39 -7.30 -4.07 -1.82
N ARG A 40 -7.25 -5.37 -1.53
CA ARG A 40 -7.85 -5.89 -0.30
C ARG A 40 -6.79 -6.48 0.61
N VAL A 41 -7.06 -6.44 1.92
CA VAL A 41 -6.11 -6.98 2.90
C VAL A 41 -6.56 -8.35 3.39
N VAL A 42 -6.29 -9.38 2.59
CA VAL A 42 -6.66 -10.74 2.94
C VAL A 42 -6.18 -11.09 4.34
N LYS A 43 -4.93 -10.76 4.63
CA LYS A 43 -4.34 -11.04 5.95
C LYS A 43 -4.04 -9.75 6.69
N SER A 44 -5.01 -9.25 7.45
CA SER A 44 -4.83 -8.02 8.21
C SER A 44 -3.79 -8.21 9.32
N GLU A 45 -3.58 -9.46 9.71
CA GLU A 45 -2.61 -9.77 10.75
C GLU A 45 -1.19 -9.79 10.20
N ALA A 46 -1.00 -10.49 9.09
CA ALA A 46 0.30 -10.59 8.45
C ALA A 46 0.75 -9.24 7.89
N LEU A 47 -0.22 -8.44 7.46
CA LEU A 47 0.07 -7.12 6.89
C LEU A 47 0.84 -6.26 7.90
N ALA A 48 0.29 -6.14 9.10
CA ALA A 48 0.92 -5.35 10.15
C ALA A 48 2.22 -6.00 10.62
N LYS A 49 2.13 -7.28 10.96
CA LYS A 49 3.30 -8.03 11.42
C LYS A 49 4.51 -7.75 10.55
N MET A 50 4.32 -7.79 9.23
CA MET A 50 5.40 -7.54 8.29
C MET A 50 5.81 -6.07 8.32
N TRP A 51 4.82 -5.18 8.39
CA TRP A 51 5.08 -3.74 8.42
C TRP A 51 6.01 -3.39 9.57
N GLY A 52 5.63 -3.78 10.78
CA GLY A 52 6.45 -3.50 11.95
C GLY A 52 7.91 -3.82 11.72
N GLN A 53 8.19 -5.03 11.24
CA GLN A 53 9.56 -5.46 10.99
C GLN A 53 10.34 -4.37 10.24
N ARG A 54 9.64 -3.65 9.37
CA ARG A 54 10.27 -2.58 8.59
C ARG A 54 10.58 -1.37 9.47
N LYS A 55 9.72 -1.13 10.46
CA LYS A 55 9.90 0.00 11.37
C LYS A 55 10.45 -0.48 12.71
N LYS A 56 10.83 -1.75 12.77
CA LYS A 56 11.38 -2.33 13.99
C LYS A 56 10.40 -2.19 15.16
N ASN A 57 9.12 -2.19 14.85
CA ASN A 57 8.08 -2.07 15.87
C ASN A 57 7.50 -3.43 16.23
N ASP A 58 8.19 -4.15 17.11
CA ASP A 58 7.74 -5.47 17.54
C ASP A 58 6.29 -5.42 18.02
N ARG A 59 5.84 -4.24 18.44
CA ARG A 59 4.48 -4.07 18.91
C ARG A 59 3.59 -3.52 17.80
N MET A 60 3.92 -3.84 16.57
CA MET A 60 3.14 -3.38 15.42
C MET A 60 1.97 -4.31 15.14
N THR A 61 0.79 -3.72 14.94
CA THR A 61 -0.41 -4.50 14.68
C THR A 61 -1.41 -3.70 13.85
N TYR A 62 -2.26 -4.40 13.11
CA TYR A 62 -3.26 -3.76 12.27
C TYR A 62 -3.87 -2.55 12.98
N GLU A 63 -4.43 -2.78 14.16
CA GLU A 63 -5.05 -1.72 14.94
C GLU A 63 -4.21 -0.45 14.88
N LYS A 64 -2.89 -0.61 14.96
CA LYS A 64 -1.97 0.53 14.92
C LYS A 64 -1.74 0.98 13.47
N LEU A 65 -1.36 0.04 12.62
CA LEU A 65 -1.10 0.33 11.21
C LEU A 65 -2.22 1.19 10.63
N SER A 66 -3.46 0.76 10.82
CA SER A 66 -4.61 1.50 10.31
C SER A 66 -4.46 2.99 10.58
N ARG A 67 -3.96 3.33 11.77
CA ARG A 67 -3.77 4.73 12.14
C ARG A 67 -3.25 5.54 10.97
N ALA A 68 -2.38 4.94 10.18
CA ALA A 68 -1.80 5.61 9.02
C ALA A 68 -2.71 5.48 7.80
N LEU A 69 -3.47 4.39 7.76
CA LEU A 69 -4.39 4.15 6.65
C LEU A 69 -5.53 5.15 6.66
N ARG A 70 -5.93 5.57 7.85
CA ARG A 70 -7.02 6.53 8.00
C ARG A 70 -6.50 7.96 7.98
N TYR A 71 -5.20 8.12 8.26
CA TYR A 71 -4.58 9.44 8.27
C TYR A 71 -4.14 9.85 6.87
N TYR A 72 -4.09 8.88 5.97
CA TYR A 72 -3.69 9.14 4.58
C TYR A 72 -4.83 9.81 3.81
N TYR A 73 -6.05 9.62 4.28
CA TYR A 73 -7.22 10.20 3.62
C TYR A 73 -7.15 11.72 3.65
N LYS A 74 -6.42 12.26 4.61
CA LYS A 74 -6.27 13.70 4.74
C LYS A 74 -5.34 14.26 3.66
N THR A 75 -4.27 13.51 3.38
CA THR A 75 -3.30 13.93 2.37
C THR A 75 -3.71 13.44 0.98
N GLY A 76 -4.54 12.40 0.95
CA GLY A 76 -4.99 11.85 -0.32
C GLY A 76 -4.26 10.58 -0.69
N ILE A 77 -3.13 10.33 -0.04
CA ILE A 77 -2.34 9.14 -0.31
C ILE A 77 -3.23 7.91 -0.47
N LEU A 78 -4.24 7.81 0.38
CA LEU A 78 -5.16 6.68 0.34
C LEU A 78 -6.58 7.15 0.02
N GLU A 79 -7.45 6.21 -0.30
CA GLU A 79 -8.84 6.53 -0.63
C GLU A 79 -9.80 5.73 0.23
N ARG A 80 -10.64 6.43 0.99
CA ARG A 80 -11.61 5.79 1.86
C ARG A 80 -12.58 4.92 1.06
N VAL A 81 -12.82 3.70 1.54
CA VAL A 81 -13.71 2.78 0.86
C VAL A 81 -14.83 2.32 1.79
N ASP A 82 -15.99 1.98 1.22
CA ASP A 82 -17.13 1.54 1.99
C ASP A 82 -17.19 0.02 2.04
N ARG A 83 -16.02 -0.62 2.06
CA ARG A 83 -15.94 -2.07 2.11
C ARG A 83 -15.18 -2.54 3.35
N ARG A 84 -15.04 -3.86 3.49
CA ARG A 84 -14.34 -4.43 4.63
C ARG A 84 -12.92 -4.84 4.24
N LEU A 85 -11.94 -4.36 4.98
CA LEU A 85 -10.53 -4.67 4.72
C LEU A 85 -10.19 -4.40 3.26
N VAL A 86 -10.80 -3.36 2.69
CA VAL A 86 -10.54 -2.99 1.31
C VAL A 86 -10.11 -1.54 1.20
N TYR A 87 -8.88 -1.32 0.76
CA TYR A 87 -8.35 0.04 0.62
C TYR A 87 -7.99 0.32 -0.84
N LYS A 88 -7.73 1.59 -1.14
CA LYS A 88 -7.38 1.99 -2.50
C LYS A 88 -6.48 3.23 -2.47
N PHE A 89 -5.38 3.16 -3.22
CA PHE A 89 -4.43 4.27 -3.29
C PHE A 89 -5.03 5.46 -4.02
N GLY A 90 -4.96 6.64 -3.41
CA GLY A 90 -5.50 7.83 -4.02
C GLY A 90 -4.67 8.31 -5.19
N LYS A 91 -4.69 9.62 -5.43
CA LYS A 91 -3.94 10.20 -6.53
C LYS A 91 -2.58 10.70 -6.05
N ASN A 92 -2.48 10.99 -4.75
CA ASN A 92 -1.24 11.47 -4.17
C ASN A 92 -0.13 10.43 -4.30
N ALA A 93 -0.51 9.16 -4.21
CA ALA A 93 0.45 8.06 -4.32
C ALA A 93 0.88 7.86 -5.76
N HIS A 94 2.04 7.23 -5.94
CA HIS A 94 2.57 6.98 -7.28
C HIS A 94 3.15 5.57 -7.38
N GLY A 95 3.54 5.17 -8.59
CA GLY A 95 4.09 3.85 -8.79
C GLY A 95 3.04 2.84 -9.22
N TRP A 96 1.92 2.83 -8.50
CA TRP A 96 0.84 1.90 -8.81
C TRP A 96 0.04 2.37 -10.02
N GLN A 97 -0.18 3.68 -10.11
CA GLN A 97 -0.93 4.26 -11.22
C GLN A 97 -0.33 3.82 -12.56
N GLU A 98 -1.14 3.89 -13.61
CA GLU A 98 -0.70 3.50 -14.94
C GLU A 98 -1.12 4.55 -15.98
N ASP A 99 -0.48 4.50 -17.15
CA ASP A 99 -0.79 5.43 -18.22
C ASP A 99 -0.70 6.87 -17.74
N LYS A 100 -0.76 7.81 -18.68
CA LYS A 100 -0.68 9.23 -18.34
C LYS A 100 -2.05 9.90 -18.48
N LEU A 101 -2.76 10.01 -17.36
CA LEU A 101 -4.07 10.64 -17.36
C LEU A 101 -4.09 11.87 -16.45
N SER A 102 -4.28 13.03 -17.07
CA SER A 102 -4.32 14.29 -16.32
C SER A 102 -5.71 14.90 -16.36
N GLY A 103 -6.19 15.20 -17.56
CA GLY A 103 -7.51 15.79 -17.71
C GLY A 103 -7.50 17.02 -18.59
N PRO A 104 -8.70 17.52 -18.94
CA PRO A 104 -8.85 18.71 -19.78
C PRO A 104 -8.41 19.98 -19.07
N SER A 105 -8.32 19.92 -17.76
CA SER A 105 -7.91 21.07 -16.95
C SER A 105 -6.46 20.94 -16.51
N SER A 106 -5.77 22.07 -16.40
CA SER A 106 -4.37 22.07 -15.99
C SER A 106 -3.97 23.44 -15.47
N GLY A 107 -3.56 23.49 -14.20
CA GLY A 107 -3.16 24.75 -13.59
C GLY A 107 -3.98 25.92 -14.09
N GLY A 1 7.36 17.00 -10.33
CA GLY A 1 7.69 16.20 -9.17
C GLY A 1 7.55 16.98 -7.87
N SER A 2 6.39 17.58 -7.66
CA SER A 2 6.14 18.37 -6.46
C SER A 2 6.43 17.54 -5.21
N SER A 3 7.01 18.19 -4.20
CA SER A 3 7.35 17.52 -2.95
C SER A 3 6.13 17.41 -2.04
N GLY A 4 6.25 16.60 -1.00
CA GLY A 4 5.14 16.42 -0.07
C GLY A 4 5.47 15.45 1.05
N SER A 5 5.78 14.21 0.68
CA SER A 5 6.10 13.18 1.65
C SER A 5 7.50 13.41 2.23
N SER A 6 8.49 13.48 1.35
CA SER A 6 9.87 13.68 1.77
C SER A 6 10.28 12.66 2.82
N GLY A 7 10.87 11.55 2.37
CA GLY A 7 11.29 10.52 3.29
C GLY A 7 11.63 9.21 2.59
N SER A 8 11.60 8.11 3.33
CA SER A 8 11.91 6.81 2.76
C SER A 8 11.11 5.71 3.46
N SER A 9 10.79 4.66 2.71
CA SER A 9 10.02 3.54 3.25
C SER A 9 8.78 4.04 3.99
N HIS A 10 7.66 4.10 3.27
CA HIS A 10 6.41 4.56 3.84
C HIS A 10 5.42 3.41 3.98
N LEU A 11 4.57 3.48 5.01
CA LEU A 11 3.58 2.44 5.25
C LEU A 11 2.79 2.13 3.98
N TRP A 12 2.20 3.17 3.39
CA TRP A 12 1.43 3.01 2.17
C TRP A 12 2.26 2.35 1.07
N GLU A 13 3.54 2.69 1.03
CA GLU A 13 4.45 2.13 0.03
C GLU A 13 4.76 0.67 0.34
N PHE A 14 4.85 0.35 1.63
CA PHE A 14 5.15 -1.01 2.06
C PHE A 14 4.05 -1.97 1.64
N VAL A 15 2.80 -1.59 1.93
CA VAL A 15 1.65 -2.42 1.59
C VAL A 15 1.40 -2.41 0.07
N ARG A 16 1.95 -1.41 -0.61
CA ARG A 16 1.78 -1.30 -2.05
C ARG A 16 2.79 -2.17 -2.79
N ASP A 17 4.06 -2.03 -2.44
CA ASP A 17 5.12 -2.81 -3.07
C ASP A 17 4.79 -4.29 -3.03
N LEU A 18 4.20 -4.74 -1.94
CA LEU A 18 3.84 -6.14 -1.78
C LEU A 18 3.01 -6.63 -2.97
N LEU A 19 2.06 -5.79 -3.40
CA LEU A 19 1.20 -6.12 -4.52
C LEU A 19 2.02 -6.29 -5.80
N LEU A 20 3.08 -5.50 -5.92
CA LEU A 20 3.94 -5.57 -7.10
C LEU A 20 5.08 -6.57 -6.88
N SER A 21 5.29 -6.97 -5.63
CA SER A 21 6.34 -7.92 -5.29
C SER A 21 5.76 -9.21 -4.78
N PRO A 22 5.31 -10.08 -5.70
CA PRO A 22 4.71 -11.38 -5.35
C PRO A 22 5.74 -12.36 -4.80
N GLU A 23 7.01 -12.00 -4.92
CA GLU A 23 8.10 -12.85 -4.42
C GLU A 23 8.25 -12.71 -2.91
N GLU A 24 7.84 -11.56 -2.38
CA GLU A 24 7.93 -11.30 -0.95
C GLU A 24 6.56 -11.44 -0.28
N ASN A 25 5.54 -10.91 -0.95
CA ASN A 25 4.18 -10.97 -0.40
C ASN A 25 3.64 -12.39 -0.46
N CYS A 26 3.09 -12.85 0.66
CA CYS A 26 2.54 -14.19 0.74
C CYS A 26 1.03 -14.15 1.00
N GLY A 27 0.26 -14.03 -0.06
CA GLY A 27 -1.19 -13.97 0.07
C GLY A 27 -1.63 -13.01 1.15
N ILE A 28 -1.03 -11.82 1.16
CA ILE A 28 -1.37 -10.80 2.15
C ILE A 28 -2.33 -9.78 1.57
N LEU A 29 -2.24 -9.54 0.27
CA LEU A 29 -3.10 -8.58 -0.41
C LEU A 29 -3.58 -9.13 -1.75
N GLU A 30 -4.52 -8.43 -2.37
CA GLU A 30 -5.05 -8.84 -3.66
C GLU A 30 -5.43 -7.64 -4.51
N TRP A 31 -5.42 -7.82 -5.83
CA TRP A 31 -5.75 -6.74 -6.76
C TRP A 31 -7.20 -6.84 -7.20
N GLU A 32 -8.05 -5.99 -6.65
CA GLU A 32 -9.47 -5.98 -6.99
C GLU A 32 -9.72 -5.13 -8.23
N ASP A 33 -8.84 -4.16 -8.46
CA ASP A 33 -8.97 -3.27 -9.61
C ASP A 33 -7.70 -2.45 -9.81
N ARG A 34 -6.83 -2.92 -10.69
CA ARG A 34 -5.57 -2.24 -10.97
C ARG A 34 -5.82 -0.89 -11.64
N GLU A 35 -6.85 -0.84 -12.49
CA GLU A 35 -7.20 0.39 -13.19
C GLU A 35 -7.51 1.52 -12.20
N GLN A 36 -8.32 1.21 -11.21
CA GLN A 36 -8.70 2.19 -10.19
C GLN A 36 -7.66 2.25 -9.08
N GLY A 37 -6.96 1.14 -8.87
CA GLY A 37 -5.95 1.09 -7.82
C GLY A 37 -6.50 0.58 -6.50
N ILE A 38 -7.55 -0.23 -6.57
CA ILE A 38 -8.16 -0.78 -5.37
C ILE A 38 -7.54 -2.12 -4.99
N PHE A 39 -7.38 -2.35 -3.70
CA PHE A 39 -6.79 -3.60 -3.21
C PHE A 39 -7.39 -3.98 -1.86
N ARG A 40 -7.45 -5.29 -1.59
CA ARG A 40 -7.99 -5.78 -0.33
C ARG A 40 -6.90 -6.39 0.53
N VAL A 41 -7.05 -6.28 1.84
CA VAL A 41 -6.07 -6.82 2.78
C VAL A 41 -6.47 -8.22 3.24
N VAL A 42 -6.14 -9.22 2.43
CA VAL A 42 -6.47 -10.60 2.75
C VAL A 42 -6.00 -10.96 4.16
N LYS A 43 -4.76 -10.62 4.47
CA LYS A 43 -4.19 -10.90 5.79
C LYS A 43 -3.89 -9.61 6.54
N SER A 44 -4.71 -9.33 7.56
CA SER A 44 -4.54 -8.12 8.35
C SER A 44 -3.46 -8.32 9.42
N GLU A 45 -3.28 -9.56 9.84
CA GLU A 45 -2.29 -9.89 10.86
C GLU A 45 -0.90 -10.00 10.25
N ALA A 46 -0.84 -10.44 8.98
CA ALA A 46 0.43 -10.58 8.29
C ALA A 46 0.92 -9.23 7.77
N LEU A 47 0.00 -8.38 7.37
CA LEU A 47 0.34 -7.05 6.86
C LEU A 47 1.02 -6.22 7.94
N ALA A 48 0.42 -6.17 9.12
CA ALA A 48 0.98 -5.40 10.23
C ALA A 48 2.25 -6.05 10.75
N LYS A 49 2.25 -7.38 10.85
CA LYS A 49 3.41 -8.11 11.33
C LYS A 49 4.64 -7.81 10.48
N MET A 50 4.50 -7.95 9.18
CA MET A 50 5.60 -7.69 8.26
C MET A 50 6.01 -6.22 8.30
N TRP A 51 5.01 -5.33 8.28
CA TRP A 51 5.27 -3.90 8.31
C TRP A 51 6.08 -3.52 9.55
N GLY A 52 5.58 -3.91 10.72
CA GLY A 52 6.27 -3.60 11.96
C GLY A 52 7.76 -3.88 11.88
N GLN A 53 8.11 -5.01 11.26
CA GLN A 53 9.51 -5.39 11.12
C GLN A 53 10.30 -4.33 10.34
N ARG A 54 9.62 -3.66 9.43
CA ARG A 54 10.25 -2.61 8.62
C ARG A 54 10.58 -1.40 9.48
N LYS A 55 9.71 -1.10 10.44
CA LYS A 55 9.92 0.05 11.32
C LYS A 55 10.71 -0.36 12.55
N LYS A 56 11.01 -1.65 12.66
CA LYS A 56 11.77 -2.16 13.80
C LYS A 56 10.98 -2.02 15.10
N ASN A 57 9.65 -2.07 14.99
CA ASN A 57 8.79 -1.94 16.15
C ASN A 57 8.29 -3.30 16.62
N ASP A 58 8.20 -3.47 17.93
CA ASP A 58 7.74 -4.73 18.50
C ASP A 58 6.32 -4.61 19.02
N ARG A 59 5.60 -3.60 18.52
CA ARG A 59 4.22 -3.37 18.93
C ARG A 59 3.34 -3.02 17.73
N MET A 60 3.69 -3.58 16.58
CA MET A 60 2.93 -3.33 15.36
C MET A 60 1.70 -4.24 15.28
N THR A 61 0.58 -3.67 14.83
CA THR A 61 -0.66 -4.42 14.71
C THR A 61 -1.67 -3.67 13.86
N TYR A 62 -2.40 -4.40 13.04
CA TYR A 62 -3.41 -3.81 12.17
C TYR A 62 -4.12 -2.65 12.87
N GLU A 63 -4.50 -2.88 14.12
CA GLU A 63 -5.19 -1.85 14.90
C GLU A 63 -4.45 -0.51 14.82
N LYS A 64 -3.13 -0.57 14.98
CA LYS A 64 -2.31 0.64 14.92
C LYS A 64 -1.97 0.99 13.48
N LEU A 65 -1.57 -0.01 12.70
CA LEU A 65 -1.22 0.20 11.30
C LEU A 65 -2.30 1.00 10.59
N SER A 66 -3.56 0.66 10.84
CA SER A 66 -4.68 1.35 10.22
C SER A 66 -4.57 2.85 10.41
N ARG A 67 -4.01 3.26 11.55
CA ARG A 67 -3.84 4.67 11.85
C ARG A 67 -3.35 5.44 10.63
N ALA A 68 -2.36 4.87 9.94
CA ALA A 68 -1.80 5.49 8.75
C ALA A 68 -2.77 5.43 7.59
N LEU A 69 -3.53 4.34 7.52
CA LEU A 69 -4.51 4.15 6.45
C LEU A 69 -5.63 5.17 6.55
N ARG A 70 -6.10 5.42 7.78
CA ARG A 70 -7.17 6.37 8.01
C ARG A 70 -6.63 7.79 8.07
N TYR A 71 -5.33 7.92 8.27
CA TYR A 71 -4.68 9.23 8.35
C TYR A 71 -4.26 9.72 6.98
N TYR A 72 -4.19 8.79 6.02
CA TYR A 72 -3.79 9.13 4.67
C TYR A 72 -4.95 9.75 3.90
N TYR A 73 -6.15 9.61 4.44
CA TYR A 73 -7.35 10.16 3.80
C TYR A 73 -7.35 11.68 3.88
N LYS A 74 -6.34 12.24 4.53
CA LYS A 74 -6.22 13.69 4.68
C LYS A 74 -5.26 14.25 3.64
N THR A 75 -4.20 13.51 3.34
CA THR A 75 -3.21 13.95 2.37
C THR A 75 -3.57 13.48 0.97
N GLY A 76 -4.44 12.46 0.89
CA GLY A 76 -4.84 11.94 -0.39
C GLY A 76 -4.15 10.64 -0.75
N ILE A 77 -3.08 10.32 -0.02
CA ILE A 77 -2.32 9.11 -0.26
C ILE A 77 -3.26 7.90 -0.40
N LEU A 78 -4.25 7.83 0.47
CA LEU A 78 -5.21 6.73 0.45
C LEU A 78 -6.62 7.25 0.16
N GLU A 79 -7.51 6.34 -0.24
CA GLU A 79 -8.88 6.70 -0.55
C GLU A 79 -9.86 5.92 0.33
N ARG A 80 -10.71 6.66 1.05
CA ARG A 80 -11.70 6.03 1.93
C ARG A 80 -12.64 5.13 1.14
N VAL A 81 -12.87 3.93 1.67
CA VAL A 81 -13.76 2.97 1.01
C VAL A 81 -14.81 2.45 1.97
N ASP A 82 -16.00 2.15 1.44
CA ASP A 82 -17.10 1.65 2.25
C ASP A 82 -17.16 0.13 2.20
N ARG A 83 -16.00 -0.51 2.25
CA ARG A 83 -15.92 -1.97 2.22
C ARG A 83 -15.16 -2.50 3.43
N ARG A 84 -15.07 -3.83 3.53
CA ARG A 84 -14.39 -4.47 4.64
C ARG A 84 -12.99 -4.91 4.23
N LEU A 85 -11.97 -4.33 4.86
CA LEU A 85 -10.59 -4.65 4.56
C LEU A 85 -10.26 -4.37 3.09
N VAL A 86 -10.91 -3.36 2.54
CA VAL A 86 -10.69 -2.98 1.14
C VAL A 86 -10.29 -1.51 1.03
N TYR A 87 -9.01 -1.28 0.75
CA TYR A 87 -8.49 0.08 0.61
C TYR A 87 -8.16 0.40 -0.84
N LYS A 88 -7.86 1.67 -1.11
CA LYS A 88 -7.52 2.10 -2.47
C LYS A 88 -6.59 3.30 -2.43
N PHE A 89 -5.47 3.20 -3.15
CA PHE A 89 -4.49 4.28 -3.21
C PHE A 89 -5.06 5.49 -3.95
N GLY A 90 -4.88 6.67 -3.38
CA GLY A 90 -5.37 7.88 -3.99
C GLY A 90 -4.49 8.35 -5.13
N LYS A 91 -4.53 9.65 -5.42
CA LYS A 91 -3.72 10.23 -6.49
C LYS A 91 -2.36 10.66 -5.98
N ASN A 92 -2.26 10.87 -4.67
CA ASN A 92 -1.01 11.28 -4.05
C ASN A 92 0.06 10.20 -4.19
N ALA A 93 -0.38 8.95 -4.14
CA ALA A 93 0.53 7.82 -4.26
C ALA A 93 1.07 7.69 -5.68
N HIS A 94 2.20 7.02 -5.82
CA HIS A 94 2.82 6.82 -7.13
C HIS A 94 3.41 5.42 -7.25
N GLY A 95 3.86 5.07 -8.46
CA GLY A 95 4.43 3.76 -8.69
C GLY A 95 3.42 2.77 -9.23
N TRP A 96 2.30 2.63 -8.53
CA TRP A 96 1.25 1.70 -8.94
C TRP A 96 0.51 2.22 -10.16
N GLN A 97 0.27 3.54 -10.19
CA GLN A 97 -0.44 4.15 -11.30
C GLN A 97 0.29 3.87 -12.62
N GLU A 98 -0.49 3.77 -13.70
CA GLU A 98 0.07 3.50 -15.01
C GLU A 98 -0.73 4.21 -16.11
N ASP A 99 -0.42 5.49 -16.32
CA ASP A 99 -1.11 6.28 -17.33
C ASP A 99 -0.53 7.69 -17.41
N LYS A 100 -0.13 8.09 -18.61
CA LYS A 100 0.44 9.42 -18.82
C LYS A 100 1.63 9.65 -17.90
N LEU A 101 2.59 8.73 -17.94
CA LEU A 101 3.78 8.83 -17.11
C LEU A 101 4.93 9.49 -17.88
N SER A 102 5.13 9.05 -19.12
CA SER A 102 6.18 9.60 -19.95
C SER A 102 5.79 10.97 -20.51
N GLY A 103 6.31 12.02 -19.88
CA GLY A 103 6.00 13.37 -20.32
C GLY A 103 6.41 14.42 -19.30
N PRO A 104 6.75 15.63 -19.79
CA PRO A 104 7.16 16.73 -18.93
C PRO A 104 6.02 17.28 -18.09
N SER A 105 4.84 16.72 -18.26
CA SER A 105 3.67 17.15 -17.51
C SER A 105 4.05 17.57 -16.10
N SER A 106 3.77 18.83 -15.77
CA SER A 106 4.09 19.36 -14.45
C SER A 106 2.90 20.09 -13.86
N GLY A 107 2.75 20.01 -12.54
CA GLY A 107 1.65 20.67 -11.87
C GLY A 107 0.74 19.69 -11.15
N GLY A 1 26.35 4.01 2.71
CA GLY A 1 26.86 4.72 1.56
C GLY A 1 26.27 6.12 1.44
N SER A 2 26.33 6.69 0.23
CA SER A 2 25.81 8.02 -0.02
C SER A 2 24.29 8.01 -0.06
N SER A 3 23.66 8.01 1.12
CA SER A 3 22.21 8.00 1.21
C SER A 3 21.76 8.10 2.67
N GLY A 4 22.29 7.21 3.51
CA GLY A 4 21.93 7.22 4.91
C GLY A 4 20.44 7.02 5.13
N SER A 5 19.93 5.87 4.74
CA SER A 5 18.52 5.57 4.88
C SER A 5 18.25 4.83 6.20
N SER A 6 17.12 5.12 6.82
CA SER A 6 16.75 4.49 8.08
C SER A 6 15.25 4.65 8.35
N GLY A 7 14.78 5.89 8.32
CA GLY A 7 13.38 6.16 8.56
C GLY A 7 12.72 6.91 7.42
N SER A 8 11.96 7.94 7.76
CA SER A 8 11.27 8.74 6.75
C SER A 8 10.61 7.84 5.70
N SER A 9 10.07 6.71 6.15
CA SER A 9 9.42 5.77 5.26
C SER A 9 7.91 6.03 5.20
N HIS A 10 7.23 5.30 4.32
CA HIS A 10 5.78 5.45 4.17
C HIS A 10 5.11 4.08 4.07
N LEU A 11 4.16 3.83 4.97
CA LEU A 11 3.43 2.57 4.97
C LEU A 11 2.80 2.29 3.62
N TRP A 12 1.99 3.23 3.14
CA TRP A 12 1.33 3.08 1.85
C TRP A 12 2.27 2.48 0.81
N GLU A 13 3.53 2.93 0.83
CA GLU A 13 4.52 2.44 -0.11
C GLU A 13 4.85 0.97 0.17
N PHE A 14 5.00 0.63 1.44
CA PHE A 14 5.31 -0.73 1.84
C PHE A 14 4.21 -1.69 1.39
N VAL A 15 2.99 -1.44 1.85
CA VAL A 15 1.85 -2.29 1.49
C VAL A 15 1.68 -2.35 -0.02
N ARG A 16 2.13 -1.32 -0.71
CA ARG A 16 2.02 -1.27 -2.17
C ARG A 16 3.07 -2.15 -2.83
N ASP A 17 4.34 -1.93 -2.46
CA ASP A 17 5.44 -2.71 -3.01
C ASP A 17 5.13 -4.21 -2.95
N LEU A 18 4.35 -4.61 -1.96
CA LEU A 18 3.98 -6.01 -1.79
C LEU A 18 3.14 -6.50 -2.97
N LEU A 19 2.16 -5.70 -3.36
CA LEU A 19 1.29 -6.04 -4.48
C LEU A 19 2.09 -6.24 -5.76
N LEU A 20 3.12 -5.42 -5.93
CA LEU A 20 3.97 -5.51 -7.11
C LEU A 20 5.05 -6.56 -6.93
N SER A 21 5.21 -7.04 -5.70
CA SER A 21 6.21 -8.05 -5.40
C SER A 21 5.55 -9.33 -4.86
N PRO A 22 5.04 -10.15 -5.78
CA PRO A 22 4.37 -11.41 -5.44
C PRO A 22 5.35 -12.46 -4.90
N GLU A 23 6.64 -12.12 -4.94
CA GLU A 23 7.67 -13.04 -4.46
C GLU A 23 7.85 -12.90 -2.95
N GLU A 24 7.54 -11.72 -2.43
CA GLU A 24 7.68 -11.45 -1.00
C GLU A 24 6.33 -11.55 -0.29
N ASN A 25 5.30 -11.01 -0.93
CA ASN A 25 3.95 -11.03 -0.37
C ASN A 25 3.36 -12.43 -0.44
N CYS A 26 2.78 -12.88 0.67
CA CYS A 26 2.17 -14.20 0.75
C CYS A 26 0.67 -14.09 0.99
N GLY A 27 -0.10 -13.94 -0.10
CA GLY A 27 -1.53 -13.83 0.02
C GLY A 27 -1.96 -12.84 1.09
N ILE A 28 -1.16 -11.79 1.27
CA ILE A 28 -1.45 -10.77 2.26
C ILE A 28 -2.41 -9.73 1.71
N LEU A 29 -2.33 -9.49 0.41
CA LEU A 29 -3.20 -8.51 -0.24
C LEU A 29 -3.76 -9.07 -1.55
N GLU A 30 -4.71 -8.35 -2.14
CA GLU A 30 -5.32 -8.77 -3.39
C GLU A 30 -5.58 -7.58 -4.30
N TRP A 31 -5.48 -7.81 -5.60
CA TRP A 31 -5.71 -6.75 -6.59
C TRP A 31 -7.16 -6.72 -7.03
N GLU A 32 -7.96 -5.90 -6.36
CA GLU A 32 -9.38 -5.78 -6.70
C GLU A 32 -9.57 -5.03 -8.01
N ASP A 33 -8.68 -4.08 -8.28
CA ASP A 33 -8.75 -3.30 -9.51
C ASP A 33 -7.41 -2.63 -9.79
N ARG A 34 -6.74 -3.08 -10.85
CA ARG A 34 -5.45 -2.54 -11.23
C ARG A 34 -5.60 -1.14 -11.81
N GLU A 35 -6.62 -0.95 -12.64
CA GLU A 35 -6.88 0.34 -13.27
C GLU A 35 -7.14 1.41 -12.20
N GLN A 36 -8.07 1.13 -11.31
CA GLN A 36 -8.42 2.06 -10.24
C GLN A 36 -7.36 2.06 -9.15
N GLY A 37 -6.77 0.90 -8.90
CA GLY A 37 -5.75 0.79 -7.88
C GLY A 37 -6.29 0.32 -6.55
N ILE A 38 -7.40 -0.42 -6.60
CA ILE A 38 -8.03 -0.91 -5.37
C ILE A 38 -7.42 -2.25 -4.96
N PHE A 39 -7.19 -2.41 -3.66
CA PHE A 39 -6.62 -3.64 -3.14
C PHE A 39 -7.31 -4.06 -1.85
N ARG A 40 -7.31 -5.36 -1.56
CA ARG A 40 -7.94 -5.88 -0.36
C ARG A 40 -6.90 -6.47 0.59
N VAL A 41 -7.15 -6.33 1.89
CA VAL A 41 -6.23 -6.84 2.90
C VAL A 41 -6.60 -8.27 3.29
N VAL A 42 -6.14 -9.23 2.49
CA VAL A 42 -6.41 -10.64 2.76
C VAL A 42 -5.99 -11.03 4.16
N LYS A 43 -4.76 -10.66 4.53
CA LYS A 43 -4.23 -10.97 5.85
C LYS A 43 -3.94 -9.68 6.64
N SER A 44 -4.90 -9.25 7.44
CA SER A 44 -4.75 -8.04 8.23
C SER A 44 -3.70 -8.24 9.33
N GLU A 45 -3.34 -9.49 9.57
CA GLU A 45 -2.35 -9.82 10.59
C GLU A 45 -0.93 -9.77 10.01
N ALA A 46 -0.76 -10.38 8.85
CA ALA A 46 0.54 -10.41 8.18
C ALA A 46 0.94 -9.03 7.69
N LEU A 47 -0.04 -8.27 7.23
CA LEU A 47 0.20 -6.92 6.73
C LEU A 47 0.90 -6.07 7.79
N ALA A 48 0.34 -6.07 9.00
CA ALA A 48 0.91 -5.31 10.10
C ALA A 48 2.21 -5.93 10.59
N LYS A 49 2.16 -7.24 10.87
CA LYS A 49 3.33 -7.96 11.36
C LYS A 49 4.55 -7.65 10.50
N MET A 50 4.37 -7.71 9.19
CA MET A 50 5.46 -7.44 8.26
C MET A 50 5.88 -5.97 8.32
N TRP A 51 4.90 -5.08 8.26
CA TRP A 51 5.17 -3.65 8.32
C TRP A 51 6.06 -3.30 9.51
N GLY A 52 5.63 -3.70 10.69
CA GLY A 52 6.41 -3.43 11.89
C GLY A 52 7.86 -3.81 11.74
N GLN A 53 8.11 -5.02 11.24
CA GLN A 53 9.47 -5.50 11.04
C GLN A 53 10.33 -4.46 10.32
N ARG A 54 9.72 -3.74 9.39
CA ARG A 54 10.42 -2.71 8.65
C ARG A 54 10.78 -1.53 9.54
N LYS A 55 9.88 -1.21 10.47
CA LYS A 55 10.11 -0.10 11.40
C LYS A 55 10.82 -0.58 12.66
N LYS A 56 11.08 -1.87 12.73
CA LYS A 56 11.76 -2.46 13.88
C LYS A 56 11.07 -2.07 15.17
N ASN A 57 9.74 -1.93 15.12
CA ASN A 57 8.97 -1.55 16.30
C ASN A 57 8.72 -2.77 17.18
N ASP A 58 8.28 -3.86 16.57
CA ASP A 58 8.00 -5.09 17.31
C ASP A 58 6.61 -5.05 17.93
N ARG A 59 6.08 -3.84 18.12
CA ARG A 59 4.76 -3.67 18.71
C ARG A 59 3.76 -3.20 17.66
N MET A 60 4.00 -3.59 16.40
CA MET A 60 3.11 -3.22 15.31
C MET A 60 1.90 -4.14 15.25
N THR A 61 0.73 -3.56 14.98
CA THR A 61 -0.51 -4.32 14.91
C THR A 61 -1.55 -3.59 14.07
N TYR A 62 -2.25 -4.32 13.23
CA TYR A 62 -3.29 -3.75 12.38
C TYR A 62 -4.02 -2.62 13.10
N GLU A 63 -4.32 -2.85 14.38
CA GLU A 63 -5.02 -1.84 15.19
C GLU A 63 -4.30 -0.50 15.12
N LYS A 64 -2.99 -0.52 15.31
CA LYS A 64 -2.19 0.70 15.27
C LYS A 64 -1.91 1.13 13.84
N LEU A 65 -1.57 0.16 12.99
CA LEU A 65 -1.28 0.44 11.58
C LEU A 65 -2.42 1.21 10.94
N SER A 66 -3.65 0.74 11.13
CA SER A 66 -4.82 1.38 10.57
C SER A 66 -4.76 2.89 10.77
N ARG A 67 -4.22 3.31 11.92
CA ARG A 67 -4.11 4.72 12.24
C ARG A 67 -3.60 5.51 11.05
N ALA A 68 -2.60 4.95 10.36
CA ALA A 68 -2.02 5.61 9.20
C ALA A 68 -2.94 5.49 7.98
N LEU A 69 -3.60 4.34 7.87
CA LEU A 69 -4.51 4.10 6.75
C LEU A 69 -5.65 5.11 6.75
N ARG A 70 -6.19 5.41 7.93
CA ARG A 70 -7.28 6.35 8.06
C ARG A 70 -6.76 7.78 8.06
N TYR A 71 -5.47 7.94 8.34
CA TYR A 71 -4.84 9.26 8.37
C TYR A 71 -4.34 9.66 7.00
N TYR A 72 -4.26 8.69 6.09
CA TYR A 72 -3.79 8.93 4.74
C TYR A 72 -4.87 9.60 3.89
N TYR A 73 -6.13 9.44 4.32
CA TYR A 73 -7.26 10.02 3.61
C TYR A 73 -7.17 11.54 3.60
N LYS A 74 -6.39 12.09 4.52
CA LYS A 74 -6.22 13.53 4.62
C LYS A 74 -5.23 14.04 3.58
N THR A 75 -4.12 13.31 3.41
CA THR A 75 -3.10 13.68 2.44
C THR A 75 -3.47 13.20 1.04
N GLY A 76 -4.43 12.29 0.97
CA GLY A 76 -4.86 11.76 -0.31
C GLY A 76 -4.17 10.46 -0.67
N ILE A 77 -3.11 10.13 0.06
CA ILE A 77 -2.36 8.90 -0.18
C ILE A 77 -3.29 7.72 -0.37
N LEU A 78 -4.29 7.61 0.51
CA LEU A 78 -5.26 6.53 0.44
C LEU A 78 -6.66 7.06 0.15
N GLU A 79 -7.55 6.18 -0.30
CA GLU A 79 -8.92 6.57 -0.60
C GLU A 79 -9.91 5.84 0.31
N ARG A 80 -10.71 6.60 1.05
CA ARG A 80 -11.69 6.02 1.95
C ARG A 80 -12.67 5.12 1.20
N VAL A 81 -12.68 3.83 1.55
CA VAL A 81 -13.57 2.88 0.91
C VAL A 81 -14.66 2.41 1.87
N ASP A 82 -15.85 2.18 1.33
CA ASP A 82 -16.98 1.73 2.14
C ASP A 82 -17.17 0.21 2.00
N ARG A 83 -16.06 -0.51 1.93
CA ARG A 83 -16.11 -1.96 1.81
C ARG A 83 -15.50 -2.64 3.03
N ARG A 84 -15.31 -3.95 2.94
CA ARG A 84 -14.73 -4.72 4.04
C ARG A 84 -13.27 -5.00 3.80
N LEU A 85 -12.40 -4.48 4.68
CA LEU A 85 -10.97 -4.68 4.57
C LEU A 85 -10.50 -4.45 3.13
N VAL A 86 -11.04 -3.40 2.49
CA VAL A 86 -10.67 -3.07 1.13
C VAL A 86 -10.28 -1.59 1.01
N TYR A 87 -9.01 -1.35 0.71
CA TYR A 87 -8.50 0.01 0.57
C TYR A 87 -8.10 0.29 -0.87
N LYS A 88 -7.85 1.56 -1.18
CA LYS A 88 -7.46 1.97 -2.51
C LYS A 88 -6.51 3.16 -2.47
N PHE A 89 -5.41 3.08 -3.23
CA PHE A 89 -4.43 4.15 -3.27
C PHE A 89 -4.98 5.36 -4.02
N GLY A 90 -4.85 6.53 -3.39
CA GLY A 90 -5.34 7.75 -4.00
C GLY A 90 -4.43 8.24 -5.12
N LYS A 91 -4.44 9.54 -5.35
CA LYS A 91 -3.62 10.14 -6.41
C LYS A 91 -2.28 10.61 -5.84
N ASN A 92 -2.21 10.73 -4.52
CA ASN A 92 -0.99 11.17 -3.86
C ASN A 92 0.09 10.10 -3.96
N ALA A 93 -0.32 8.84 -4.10
CA ALA A 93 0.61 7.73 -4.20
C ALA A 93 1.08 7.55 -5.64
N HIS A 94 2.38 7.35 -5.81
CA HIS A 94 2.96 7.16 -7.14
C HIS A 94 3.70 5.83 -7.22
N GLY A 95 3.62 5.18 -8.37
CA GLY A 95 4.29 3.90 -8.55
C GLY A 95 3.35 2.80 -8.99
N TRP A 96 2.15 2.79 -8.41
CA TRP A 96 1.15 1.78 -8.74
C TRP A 96 0.38 2.16 -10.01
N GLN A 97 0.02 3.44 -10.11
CA GLN A 97 -0.71 3.92 -11.27
C GLN A 97 -0.05 3.47 -12.57
N GLU A 98 -0.80 3.55 -13.67
CA GLU A 98 -0.28 3.14 -14.97
C GLU A 98 1.21 3.45 -15.10
N ASP A 99 1.96 2.51 -15.65
CA ASP A 99 3.39 2.69 -15.83
C ASP A 99 3.91 1.84 -16.99
N LYS A 100 5.19 1.97 -17.29
CA LYS A 100 5.80 1.23 -18.38
C LYS A 100 5.62 -0.27 -18.18
N LEU A 101 4.91 -0.91 -19.11
CA LEU A 101 4.67 -2.35 -19.03
C LEU A 101 4.18 -2.89 -20.37
N SER A 102 4.98 -3.77 -20.98
CA SER A 102 4.63 -4.35 -22.26
C SER A 102 3.13 -4.58 -22.37
N GLY A 103 2.56 -5.21 -21.34
CA GLY A 103 1.13 -5.48 -21.33
C GLY A 103 0.77 -6.66 -20.45
N PRO A 104 -0.41 -6.59 -19.82
CA PRO A 104 -0.90 -7.66 -18.94
C PRO A 104 -1.26 -8.92 -19.71
N SER A 105 -1.66 -9.96 -18.97
CA SER A 105 -2.04 -11.22 -19.58
C SER A 105 -3.39 -11.11 -20.28
N SER A 106 -4.32 -10.41 -19.63
CA SER A 106 -5.66 -10.23 -20.18
C SER A 106 -6.45 -9.21 -19.37
N GLY A 107 -6.40 -9.35 -18.04
CA GLY A 107 -7.12 -8.44 -17.17
C GLY A 107 -7.60 -9.12 -15.90
N GLY A 1 13.11 -2.63 -11.71
CA GLY A 1 13.69 -1.44 -12.30
C GLY A 1 14.93 -0.98 -11.57
N SER A 2 14.73 -0.23 -10.49
CA SER A 2 15.84 0.28 -9.69
C SER A 2 15.35 0.90 -8.39
N SER A 3 15.65 0.23 -7.28
CA SER A 3 15.23 0.72 -5.97
C SER A 3 15.76 2.12 -5.71
N GLY A 4 15.33 2.72 -4.60
CA GLY A 4 15.77 4.06 -4.25
C GLY A 4 16.50 4.10 -2.93
N SER A 5 17.78 4.46 -2.97
CA SER A 5 18.60 4.55 -1.77
C SER A 5 18.59 5.96 -1.20
N SER A 6 17.66 6.23 -0.30
CA SER A 6 17.55 7.56 0.31
C SER A 6 16.59 7.52 1.49
N GLY A 7 16.72 6.49 2.32
CA GLY A 7 15.86 6.36 3.49
C GLY A 7 14.39 6.45 3.13
N SER A 8 13.94 5.59 2.24
CA SER A 8 12.55 5.58 1.80
C SER A 8 11.82 4.35 2.34
N SER A 9 10.84 4.58 3.20
CA SER A 9 10.07 3.49 3.79
C SER A 9 8.77 4.01 4.41
N HIS A 10 7.73 4.14 3.58
CA HIS A 10 6.44 4.63 4.04
C HIS A 10 5.40 3.51 4.02
N LEU A 11 4.63 3.40 5.10
CA LEU A 11 3.60 2.38 5.20
C LEU A 11 2.90 2.18 3.85
N TRP A 12 2.24 3.23 3.36
CA TRP A 12 1.54 3.17 2.09
C TRP A 12 2.39 2.49 1.03
N GLU A 13 3.69 2.76 1.06
CA GLU A 13 4.61 2.18 0.09
C GLU A 13 4.86 0.71 0.39
N PHE A 14 4.98 0.38 1.68
CA PHE A 14 5.21 -0.99 2.10
C PHE A 14 4.12 -1.92 1.57
N VAL A 15 2.87 -1.61 1.92
CA VAL A 15 1.74 -2.41 1.49
C VAL A 15 1.63 -2.44 -0.04
N ARG A 16 1.83 -1.28 -0.65
CA ARG A 16 1.76 -1.16 -2.11
C ARG A 16 2.80 -2.06 -2.78
N ASP A 17 4.01 -2.07 -2.23
CA ASP A 17 5.10 -2.89 -2.77
C ASP A 17 4.65 -4.34 -2.91
N LEU A 18 4.12 -4.89 -1.83
CA LEU A 18 3.66 -6.27 -1.82
C LEU A 18 2.87 -6.60 -3.09
N LEU A 19 1.97 -5.69 -3.47
CA LEU A 19 1.17 -5.88 -4.67
C LEU A 19 2.04 -5.99 -5.91
N LEU A 20 3.09 -5.17 -5.96
CA LEU A 20 4.01 -5.19 -7.09
C LEU A 20 5.17 -6.14 -6.84
N SER A 21 5.22 -6.71 -5.64
CA SER A 21 6.28 -7.64 -5.28
C SER A 21 5.69 -8.98 -4.82
N PRO A 22 5.36 -9.83 -5.79
CA PRO A 22 4.78 -11.16 -5.52
C PRO A 22 5.80 -12.11 -4.90
N GLU A 23 7.06 -11.69 -4.87
CA GLU A 23 8.13 -12.51 -4.31
C GLU A 23 8.14 -12.39 -2.79
N GLU A 24 7.67 -11.26 -2.28
CA GLU A 24 7.63 -11.03 -0.84
C GLU A 24 6.21 -11.21 -0.29
N ASN A 25 5.25 -10.62 -0.98
CA ASN A 25 3.85 -10.71 -0.57
C ASN A 25 3.36 -12.16 -0.63
N CYS A 26 2.91 -12.68 0.50
CA CYS A 26 2.41 -14.05 0.58
C CYS A 26 0.93 -14.07 0.93
N GLY A 27 0.09 -13.96 -0.09
CA GLY A 27 -1.35 -13.97 0.13
C GLY A 27 -1.77 -13.00 1.23
N ILE A 28 -1.09 -11.87 1.30
CA ILE A 28 -1.40 -10.85 2.30
C ILE A 28 -2.39 -9.82 1.75
N LEU A 29 -2.34 -9.60 0.45
CA LEU A 29 -3.23 -8.64 -0.20
C LEU A 29 -3.81 -9.22 -1.48
N GLU A 30 -4.68 -8.45 -2.12
CA GLU A 30 -5.31 -8.88 -3.38
C GLU A 30 -5.61 -7.68 -4.28
N TRP A 31 -5.54 -7.91 -5.58
CA TRP A 31 -5.81 -6.85 -6.56
C TRP A 31 -7.26 -6.89 -7.02
N GLU A 32 -8.10 -6.07 -6.39
CA GLU A 32 -9.51 -6.00 -6.73
C GLU A 32 -9.71 -5.28 -8.06
N ASP A 33 -8.90 -4.25 -8.30
CA ASP A 33 -8.99 -3.48 -9.53
C ASP A 33 -7.72 -2.68 -9.76
N ARG A 34 -6.81 -3.22 -10.57
CA ARG A 34 -5.55 -2.55 -10.86
C ARG A 34 -5.79 -1.19 -11.50
N GLU A 35 -6.73 -1.14 -12.45
CA GLU A 35 -7.05 0.11 -13.13
C GLU A 35 -7.42 1.20 -12.13
N GLN A 36 -8.32 0.89 -11.20
CA GLN A 36 -8.75 1.84 -10.20
C GLN A 36 -7.72 1.93 -9.07
N GLY A 37 -6.91 0.89 -8.91
CA GLY A 37 -5.91 0.86 -7.87
C GLY A 37 -6.46 0.40 -6.54
N ILE A 38 -7.49 -0.43 -6.58
CA ILE A 38 -8.10 -0.96 -5.37
C ILE A 38 -7.48 -2.28 -4.96
N PHE A 39 -7.18 -2.42 -3.67
CA PHE A 39 -6.58 -3.64 -3.15
C PHE A 39 -7.23 -4.05 -1.83
N ARG A 40 -7.25 -5.36 -1.56
CA ARG A 40 -7.84 -5.88 -0.34
C ARG A 40 -6.77 -6.46 0.58
N VAL A 41 -7.00 -6.35 1.88
CA VAL A 41 -6.05 -6.87 2.87
C VAL A 41 -6.44 -8.29 3.30
N VAL A 42 -6.06 -9.27 2.49
CA VAL A 42 -6.36 -10.66 2.80
C VAL A 42 -5.98 -11.02 4.23
N LYS A 43 -4.75 -10.65 4.62
CA LYS A 43 -4.26 -10.92 5.97
C LYS A 43 -3.98 -9.62 6.71
N SER A 44 -4.83 -9.30 7.68
CA SER A 44 -4.67 -8.08 8.46
C SER A 44 -3.58 -8.25 9.51
N GLU A 45 -3.33 -9.50 9.90
CA GLU A 45 -2.30 -9.79 10.90
C GLU A 45 -0.91 -9.81 10.26
N ALA A 46 -0.79 -10.49 9.12
CA ALA A 46 0.49 -10.57 8.42
C ALA A 46 0.92 -9.21 7.90
N LEU A 47 -0.03 -8.43 7.41
CA LEU A 47 0.25 -7.10 6.89
C LEU A 47 0.95 -6.24 7.93
N ALA A 48 0.34 -6.14 9.11
CA ALA A 48 0.90 -5.35 10.19
C ALA A 48 2.21 -5.96 10.69
N LYS A 49 2.22 -7.27 10.85
CA LYS A 49 3.41 -7.98 11.32
C LYS A 49 4.62 -7.66 10.44
N MET A 50 4.41 -7.73 9.12
CA MET A 50 5.48 -7.46 8.16
C MET A 50 5.86 -5.98 8.19
N TRP A 51 4.86 -5.12 8.37
CA TRP A 51 5.09 -3.68 8.41
C TRP A 51 5.95 -3.30 9.60
N GLY A 52 5.57 -3.80 10.78
CA GLY A 52 6.32 -3.51 11.99
C GLY A 52 7.81 -3.77 11.82
N GLN A 53 8.15 -4.92 11.25
CA GLN A 53 9.54 -5.30 11.04
C GLN A 53 10.31 -4.18 10.33
N ARG A 54 9.61 -3.46 9.46
CA ARG A 54 10.23 -2.37 8.71
C ARG A 54 10.48 -1.17 9.62
N LYS A 55 9.58 -0.95 10.57
CA LYS A 55 9.70 0.16 11.50
C LYS A 55 10.29 -0.31 12.82
N LYS A 56 10.76 -1.55 12.85
CA LYS A 56 11.36 -2.12 14.06
C LYS A 56 10.39 -2.02 15.24
N ASN A 57 9.09 -2.04 14.93
CA ASN A 57 8.06 -1.95 15.97
C ASN A 57 7.54 -3.34 16.33
N ASP A 58 8.25 -4.01 17.23
CA ASP A 58 7.85 -5.35 17.67
C ASP A 58 6.40 -5.36 18.14
N ARG A 59 5.88 -4.17 18.45
CA ARG A 59 4.50 -4.05 18.91
C ARG A 59 3.59 -3.55 17.80
N MET A 60 3.93 -3.91 16.57
CA MET A 60 3.14 -3.50 15.41
C MET A 60 1.92 -4.40 15.23
N THR A 61 0.76 -3.79 15.03
CA THR A 61 -0.47 -4.55 14.84
C THR A 61 -1.44 -3.79 13.95
N TYR A 62 -2.21 -4.53 13.15
CA TYR A 62 -3.19 -3.94 12.25
C TYR A 62 -3.91 -2.76 12.93
N GLU A 63 -4.28 -2.95 14.19
CA GLU A 63 -4.96 -1.91 14.94
C GLU A 63 -4.22 -0.59 14.85
N LYS A 64 -2.90 -0.65 14.98
CA LYS A 64 -2.07 0.55 14.90
C LYS A 64 -1.76 0.92 13.46
N LEU A 65 -1.44 -0.10 12.66
CA LEU A 65 -1.12 0.12 11.24
C LEU A 65 -2.24 0.89 10.54
N SER A 66 -3.47 0.61 10.95
CA SER A 66 -4.63 1.27 10.35
C SER A 66 -4.54 2.79 10.54
N ARG A 67 -4.02 3.21 11.69
CA ARG A 67 -3.88 4.63 11.99
C ARG A 67 -3.37 5.39 10.78
N ALA A 68 -2.35 4.84 10.12
CA ALA A 68 -1.77 5.47 8.95
C ALA A 68 -2.69 5.36 7.74
N LEU A 69 -3.43 4.25 7.67
CA LEU A 69 -4.36 4.03 6.56
C LEU A 69 -5.47 5.07 6.58
N ARG A 70 -5.92 5.44 7.77
CA ARG A 70 -6.98 6.43 7.91
C ARG A 70 -6.42 7.84 7.93
N TYR A 71 -5.12 7.96 8.21
CA TYR A 71 -4.45 9.25 8.26
C TYR A 71 -4.02 9.70 6.87
N TYR A 72 -4.00 8.75 5.93
CA TYR A 72 -3.61 9.05 4.56
C TYR A 72 -4.74 9.74 3.81
N TYR A 73 -5.96 9.56 4.29
CA TYR A 73 -7.13 10.16 3.67
C TYR A 73 -7.06 11.69 3.75
N LYS A 74 -6.21 12.19 4.63
CA LYS A 74 -6.05 13.63 4.82
C LYS A 74 -5.16 14.22 3.74
N THR A 75 -4.09 13.49 3.40
CA THR A 75 -3.16 13.94 2.38
C THR A 75 -3.61 13.50 0.99
N GLY A 76 -4.37 12.42 0.93
CA GLY A 76 -4.86 11.92 -0.34
C GLY A 76 -4.21 10.61 -0.74
N ILE A 77 -3.08 10.30 -0.11
CA ILE A 77 -2.36 9.06 -0.40
C ILE A 77 -3.32 7.90 -0.59
N LEU A 78 -4.28 7.77 0.33
CA LEU A 78 -5.26 6.70 0.25
C LEU A 78 -6.65 7.26 -0.04
N GLU A 79 -7.59 6.36 -0.35
CA GLU A 79 -8.96 6.76 -0.65
C GLU A 79 -9.96 5.94 0.15
N ARG A 80 -10.66 6.60 1.07
CA ARG A 80 -11.65 5.92 1.91
C ARG A 80 -12.60 5.10 1.06
N VAL A 81 -12.77 3.83 1.42
CA VAL A 81 -13.66 2.93 0.69
C VAL A 81 -14.82 2.48 1.57
N ASP A 82 -15.95 2.18 0.93
CA ASP A 82 -17.13 1.72 1.65
C ASP A 82 -17.17 0.20 1.75
N ARG A 83 -16.00 -0.40 1.87
CA ARG A 83 -15.89 -1.86 1.98
C ARG A 83 -15.03 -2.26 3.17
N ARG A 84 -15.07 -3.54 3.52
CA ARG A 84 -14.30 -4.04 4.64
C ARG A 84 -12.94 -4.56 4.17
N LEU A 85 -11.89 -4.23 4.92
CA LEU A 85 -10.54 -4.66 4.59
C LEU A 85 -10.24 -4.39 3.12
N VAL A 86 -10.89 -3.38 2.55
CA VAL A 86 -10.68 -3.02 1.16
C VAL A 86 -10.27 -1.55 1.03
N TYR A 87 -9.00 -1.32 0.76
CA TYR A 87 -8.48 0.04 0.62
C TYR A 87 -8.11 0.32 -0.84
N LYS A 88 -7.84 1.60 -1.14
CA LYS A 88 -7.47 2.00 -2.49
C LYS A 88 -6.54 3.20 -2.45
N PHE A 89 -5.52 3.19 -3.32
CA PHE A 89 -4.57 4.28 -3.39
C PHE A 89 -5.14 5.46 -4.15
N GLY A 90 -4.98 6.66 -3.60
CA GLY A 90 -5.50 7.85 -4.24
C GLY A 90 -4.57 8.38 -5.31
N LYS A 91 -4.56 9.69 -5.50
CA LYS A 91 -3.71 10.32 -6.50
C LYS A 91 -2.38 10.75 -5.90
N ASN A 92 -2.37 10.98 -4.59
CA ASN A 92 -1.17 11.40 -3.90
C ASN A 92 -0.08 10.33 -4.00
N ALA A 93 -0.50 9.08 -4.12
CA ALA A 93 0.44 7.96 -4.24
C ALA A 93 0.91 7.79 -5.68
N HIS A 94 2.04 7.11 -5.85
CA HIS A 94 2.60 6.88 -7.18
C HIS A 94 3.33 5.54 -7.23
N GLY A 95 3.70 5.13 -8.44
CA GLY A 95 4.41 3.87 -8.61
C GLY A 95 3.49 2.76 -9.09
N TRP A 96 2.31 2.67 -8.50
CA TRP A 96 1.34 1.64 -8.88
C TRP A 96 0.57 2.05 -10.14
N GLN A 97 0.20 3.32 -10.20
CA GLN A 97 -0.54 3.84 -11.34
C GLN A 97 0.18 3.51 -12.65
N GLU A 98 -0.58 3.44 -13.74
CA GLU A 98 -0.01 3.13 -15.05
C GLU A 98 -0.24 4.28 -16.03
N ASP A 99 0.54 4.31 -17.09
CA ASP A 99 0.42 5.35 -18.11
C ASP A 99 -0.96 5.33 -18.74
N LYS A 100 -1.34 6.44 -19.38
CA LYS A 100 -2.63 6.55 -20.02
C LYS A 100 -2.57 6.08 -21.47
N LEU A 101 -3.71 6.06 -22.13
CA LEU A 101 -3.78 5.63 -23.53
C LEU A 101 -3.99 6.83 -24.46
N SER A 102 -2.94 7.23 -25.15
CA SER A 102 -3.01 8.35 -26.07
C SER A 102 -2.78 7.90 -27.50
N GLY A 103 -1.59 7.36 -27.75
CA GLY A 103 -1.26 6.88 -29.10
C GLY A 103 -2.25 5.87 -29.61
N PRO A 104 -1.92 5.23 -30.74
CA PRO A 104 -2.79 4.22 -31.37
C PRO A 104 -2.86 2.93 -30.54
N SER A 105 -3.60 1.96 -31.06
CA SER A 105 -3.76 0.68 -30.37
C SER A 105 -4.63 -0.27 -31.19
N SER A 106 -5.83 0.16 -31.53
CA SER A 106 -6.75 -0.66 -32.32
C SER A 106 -6.70 -2.12 -31.86
N GLY A 107 -6.66 -2.32 -30.55
CA GLY A 107 -6.62 -3.66 -30.01
C GLY A 107 -7.95 -4.36 -30.08
N GLY A 1 20.27 -1.71 -10.26
CA GLY A 1 20.29 -1.78 -8.81
C GLY A 1 19.48 -0.66 -8.17
N SER A 2 19.58 -0.54 -6.85
CA SER A 2 18.84 0.48 -6.12
C SER A 2 19.25 0.48 -4.64
N SER A 3 19.31 1.68 -4.06
CA SER A 3 19.69 1.83 -2.66
C SER A 3 18.82 2.86 -1.97
N GLY A 4 19.00 3.02 -0.67
CA GLY A 4 18.23 3.98 0.10
C GLY A 4 17.42 3.34 1.21
N SER A 5 16.13 3.62 1.24
CA SER A 5 15.26 3.07 2.26
C SER A 5 15.74 3.45 3.66
N SER A 6 16.18 4.71 3.80
CA SER A 6 16.67 5.20 5.09
C SER A 6 16.10 6.58 5.38
N GLY A 7 15.83 6.84 6.65
CA GLY A 7 15.29 8.13 7.05
C GLY A 7 13.83 8.05 7.44
N SER A 8 12.95 8.41 6.50
CA SER A 8 11.51 8.38 6.75
C SER A 8 10.79 7.55 5.69
N SER A 9 10.31 6.38 6.09
CA SER A 9 9.61 5.49 5.18
C SER A 9 8.11 5.77 5.19
N HIS A 10 7.39 5.18 4.24
CA HIS A 10 5.94 5.37 4.15
C HIS A 10 5.23 4.03 4.03
N LEU A 11 4.25 3.81 4.92
CA LEU A 11 3.49 2.57 4.92
C LEU A 11 2.84 2.33 3.56
N TRP A 12 2.06 3.29 3.11
CA TRP A 12 1.38 3.19 1.82
C TRP A 12 2.28 2.56 0.78
N GLU A 13 3.56 2.92 0.80
CA GLU A 13 4.54 2.39 -0.14
C GLU A 13 4.87 0.93 0.18
N PHE A 14 5.03 0.64 1.46
CA PHE A 14 5.35 -0.70 1.91
C PHE A 14 4.29 -1.70 1.43
N VAL A 15 3.04 -1.46 1.84
CA VAL A 15 1.94 -2.34 1.47
C VAL A 15 1.80 -2.43 -0.04
N ARG A 16 1.94 -1.30 -0.72
CA ARG A 16 1.84 -1.24 -2.17
C ARG A 16 2.94 -2.08 -2.82
N ASP A 17 4.14 -1.98 -2.27
CA ASP A 17 5.29 -2.72 -2.79
C ASP A 17 5.03 -4.22 -2.77
N LEU A 18 4.29 -4.68 -1.76
CA LEU A 18 3.97 -6.08 -1.63
C LEU A 18 3.17 -6.58 -2.82
N LEU A 19 2.21 -5.77 -3.27
CA LEU A 19 1.38 -6.12 -4.41
C LEU A 19 2.22 -6.29 -5.68
N LEU A 20 3.20 -5.40 -5.85
CA LEU A 20 4.08 -5.46 -7.01
C LEU A 20 5.19 -6.48 -6.80
N SER A 21 5.31 -6.99 -5.58
CA SER A 21 6.33 -7.98 -5.26
C SER A 21 5.68 -9.26 -4.74
N PRO A 22 5.21 -10.10 -5.67
CA PRO A 22 4.57 -11.37 -5.34
C PRO A 22 5.56 -12.39 -4.78
N GLU A 23 6.84 -12.05 -4.82
CA GLU A 23 7.89 -12.93 -4.33
C GLU A 23 8.04 -12.81 -2.82
N GLU A 24 7.71 -11.63 -2.29
CA GLU A 24 7.81 -11.38 -0.86
C GLU A 24 6.45 -11.50 -0.18
N ASN A 25 5.42 -11.01 -0.86
CA ASN A 25 4.06 -11.06 -0.33
C ASN A 25 3.49 -12.47 -0.43
N CYS A 26 2.91 -12.95 0.66
CA CYS A 26 2.32 -14.28 0.70
C CYS A 26 0.82 -14.22 0.93
N GLY A 27 0.06 -14.04 -0.15
CA GLY A 27 -1.38 -13.95 -0.05
C GLY A 27 -1.83 -12.99 1.03
N ILE A 28 -1.09 -11.90 1.19
CA ILE A 28 -1.41 -10.89 2.19
C ILE A 28 -2.39 -9.86 1.63
N LEU A 29 -2.30 -9.60 0.33
CA LEU A 29 -3.17 -8.64 -0.33
C LEU A 29 -3.63 -9.16 -1.69
N GLU A 30 -4.56 -8.44 -2.30
CA GLU A 30 -5.08 -8.82 -3.61
C GLU A 30 -5.42 -7.60 -4.44
N TRP A 31 -5.30 -7.72 -5.76
CA TRP A 31 -5.59 -6.62 -6.66
C TRP A 31 -7.06 -6.63 -7.09
N GLU A 32 -7.86 -5.82 -6.40
CA GLU A 32 -9.29 -5.74 -6.70
C GLU A 32 -9.53 -4.99 -8.01
N ASP A 33 -8.62 -4.08 -8.34
CA ASP A 33 -8.73 -3.30 -9.57
C ASP A 33 -7.45 -2.51 -9.83
N ARG A 34 -6.67 -2.99 -10.80
CA ARG A 34 -5.41 -2.35 -11.15
C ARG A 34 -5.66 -0.97 -11.78
N GLU A 35 -6.69 -0.89 -12.61
CA GLU A 35 -7.04 0.37 -13.26
C GLU A 35 -7.35 1.45 -12.24
N GLN A 36 -8.27 1.16 -11.33
CA GLN A 36 -8.67 2.12 -10.30
C GLN A 36 -7.62 2.18 -9.20
N GLY A 37 -6.93 1.06 -8.97
CA GLY A 37 -5.91 1.01 -7.94
C GLY A 37 -6.45 0.53 -6.62
N ILE A 38 -7.49 -0.30 -6.66
CA ILE A 38 -8.10 -0.84 -5.45
C ILE A 38 -7.47 -2.18 -5.07
N PHE A 39 -7.32 -2.40 -3.78
CA PHE A 39 -6.72 -3.64 -3.27
C PHE A 39 -7.34 -4.04 -1.94
N ARG A 40 -7.32 -5.33 -1.64
CA ARG A 40 -7.88 -5.84 -0.40
C ARG A 40 -6.80 -6.48 0.46
N VAL A 41 -6.97 -6.41 1.78
CA VAL A 41 -6.01 -6.99 2.71
C VAL A 41 -6.43 -8.39 3.14
N VAL A 42 -6.03 -9.39 2.36
CA VAL A 42 -6.37 -10.78 2.66
C VAL A 42 -5.94 -11.15 4.07
N LYS A 43 -4.72 -10.75 4.44
CA LYS A 43 -4.19 -11.05 5.77
C LYS A 43 -3.90 -9.76 6.53
N SER A 44 -4.86 -9.31 7.33
CA SER A 44 -4.70 -8.09 8.11
C SER A 44 -3.67 -8.28 9.21
N GLU A 45 -3.48 -9.53 9.64
CA GLU A 45 -2.52 -9.84 10.68
C GLU A 45 -1.11 -9.87 10.12
N ALA A 46 -0.96 -10.40 8.91
CA ALA A 46 0.34 -10.49 8.27
C ALA A 46 0.80 -9.13 7.76
N LEU A 47 -0.15 -8.34 7.26
CA LEU A 47 0.14 -7.02 6.74
C LEU A 47 0.85 -6.16 7.78
N ALA A 48 0.26 -6.09 8.98
CA ALA A 48 0.83 -5.31 10.07
C ALA A 48 2.12 -5.95 10.58
N LYS A 49 2.07 -7.24 10.86
CA LYS A 49 3.23 -7.97 11.35
C LYS A 49 4.46 -7.66 10.51
N MET A 50 4.30 -7.71 9.19
CA MET A 50 5.40 -7.43 8.28
C MET A 50 5.81 -5.97 8.34
N TRP A 51 4.82 -5.08 8.33
CA TRP A 51 5.08 -3.65 8.39
C TRP A 51 5.99 -3.31 9.57
N GLY A 52 5.56 -3.70 10.77
CA GLY A 52 6.34 -3.43 11.95
C GLY A 52 7.78 -3.85 11.81
N GLN A 53 8.00 -5.01 11.18
CA GLN A 53 9.34 -5.53 10.98
C GLN A 53 10.23 -4.50 10.28
N ARG A 54 9.64 -3.73 9.37
CA ARG A 54 10.38 -2.71 8.64
C ARG A 54 10.74 -1.55 9.55
N LYS A 55 9.86 -1.23 10.48
CA LYS A 55 10.09 -0.14 11.42
C LYS A 55 10.70 -0.65 12.72
N LYS A 56 11.01 -1.94 12.75
CA LYS A 56 11.62 -2.56 13.93
C LYS A 56 10.90 -2.10 15.20
N ASN A 57 9.58 -2.18 15.20
CA ASN A 57 8.77 -1.77 16.34
C ASN A 57 8.48 -2.97 17.24
N ASP A 58 8.05 -4.07 16.63
CA ASP A 58 7.73 -5.28 17.38
C ASP A 58 6.31 -5.22 17.94
N ARG A 59 5.88 -4.01 18.31
CA ARG A 59 4.55 -3.82 18.86
C ARG A 59 3.58 -3.36 17.78
N MET A 60 3.91 -3.65 16.53
CA MET A 60 3.07 -3.27 15.40
C MET A 60 1.84 -4.17 15.30
N THR A 61 0.72 -3.60 14.89
CA THR A 61 -0.52 -4.36 14.75
C THR A 61 -1.56 -3.58 13.95
N TYR A 62 -2.30 -4.29 13.11
CA TYR A 62 -3.32 -3.66 12.28
C TYR A 62 -4.04 -2.55 13.04
N GLU A 63 -4.35 -2.82 14.31
CA GLU A 63 -5.03 -1.83 15.15
C GLU A 63 -4.31 -0.49 15.11
N LYS A 64 -2.98 -0.53 15.26
CA LYS A 64 -2.18 0.68 15.24
C LYS A 64 -1.88 1.12 13.81
N LEU A 65 -1.52 0.16 12.96
CA LEU A 65 -1.21 0.44 11.57
C LEU A 65 -2.34 1.25 10.92
N SER A 66 -3.57 0.81 11.12
CA SER A 66 -4.73 1.49 10.56
C SER A 66 -4.60 3.00 10.72
N ARG A 67 -4.06 3.42 11.85
CA ARG A 67 -3.88 4.84 12.14
C ARG A 67 -3.37 5.58 10.91
N ALA A 68 -2.44 4.96 10.19
CA ALA A 68 -1.87 5.56 8.99
C ALA A 68 -2.83 5.43 7.81
N LEU A 69 -3.56 4.33 7.76
CA LEU A 69 -4.51 4.08 6.68
C LEU A 69 -5.62 5.13 6.68
N ARG A 70 -5.98 5.59 7.87
CA ARG A 70 -7.02 6.60 8.01
C ARG A 70 -6.44 8.01 7.95
N TYR A 71 -5.16 8.12 8.28
CA TYR A 71 -4.47 9.41 8.28
C TYR A 71 -4.04 9.79 6.86
N TYR A 72 -4.08 8.82 5.96
CA TYR A 72 -3.69 9.04 4.57
C TYR A 72 -4.79 9.78 3.81
N TYR A 73 -6.04 9.61 4.25
CA TYR A 73 -7.17 10.25 3.62
C TYR A 73 -7.04 11.77 3.68
N LYS A 74 -6.19 12.24 4.59
CA LYS A 74 -5.97 13.68 4.75
C LYS A 74 -5.03 14.22 3.67
N THR A 75 -4.11 13.38 3.22
CA THR A 75 -3.16 13.76 2.18
C THR A 75 -3.58 13.20 0.82
N GLY A 76 -4.60 12.36 0.82
CA GLY A 76 -5.07 11.77 -0.42
C GLY A 76 -4.39 10.45 -0.72
N ILE A 77 -3.25 10.20 -0.08
CA ILE A 77 -2.50 8.98 -0.29
C ILE A 77 -3.43 7.78 -0.45
N LEU A 78 -4.42 7.69 0.42
CA LEU A 78 -5.40 6.61 0.38
C LEU A 78 -6.79 7.12 0.03
N GLU A 79 -7.67 6.22 -0.39
CA GLU A 79 -9.03 6.58 -0.75
C GLU A 79 -10.03 5.89 0.18
N ARG A 80 -10.79 6.70 0.91
CA ARG A 80 -11.79 6.18 1.85
C ARG A 80 -12.64 5.10 1.17
N VAL A 81 -12.71 3.94 1.80
CA VAL A 81 -13.50 2.83 1.27
C VAL A 81 -14.60 2.42 2.23
N ASP A 82 -15.76 2.10 1.68
CA ASP A 82 -16.91 1.68 2.50
C ASP A 82 -17.10 0.17 2.45
N ARG A 83 -15.99 -0.56 2.34
CA ARG A 83 -16.02 -2.01 2.28
C ARG A 83 -15.27 -2.62 3.46
N ARG A 84 -15.10 -3.94 3.43
CA ARG A 84 -14.40 -4.64 4.50
C ARG A 84 -12.98 -5.01 4.07
N LEU A 85 -11.99 -4.48 4.78
CA LEU A 85 -10.59 -4.75 4.47
C LEU A 85 -10.29 -4.42 3.01
N VAL A 86 -11.04 -3.47 2.46
CA VAL A 86 -10.84 -3.06 1.07
C VAL A 86 -10.39 -1.60 0.99
N TYR A 87 -9.12 -1.41 0.65
CA TYR A 87 -8.55 -0.07 0.53
C TYR A 87 -8.20 0.25 -0.91
N LYS A 88 -7.87 1.52 -1.17
CA LYS A 88 -7.50 1.95 -2.51
C LYS A 88 -6.57 3.16 -2.45
N PHE A 89 -5.51 3.12 -3.25
CA PHE A 89 -4.54 4.20 -3.29
C PHE A 89 -5.09 5.41 -4.05
N GLY A 90 -4.98 6.58 -3.44
CA GLY A 90 -5.48 7.79 -4.08
C GLY A 90 -4.56 8.29 -5.18
N LYS A 91 -4.60 9.60 -5.43
CA LYS A 91 -3.76 10.20 -6.46
C LYS A 91 -2.40 10.60 -5.89
N ASN A 92 -2.37 10.88 -4.60
CA ASN A 92 -1.13 11.27 -3.93
C ASN A 92 -0.08 10.16 -4.04
N ALA A 93 -0.55 8.92 -4.05
CA ALA A 93 0.35 7.78 -4.14
C ALA A 93 0.97 7.68 -5.54
N HIS A 94 1.89 6.73 -5.70
CA HIS A 94 2.55 6.53 -6.98
C HIS A 94 3.24 5.17 -7.04
N GLY A 95 3.66 4.77 -8.23
CA GLY A 95 4.32 3.49 -8.40
C GLY A 95 3.41 2.42 -8.97
N TRP A 96 2.17 2.39 -8.50
CA TRP A 96 1.19 1.42 -8.97
C TRP A 96 0.53 1.89 -10.26
N GLN A 97 0.25 3.19 -10.34
CA GLN A 97 -0.38 3.76 -11.52
C GLN A 97 0.44 3.49 -12.77
N GLU A 98 -0.18 3.62 -13.93
CA GLU A 98 0.50 3.38 -15.20
C GLU A 98 -0.23 4.07 -16.35
N ASP A 99 0.53 4.76 -17.18
CA ASP A 99 -0.04 5.48 -18.32
C ASP A 99 0.80 5.25 -19.58
N LYS A 100 0.23 5.57 -20.73
CA LYS A 100 0.92 5.41 -22.00
C LYS A 100 1.43 6.75 -22.52
N LEU A 101 2.29 6.71 -23.54
CA LEU A 101 2.86 7.92 -24.12
C LEU A 101 1.77 8.76 -24.78
N SER A 102 1.69 10.03 -24.40
CA SER A 102 0.69 10.93 -24.96
C SER A 102 -0.70 10.33 -24.88
N GLY A 103 -1.31 10.42 -23.71
CA GLY A 103 -2.64 9.88 -23.51
C GLY A 103 -3.70 10.62 -24.32
N PRO A 104 -4.93 10.11 -24.30
CA PRO A 104 -6.05 10.72 -25.03
C PRO A 104 -6.49 12.03 -24.41
N SER A 105 -6.34 12.15 -23.09
CA SER A 105 -6.73 13.36 -22.38
C SER A 105 -5.77 13.64 -21.22
N SER A 106 -5.56 12.63 -20.39
CA SER A 106 -4.66 12.76 -19.24
C SER A 106 -3.21 12.55 -19.65
N GLY A 107 -2.29 13.08 -18.85
CA GLY A 107 -0.88 12.93 -19.15
C GLY A 107 -0.25 14.24 -19.60
N GLY A 1 15.55 -5.37 -9.56
CA GLY A 1 16.47 -5.34 -8.44
C GLY A 1 15.75 -5.23 -7.11
N SER A 2 16.33 -5.83 -6.08
CA SER A 2 15.75 -5.81 -4.74
C SER A 2 16.60 -4.96 -3.79
N SER A 3 16.26 -3.68 -3.69
CA SER A 3 16.98 -2.76 -2.82
C SER A 3 16.02 -1.94 -1.98
N GLY A 4 16.12 -2.10 -0.66
CA GLY A 4 15.25 -1.36 0.25
C GLY A 4 16.03 -0.46 1.18
N SER A 5 16.89 0.37 0.61
CA SER A 5 17.70 1.29 1.41
C SER A 5 18.00 2.56 0.63
N SER A 6 17.12 3.55 0.75
CA SER A 6 17.29 4.82 0.05
C SER A 6 16.34 5.88 0.62
N GLY A 7 15.06 5.53 0.73
CA GLY A 7 14.08 6.45 1.25
C GLY A 7 12.79 5.76 1.67
N SER A 8 12.92 4.57 2.24
CA SER A 8 11.76 3.81 2.67
C SER A 8 11.32 4.23 4.07
N SER A 9 10.25 5.03 4.13
CA SER A 9 9.74 5.51 5.40
C SER A 9 8.26 5.85 5.29
N HIS A 10 7.54 5.07 4.49
CA HIS A 10 6.10 5.28 4.29
C HIS A 10 5.37 3.95 4.16
N LEU A 11 4.29 3.80 4.92
CA LEU A 11 3.50 2.58 4.89
C LEU A 11 2.91 2.35 3.50
N TRP A 12 2.20 3.35 2.99
CA TRP A 12 1.58 3.26 1.67
C TRP A 12 2.53 2.62 0.66
N GLU A 13 3.83 2.81 0.89
CA GLU A 13 4.84 2.26 0.00
C GLU A 13 5.14 0.80 0.35
N PHE A 14 5.10 0.51 1.65
CA PHE A 14 5.38 -0.85 2.13
C PHE A 14 4.30 -1.82 1.65
N VAL A 15 3.04 -1.42 1.84
CA VAL A 15 1.91 -2.26 1.45
C VAL A 15 1.77 -2.30 -0.07
N ARG A 16 2.05 -1.16 -0.72
CA ARG A 16 1.95 -1.06 -2.17
C ARG A 16 2.93 -2.02 -2.85
N ASP A 17 4.16 -2.06 -2.32
CA ASP A 17 5.18 -2.93 -2.87
C ASP A 17 4.70 -4.38 -2.96
N LEU A 18 4.23 -4.91 -1.83
CA LEU A 18 3.73 -6.28 -1.79
C LEU A 18 2.85 -6.58 -3.01
N LEU A 19 1.99 -5.64 -3.35
CA LEU A 19 1.10 -5.81 -4.50
C LEU A 19 1.90 -5.97 -5.79
N LEU A 20 3.02 -5.24 -5.88
CA LEU A 20 3.87 -5.30 -7.06
C LEU A 20 5.03 -6.26 -6.84
N SER A 21 5.12 -6.82 -5.64
CA SER A 21 6.18 -7.76 -5.31
C SER A 21 5.61 -9.11 -4.87
N PRO A 22 5.24 -9.95 -5.85
CA PRO A 22 4.67 -11.27 -5.58
C PRO A 22 5.70 -12.24 -5.01
N GLU A 23 6.94 -11.77 -4.90
CA GLU A 23 8.02 -12.61 -4.37
C GLU A 23 8.11 -12.47 -2.85
N GLU A 24 7.67 -11.32 -2.33
CA GLU A 24 7.71 -11.07 -0.90
C GLU A 24 6.31 -11.21 -0.29
N ASN A 25 5.33 -10.64 -0.96
CA ASN A 25 3.94 -10.70 -0.49
C ASN A 25 3.42 -12.14 -0.51
N CYS A 26 2.95 -12.60 0.64
CA CYS A 26 2.43 -13.96 0.75
C CYS A 26 0.94 -13.94 1.05
N GLY A 27 0.12 -13.86 0.00
CA GLY A 27 -1.32 -13.83 0.17
C GLY A 27 -1.75 -12.85 1.23
N ILE A 28 -0.97 -11.79 1.42
CA ILE A 28 -1.28 -10.77 2.40
C ILE A 28 -2.25 -9.73 1.84
N LEU A 29 -2.19 -9.53 0.54
CA LEU A 29 -3.06 -8.58 -0.13
C LEU A 29 -3.58 -9.13 -1.46
N GLU A 30 -4.50 -8.40 -2.08
CA GLU A 30 -5.07 -8.83 -3.35
C GLU A 30 -5.41 -7.62 -4.22
N TRP A 31 -5.30 -7.79 -5.53
CA TRP A 31 -5.60 -6.70 -6.47
C TRP A 31 -7.06 -6.75 -6.90
N GLU A 32 -7.87 -5.88 -6.31
CA GLU A 32 -9.29 -5.83 -6.63
C GLU A 32 -9.52 -5.18 -8.00
N ASP A 33 -8.72 -4.15 -8.30
CA ASP A 33 -8.83 -3.45 -9.56
C ASP A 33 -7.53 -2.71 -9.89
N ARG A 34 -6.77 -3.26 -10.81
CA ARG A 34 -5.50 -2.66 -11.22
C ARG A 34 -5.72 -1.27 -11.82
N GLU A 35 -6.92 -1.06 -12.35
CA GLU A 35 -7.26 0.23 -12.97
C GLU A 35 -7.56 1.27 -11.90
N GLN A 36 -8.45 0.93 -10.98
CA GLN A 36 -8.83 1.85 -9.91
C GLN A 36 -7.77 1.85 -8.80
N GLY A 37 -6.89 0.86 -8.83
CA GLY A 37 -5.84 0.78 -7.82
C GLY A 37 -6.36 0.30 -6.49
N ILE A 38 -7.50 -0.38 -6.49
CA ILE A 38 -8.11 -0.89 -5.27
C ILE A 38 -7.50 -2.24 -4.88
N PHE A 39 -7.12 -2.36 -3.62
CA PHE A 39 -6.53 -3.60 -3.12
C PHE A 39 -7.22 -4.05 -1.82
N ARG A 40 -7.14 -5.34 -1.55
CA ARG A 40 -7.76 -5.90 -0.35
C ARG A 40 -6.70 -6.48 0.58
N VAL A 41 -7.02 -6.55 1.87
CA VAL A 41 -6.10 -7.08 2.86
C VAL A 41 -6.49 -8.50 3.26
N VAL A 42 -6.04 -9.47 2.46
CA VAL A 42 -6.34 -10.88 2.73
C VAL A 42 -5.95 -11.26 4.15
N LYS A 43 -4.73 -10.92 4.53
CA LYS A 43 -4.23 -11.22 5.87
C LYS A 43 -3.96 -9.94 6.66
N SER A 44 -5.00 -9.44 7.34
CA SER A 44 -4.88 -8.23 8.13
C SER A 44 -3.89 -8.42 9.27
N GLU A 45 -3.48 -9.66 9.50
CA GLU A 45 -2.54 -9.98 10.56
C GLU A 45 -1.10 -9.97 10.03
N ALA A 46 -0.89 -10.63 8.89
CA ALA A 46 0.43 -10.69 8.29
C ALA A 46 0.84 -9.34 7.71
N LEU A 47 -0.16 -8.52 7.38
CA LEU A 47 0.09 -7.20 6.81
C LEU A 47 0.80 -6.31 7.82
N ALA A 48 0.32 -6.32 9.05
CA ALA A 48 0.91 -5.51 10.11
C ALA A 48 2.20 -6.12 10.62
N LYS A 49 2.18 -7.43 10.86
CA LYS A 49 3.36 -8.13 11.34
C LYS A 49 4.58 -7.83 10.47
N MET A 50 4.37 -7.86 9.16
CA MET A 50 5.46 -7.58 8.22
C MET A 50 5.87 -6.12 8.28
N TRP A 51 4.89 -5.23 8.24
CA TRP A 51 5.15 -3.79 8.29
C TRP A 51 6.02 -3.45 9.49
N GLY A 52 5.56 -3.83 10.68
CA GLY A 52 6.31 -3.55 11.90
C GLY A 52 7.78 -3.92 11.77
N GLN A 53 8.04 -5.08 11.17
CA GLN A 53 9.42 -5.55 10.99
C GLN A 53 10.26 -4.51 10.27
N ARG A 54 9.63 -3.73 9.40
CA ARG A 54 10.32 -2.69 8.65
C ARG A 54 10.54 -1.46 9.51
N LYS A 55 9.59 -1.17 10.39
CA LYS A 55 9.69 -0.02 11.28
C LYS A 55 10.26 -0.42 12.64
N LYS A 56 10.68 -1.68 12.75
CA LYS A 56 11.24 -2.19 13.99
C LYS A 56 10.25 -2.03 15.14
N ASN A 57 8.97 -2.11 14.83
CA ASN A 57 7.92 -1.98 15.83
C ASN A 57 7.38 -3.34 16.24
N ASP A 58 8.09 -4.00 17.16
CA ASP A 58 7.68 -5.31 17.63
C ASP A 58 6.22 -5.29 18.09
N ARG A 59 5.72 -4.11 18.41
CA ARG A 59 4.35 -3.96 18.87
C ARG A 59 3.44 -3.48 17.73
N MET A 60 3.82 -3.82 16.50
CA MET A 60 3.05 -3.41 15.33
C MET A 60 1.84 -4.32 15.14
N THR A 61 0.68 -3.70 14.94
CA THR A 61 -0.56 -4.44 14.75
C THR A 61 -1.54 -3.67 13.88
N TYR A 62 -2.30 -4.40 13.07
CA TYR A 62 -3.28 -3.78 12.18
C TYR A 62 -4.04 -2.66 12.89
N GLU A 63 -4.29 -2.85 14.17
CA GLU A 63 -5.00 -1.86 14.97
C GLU A 63 -4.27 -0.51 14.94
N LYS A 64 -2.95 -0.56 15.03
CA LYS A 64 -2.13 0.64 15.02
C LYS A 64 -1.80 1.06 13.60
N LEU A 65 -1.50 0.07 12.75
CA LEU A 65 -1.17 0.34 11.36
C LEU A 65 -2.30 1.11 10.66
N SER A 66 -3.54 0.68 10.92
CA SER A 66 -4.70 1.33 10.31
C SER A 66 -4.68 2.83 10.58
N ARG A 67 -4.08 3.23 11.70
CA ARG A 67 -4.00 4.63 12.07
C ARG A 67 -3.49 5.47 10.91
N ALA A 68 -2.48 4.94 10.21
CA ALA A 68 -1.88 5.65 9.08
C ALA A 68 -2.81 5.62 7.87
N LEU A 69 -3.52 4.50 7.70
CA LEU A 69 -4.45 4.36 6.58
C LEU A 69 -5.55 5.41 6.64
N ARG A 70 -6.07 5.65 7.85
CA ARG A 70 -7.13 6.63 8.04
C ARG A 70 -6.57 8.05 8.01
N TYR A 71 -5.26 8.17 8.24
CA TYR A 71 -4.60 9.47 8.24
C TYR A 71 -4.14 9.85 6.83
N TYR A 72 -4.14 8.87 5.94
CA TYR A 72 -3.71 9.10 4.56
C TYR A 72 -4.82 9.77 3.77
N TYR A 73 -6.04 9.73 4.29
CA TYR A 73 -7.19 10.33 3.64
C TYR A 73 -7.11 11.86 3.69
N LYS A 74 -6.22 12.37 4.53
CA LYS A 74 -6.05 13.81 4.67
C LYS A 74 -5.08 14.35 3.62
N THR A 75 -4.07 13.56 3.28
CA THR A 75 -3.08 13.96 2.29
C THR A 75 -3.49 13.49 0.90
N GLY A 76 -4.40 12.53 0.84
CA GLY A 76 -4.86 12.01 -0.44
C GLY A 76 -4.14 10.72 -0.83
N ILE A 77 -3.19 10.30 -0.01
CA ILE A 77 -2.44 9.09 -0.28
C ILE A 77 -3.36 7.89 -0.46
N LEU A 78 -4.36 7.78 0.41
CA LEU A 78 -5.32 6.68 0.35
C LEU A 78 -6.71 7.20 0.03
N GLU A 79 -7.60 6.30 -0.36
CA GLU A 79 -8.98 6.66 -0.69
C GLU A 79 -9.97 5.87 0.15
N ARG A 80 -10.67 6.55 1.05
CA ARG A 80 -11.64 5.91 1.91
C ARG A 80 -12.57 5.01 1.10
N VAL A 81 -12.79 3.78 1.60
CA VAL A 81 -13.65 2.83 0.92
C VAL A 81 -14.75 2.33 1.84
N ASP A 82 -15.96 2.16 1.30
CA ASP A 82 -17.09 1.68 2.07
C ASP A 82 -17.12 0.16 2.12
N ARG A 83 -15.95 -0.45 2.33
CA ARG A 83 -15.84 -1.89 2.40
C ARG A 83 -14.97 -2.33 3.58
N ARG A 84 -14.91 -3.63 3.82
CA ARG A 84 -14.11 -4.17 4.91
C ARG A 84 -12.81 -4.77 4.40
N LEU A 85 -11.70 -4.41 5.02
CA LEU A 85 -10.39 -4.91 4.62
C LEU A 85 -10.11 -4.61 3.15
N VAL A 86 -10.61 -3.47 2.67
CA VAL A 86 -10.42 -3.07 1.30
C VAL A 86 -10.07 -1.59 1.19
N TYR A 87 -8.86 -1.31 0.73
CA TYR A 87 -8.38 0.06 0.59
C TYR A 87 -8.07 0.38 -0.87
N LYS A 88 -7.75 1.65 -1.14
CA LYS A 88 -7.42 2.09 -2.49
C LYS A 88 -6.48 3.28 -2.45
N PHE A 89 -5.43 3.22 -3.25
CA PHE A 89 -4.44 4.30 -3.32
C PHE A 89 -5.00 5.50 -4.09
N GLY A 90 -4.99 6.66 -3.46
CA GLY A 90 -5.49 7.86 -4.09
C GLY A 90 -4.61 8.33 -5.24
N LYS A 91 -4.55 9.64 -5.44
CA LYS A 91 -3.73 10.21 -6.51
C LYS A 91 -2.34 10.57 -6.00
N ASN A 92 -2.25 10.83 -4.69
CA ASN A 92 -0.97 11.18 -4.08
C ASN A 92 0.04 10.05 -4.24
N ALA A 93 -0.44 8.81 -4.18
CA ALA A 93 0.42 7.65 -4.32
C ALA A 93 0.97 7.53 -5.74
N HIS A 94 2.14 6.92 -5.86
CA HIS A 94 2.78 6.74 -7.17
C HIS A 94 3.37 5.34 -7.30
N GLY A 95 3.75 4.98 -8.52
CA GLY A 95 4.32 3.67 -8.76
C GLY A 95 3.28 2.64 -9.14
N TRP A 96 2.14 2.67 -8.46
CA TRP A 96 1.06 1.73 -8.73
C TRP A 96 0.33 2.10 -10.02
N GLN A 97 0.16 3.40 -10.23
CA GLN A 97 -0.53 3.89 -11.42
C GLN A 97 0.14 3.36 -12.69
N GLU A 98 -0.64 3.25 -13.76
CA GLU A 98 -0.12 2.76 -15.03
C GLU A 98 -1.08 3.09 -16.18
N ASP A 99 -0.93 4.28 -16.74
CA ASP A 99 -1.79 4.72 -17.84
C ASP A 99 -3.21 4.96 -17.36
N LYS A 100 -4.00 5.62 -18.20
CA LYS A 100 -5.39 5.91 -17.86
C LYS A 100 -5.52 6.30 -16.39
N LEU A 101 -5.06 7.50 -16.06
CA LEU A 101 -5.13 7.99 -14.69
C LEU A 101 -6.07 9.19 -14.59
N SER A 102 -7.00 9.29 -15.53
CA SER A 102 -7.96 10.39 -15.55
C SER A 102 -9.32 9.91 -16.04
N GLY A 103 -10.31 9.93 -15.15
CA GLY A 103 -11.64 9.49 -15.51
C GLY A 103 -12.65 10.62 -15.52
N PRO A 104 -12.70 11.37 -16.63
CA PRO A 104 -13.61 12.50 -16.78
C PRO A 104 -15.07 12.07 -16.89
N SER A 105 -15.96 12.83 -16.28
CA SER A 105 -17.38 12.52 -16.31
C SER A 105 -17.65 11.14 -15.72
N SER A 106 -18.89 10.69 -15.81
CA SER A 106 -19.28 9.38 -15.28
C SER A 106 -19.13 8.31 -16.35
N GLY A 107 -19.73 8.54 -17.51
CA GLY A 107 -19.66 7.59 -18.59
C GLY A 107 -19.83 6.16 -18.11
N GLY A 1 13.39 4.27 -11.38
CA GLY A 1 12.46 3.65 -12.32
C GLY A 1 12.52 2.14 -12.27
N SER A 2 13.73 1.58 -12.39
CA SER A 2 13.91 0.14 -12.36
C SER A 2 14.44 -0.31 -11.00
N SER A 3 15.46 0.39 -10.51
CA SER A 3 16.06 0.06 -9.22
C SER A 3 16.41 1.33 -8.45
N GLY A 4 16.51 1.20 -7.13
CA GLY A 4 16.84 2.34 -6.30
C GLY A 4 15.95 2.44 -5.08
N SER A 5 15.75 3.67 -4.59
CA SER A 5 14.91 3.90 -3.42
C SER A 5 15.07 2.77 -2.41
N SER A 6 16.07 2.88 -1.55
CA SER A 6 16.33 1.87 -0.53
C SER A 6 16.00 2.39 0.86
N GLY A 7 14.90 1.91 1.43
CA GLY A 7 14.50 2.35 2.75
C GLY A 7 13.00 2.49 2.89
N SER A 8 12.40 1.63 3.70
CA SER A 8 10.95 1.66 3.90
C SER A 8 10.57 2.65 5.01
N SER A 9 9.89 3.73 4.64
CA SER A 9 9.49 4.74 5.60
C SER A 9 7.97 4.85 5.66
N HIS A 10 7.35 5.13 4.52
CA HIS A 10 5.90 5.26 4.45
C HIS A 10 5.24 3.90 4.31
N LEU A 11 4.15 3.68 5.04
CA LEU A 11 3.43 2.42 5.00
C LEU A 11 2.82 2.18 3.62
N TRP A 12 2.02 3.14 3.15
CA TRP A 12 1.38 3.03 1.84
C TRP A 12 2.35 2.45 0.82
N GLU A 13 3.61 2.88 0.90
CA GLU A 13 4.63 2.40 -0.04
C GLU A 13 4.98 0.95 0.23
N PHE A 14 5.07 0.59 1.51
CA PHE A 14 5.39 -0.78 1.90
C PHE A 14 4.31 -1.75 1.45
N VAL A 15 3.06 -1.47 1.84
CA VAL A 15 1.93 -2.31 1.47
C VAL A 15 1.74 -2.34 -0.04
N ARG A 16 1.97 -1.21 -0.69
CA ARG A 16 1.82 -1.10 -2.13
C ARG A 16 2.82 -1.98 -2.85
N ASP A 17 4.06 -2.00 -2.35
CA ASP A 17 5.11 -2.80 -2.94
C ASP A 17 4.70 -4.27 -3.03
N LEU A 18 4.23 -4.81 -1.92
CA LEU A 18 3.80 -6.21 -1.88
C LEU A 18 2.92 -6.55 -3.08
N LEU A 19 1.99 -5.65 -3.40
CA LEU A 19 1.08 -5.85 -4.53
C LEU A 19 1.87 -6.01 -5.83
N LEU A 20 2.95 -5.24 -5.96
CA LEU A 20 3.78 -5.29 -7.16
C LEU A 20 4.95 -6.26 -6.96
N SER A 21 5.12 -6.72 -5.73
CA SER A 21 6.20 -7.65 -5.40
C SER A 21 5.63 -9.01 -4.99
N PRO A 22 5.27 -9.83 -5.99
CA PRO A 22 4.71 -11.16 -5.75
C PRO A 22 5.75 -12.14 -5.20
N GLU A 23 7.00 -11.68 -5.12
CA GLU A 23 8.08 -12.51 -4.61
C GLU A 23 8.18 -12.40 -3.10
N GLU A 24 7.70 -11.29 -2.55
CA GLU A 24 7.75 -11.05 -1.11
C GLU A 24 6.35 -11.22 -0.49
N ASN A 25 5.35 -10.63 -1.14
CA ASN A 25 3.98 -10.72 -0.65
C ASN A 25 3.50 -12.16 -0.64
N CYS A 26 3.12 -12.65 0.54
CA CYS A 26 2.64 -14.02 0.69
C CYS A 26 1.18 -14.04 1.11
N GLY A 27 0.27 -13.99 0.13
CA GLY A 27 -1.15 -14.01 0.43
C GLY A 27 -1.52 -13.00 1.49
N ILE A 28 -0.86 -11.85 1.49
CA ILE A 28 -1.13 -10.80 2.45
C ILE A 28 -2.06 -9.74 1.88
N LEU A 29 -2.02 -9.58 0.56
CA LEU A 29 -2.86 -8.60 -0.12
C LEU A 29 -3.38 -9.15 -1.45
N GLU A 30 -4.34 -8.45 -2.04
CA GLU A 30 -4.92 -8.87 -3.31
C GLU A 30 -5.32 -7.66 -4.15
N TRP A 31 -5.35 -7.84 -5.47
CA TRP A 31 -5.71 -6.77 -6.39
C TRP A 31 -7.18 -6.84 -6.75
N GLU A 32 -7.94 -5.83 -6.34
CA GLU A 32 -9.36 -5.77 -6.63
C GLU A 32 -9.64 -4.96 -7.89
N ASP A 33 -8.66 -4.16 -8.29
CA ASP A 33 -8.79 -3.33 -9.48
C ASP A 33 -7.47 -2.65 -9.82
N ARG A 34 -6.81 -3.15 -10.88
CA ARG A 34 -5.54 -2.59 -11.31
C ARG A 34 -5.72 -1.21 -11.91
N GLU A 35 -6.85 -1.02 -12.59
CA GLU A 35 -7.14 0.27 -13.22
C GLU A 35 -7.26 1.38 -12.18
N GLN A 36 -8.16 1.19 -11.22
CA GLN A 36 -8.38 2.17 -10.17
C GLN A 36 -7.29 2.07 -9.10
N GLY A 37 -6.78 0.86 -8.90
CA GLY A 37 -5.73 0.65 -7.91
C GLY A 37 -6.30 0.19 -6.58
N ILE A 38 -7.47 -0.43 -6.60
CA ILE A 38 -8.10 -0.91 -5.38
C ILE A 38 -7.50 -2.24 -4.94
N PHE A 39 -7.22 -2.36 -3.64
CA PHE A 39 -6.64 -3.57 -3.09
C PHE A 39 -7.32 -3.94 -1.78
N ARG A 40 -7.25 -5.23 -1.43
CA ARG A 40 -7.86 -5.72 -0.19
C ARG A 40 -6.82 -6.37 0.70
N VAL A 41 -6.99 -6.22 2.00
CA VAL A 41 -6.06 -6.80 2.97
C VAL A 41 -6.53 -8.18 3.42
N VAL A 42 -6.09 -9.21 2.70
CA VAL A 42 -6.47 -10.59 3.02
C VAL A 42 -6.02 -10.96 4.43
N LYS A 43 -4.76 -10.68 4.74
CA LYS A 43 -4.21 -10.98 6.05
C LYS A 43 -3.94 -9.71 6.84
N SER A 44 -4.93 -9.25 7.60
CA SER A 44 -4.78 -8.04 8.39
C SER A 44 -3.73 -8.21 9.47
N GLU A 45 -3.60 -9.43 9.99
CA GLU A 45 -2.63 -9.73 11.02
C GLU A 45 -1.22 -9.86 10.44
N ALA A 46 -1.14 -10.45 9.25
CA ALA A 46 0.13 -10.63 8.58
C ALA A 46 0.66 -9.31 8.02
N LEU A 47 -0.25 -8.48 7.53
CA LEU A 47 0.11 -7.19 6.96
C LEU A 47 0.87 -6.34 7.99
N ALA A 48 0.31 -6.22 9.19
CA ALA A 48 0.93 -5.45 10.26
C ALA A 48 2.23 -6.10 10.71
N LYS A 49 2.17 -7.39 11.04
CA LYS A 49 3.34 -8.12 11.48
C LYS A 49 4.55 -7.83 10.59
N MET A 50 4.34 -7.91 9.28
CA MET A 50 5.40 -7.64 8.32
C MET A 50 5.82 -6.17 8.36
N TRP A 51 4.83 -5.29 8.39
CA TRP A 51 5.09 -3.85 8.42
C TRP A 51 6.01 -3.50 9.59
N GLY A 52 5.61 -3.89 10.79
CA GLY A 52 6.41 -3.60 11.97
C GLY A 52 7.86 -3.97 11.78
N GLN A 53 8.11 -5.13 11.18
CA GLN A 53 9.47 -5.60 10.94
C GLN A 53 10.31 -4.53 10.25
N ARG A 54 9.66 -3.77 9.37
CA ARG A 54 10.34 -2.70 8.63
C ARG A 54 10.63 -1.51 9.55
N LYS A 55 9.74 -1.27 10.50
CA LYS A 55 9.90 -0.16 11.43
C LYS A 55 10.50 -0.64 12.74
N LYS A 56 10.97 -1.89 12.76
CA LYS A 56 11.57 -2.46 13.95
C LYS A 56 10.76 -2.13 15.19
N ASN A 57 9.45 -1.96 15.00
CA ASN A 57 8.55 -1.65 16.11
C ASN A 57 8.41 -2.84 17.05
N ASP A 58 8.11 -4.00 16.48
CA ASP A 58 7.94 -5.22 17.26
C ASP A 58 6.53 -5.32 17.82
N ARG A 59 5.95 -4.16 18.14
CA ARG A 59 4.59 -4.12 18.69
C ARG A 59 3.60 -3.59 17.65
N MET A 60 3.91 -3.83 16.37
CA MET A 60 3.05 -3.39 15.29
C MET A 60 1.84 -4.31 15.14
N THR A 61 0.67 -3.72 14.93
CA THR A 61 -0.55 -4.49 14.77
C THR A 61 -1.59 -3.72 13.94
N TYR A 62 -2.30 -4.43 13.08
CA TYR A 62 -3.31 -3.81 12.24
C TYR A 62 -4.05 -2.70 12.99
N GLU A 63 -4.37 -2.98 14.25
CA GLU A 63 -5.08 -2.01 15.08
C GLU A 63 -4.40 -0.65 15.04
N LYS A 64 -3.06 -0.66 15.18
CA LYS A 64 -2.29 0.57 15.17
C LYS A 64 -1.98 0.99 13.74
N LEU A 65 -1.60 0.02 12.91
CA LEU A 65 -1.26 0.29 11.51
C LEU A 65 -2.38 1.07 10.83
N SER A 66 -3.62 0.61 11.00
CA SER A 66 -4.77 1.28 10.41
C SER A 66 -4.69 2.79 10.61
N ARG A 67 -4.19 3.20 11.76
CA ARG A 67 -4.06 4.62 12.09
C ARG A 67 -3.56 5.41 10.88
N ALA A 68 -2.55 4.86 10.21
CA ALA A 68 -1.98 5.52 9.04
C ALA A 68 -2.91 5.40 7.83
N LEU A 69 -3.60 4.27 7.75
CA LEU A 69 -4.53 4.04 6.65
C LEU A 69 -5.66 5.05 6.66
N ARG A 70 -6.14 5.39 7.86
CA ARG A 70 -7.22 6.35 8.00
C ARG A 70 -6.69 7.78 7.99
N TYR A 71 -5.38 7.91 8.14
CA TYR A 71 -4.75 9.23 8.14
C TYR A 71 -4.29 9.63 6.74
N TYR A 72 -4.22 8.63 5.85
CA TYR A 72 -3.79 8.88 4.47
C TYR A 72 -4.92 9.53 3.67
N TYR A 73 -6.13 9.47 4.20
CA TYR A 73 -7.30 10.06 3.54
C TYR A 73 -7.22 11.59 3.56
N LYS A 74 -6.38 12.12 4.45
CA LYS A 74 -6.23 13.56 4.59
C LYS A 74 -5.18 14.08 3.61
N THR A 75 -4.20 13.24 3.29
CA THR A 75 -3.14 13.61 2.37
C THR A 75 -3.44 13.13 0.95
N GLY A 76 -4.50 12.34 0.82
CA GLY A 76 -4.88 11.83 -0.50
C GLY A 76 -4.18 10.53 -0.83
N ILE A 77 -3.10 10.22 -0.11
CA ILE A 77 -2.35 9.01 -0.34
C ILE A 77 -3.27 7.81 -0.54
N LEU A 78 -4.26 7.68 0.34
CA LEU A 78 -5.22 6.59 0.25
C LEU A 78 -6.62 7.11 -0.08
N GLU A 79 -7.53 6.20 -0.39
CA GLU A 79 -8.90 6.56 -0.71
C GLU A 79 -9.89 5.85 0.21
N ARG A 80 -10.74 6.63 0.87
CA ARG A 80 -11.73 6.08 1.78
C ARG A 80 -12.71 5.17 1.03
N VAL A 81 -12.89 3.96 1.54
CA VAL A 81 -13.80 3.00 0.92
C VAL A 81 -14.84 2.50 1.93
N ASP A 82 -16.08 2.35 1.47
CA ASP A 82 -17.15 1.88 2.31
C ASP A 82 -17.19 0.36 2.37
N ARG A 83 -16.03 -0.26 2.13
CA ARG A 83 -15.93 -1.72 2.14
C ARG A 83 -15.14 -2.20 3.36
N ARG A 84 -15.08 -3.51 3.54
CA ARG A 84 -14.36 -4.10 4.66
C ARG A 84 -13.01 -4.66 4.20
N LEU A 85 -11.96 -4.28 4.91
CA LEU A 85 -10.61 -4.73 4.58
C LEU A 85 -10.27 -4.44 3.12
N VAL A 86 -10.82 -3.34 2.61
CA VAL A 86 -10.58 -2.94 1.23
C VAL A 86 -10.18 -1.47 1.15
N TYR A 87 -8.99 -1.22 0.60
CA TYR A 87 -8.49 0.15 0.45
C TYR A 87 -8.12 0.45 -1.00
N LYS A 88 -7.84 1.71 -1.27
CA LYS A 88 -7.47 2.13 -2.62
C LYS A 88 -6.51 3.31 -2.58
N PHE A 89 -5.50 3.28 -3.45
CA PHE A 89 -4.51 4.35 -3.50
C PHE A 89 -5.05 5.55 -4.27
N GLY A 90 -4.97 6.73 -3.65
CA GLY A 90 -5.46 7.94 -4.28
C GLY A 90 -4.55 8.43 -5.39
N LYS A 91 -4.46 9.74 -5.56
CA LYS A 91 -3.62 10.33 -6.59
C LYS A 91 -2.25 10.72 -6.02
N ASN A 92 -2.18 10.84 -4.70
CA ASN A 92 -0.95 11.21 -4.03
C ASN A 92 0.09 10.09 -4.16
N ALA A 93 -0.38 8.86 -4.20
CA ALA A 93 0.50 7.70 -4.32
C ALA A 93 1.06 7.58 -5.73
N HIS A 94 2.10 6.78 -5.89
CA HIS A 94 2.72 6.58 -7.19
C HIS A 94 3.47 5.24 -7.24
N GLY A 95 3.48 4.62 -8.41
CA GLY A 95 4.15 3.34 -8.56
C GLY A 95 3.23 2.26 -9.10
N TRP A 96 2.00 2.24 -8.61
CA TRP A 96 1.03 1.25 -9.04
C TRP A 96 0.39 1.65 -10.36
N GLN A 97 -0.15 2.87 -10.42
CA GLN A 97 -0.78 3.37 -11.62
C GLN A 97 0.15 3.25 -12.82
N GLU A 98 -0.43 3.03 -14.01
CA GLU A 98 0.35 2.90 -15.22
C GLU A 98 0.69 4.27 -15.80
N ASP A 99 1.61 4.29 -16.77
CA ASP A 99 2.02 5.54 -17.40
C ASP A 99 1.59 5.57 -18.86
N LYS A 100 0.95 6.67 -19.27
CA LYS A 100 0.49 6.82 -20.63
C LYS A 100 1.66 7.09 -21.59
N LEU A 101 1.78 6.25 -22.60
CA LEU A 101 2.85 6.39 -23.58
C LEU A 101 2.37 6.02 -24.99
N SER A 102 3.16 6.38 -25.99
CA SER A 102 2.81 6.09 -27.38
C SER A 102 3.01 4.60 -27.68
N GLY A 103 1.90 3.85 -27.67
CA GLY A 103 1.97 2.44 -27.95
C GLY A 103 0.65 1.73 -27.69
N PRO A 104 0.37 0.69 -28.50
CA PRO A 104 -0.86 -0.09 -28.37
C PRO A 104 -0.89 -0.93 -27.10
N SER A 105 -2.10 -1.26 -26.63
CA SER A 105 -2.27 -2.05 -25.43
C SER A 105 -3.55 -2.88 -25.50
N SER A 106 -3.54 -4.03 -24.83
CA SER A 106 -4.69 -4.92 -24.82
C SER A 106 -4.52 -6.03 -23.79
N GLY A 107 -5.23 -5.91 -22.67
CA GLY A 107 -5.14 -6.91 -21.63
C GLY A 107 -6.45 -7.10 -20.88
N GLY A 1 9.38 -0.80 -18.39
CA GLY A 1 10.17 0.38 -18.14
C GLY A 1 10.80 0.37 -16.76
N SER A 2 10.02 0.77 -15.76
CA SER A 2 10.51 0.81 -14.38
C SER A 2 10.07 -0.43 -13.61
N SER A 3 10.82 -1.51 -13.76
CA SER A 3 10.51 -2.76 -13.08
C SER A 3 11.73 -3.30 -12.35
N GLY A 4 11.77 -3.09 -11.03
CA GLY A 4 12.88 -3.56 -10.23
C GLY A 4 12.71 -3.25 -8.76
N SER A 5 12.91 -1.99 -8.39
CA SER A 5 12.78 -1.57 -7.00
C SER A 5 12.82 -0.05 -6.88
N SER A 6 11.79 0.52 -6.28
CA SER A 6 11.71 1.96 -6.10
C SER A 6 10.71 2.32 -5.01
N GLY A 7 11.22 2.59 -3.80
CA GLY A 7 10.37 2.94 -2.69
C GLY A 7 10.73 2.20 -1.42
N SER A 8 9.76 1.52 -0.83
CA SER A 8 9.97 0.78 0.40
C SER A 8 10.48 1.70 1.51
N SER A 9 9.55 2.34 2.21
CA SER A 9 9.89 3.25 3.29
C SER A 9 8.64 3.71 4.03
N HIS A 10 7.64 4.14 3.28
CA HIS A 10 6.38 4.60 3.86
C HIS A 10 5.33 3.50 3.86
N LEU A 11 4.61 3.37 4.96
CA LEU A 11 3.57 2.35 5.08
C LEU A 11 2.85 2.14 3.75
N TRP A 12 2.15 3.18 3.30
CA TRP A 12 1.42 3.10 2.04
C TRP A 12 2.27 2.48 0.95
N GLU A 13 3.57 2.76 0.97
CA GLU A 13 4.49 2.22 -0.01
C GLU A 13 4.79 0.75 0.27
N PHE A 14 4.86 0.40 1.54
CA PHE A 14 5.14 -0.98 1.94
C PHE A 14 4.02 -1.91 1.50
N VAL A 15 2.80 -1.60 1.91
CA VAL A 15 1.63 -2.40 1.56
C VAL A 15 1.47 -2.49 0.05
N ARG A 16 1.73 -1.38 -0.64
CA ARG A 16 1.61 -1.34 -2.09
C ARG A 16 2.68 -2.19 -2.75
N ASP A 17 3.94 -1.93 -2.41
CA ASP A 17 5.06 -2.67 -2.98
C ASP A 17 4.79 -4.18 -2.91
N LEU A 18 4.18 -4.63 -1.82
CA LEU A 18 3.86 -6.04 -1.64
C LEU A 18 3.03 -6.57 -2.81
N LEU A 19 2.10 -5.74 -3.28
CA LEU A 19 1.24 -6.13 -4.39
C LEU A 19 2.05 -6.30 -5.67
N LEU A 20 2.99 -5.40 -5.90
CA LEU A 20 3.84 -5.46 -7.08
C LEU A 20 4.96 -6.47 -6.90
N SER A 21 5.20 -6.87 -5.65
CA SER A 21 6.25 -7.83 -5.34
C SER A 21 5.65 -9.13 -4.79
N PRO A 22 5.19 -9.99 -5.70
CA PRO A 22 4.59 -11.28 -5.34
C PRO A 22 5.62 -12.26 -4.79
N GLU A 23 6.90 -11.91 -4.90
CA GLU A 23 7.97 -12.75 -4.40
C GLU A 23 8.13 -12.61 -2.90
N GLU A 24 7.80 -11.43 -2.38
CA GLU A 24 7.90 -11.16 -0.95
C GLU A 24 6.54 -11.29 -0.27
N ASN A 25 5.50 -10.83 -0.96
CA ASN A 25 4.14 -10.89 -0.41
C ASN A 25 3.58 -12.31 -0.53
N CYS A 26 3.08 -12.83 0.58
CA CYS A 26 2.50 -14.16 0.61
C CYS A 26 1.01 -14.12 0.95
N GLY A 27 0.19 -13.95 -0.08
CA GLY A 27 -1.25 -13.88 0.13
C GLY A 27 -1.63 -12.91 1.22
N ILE A 28 -1.01 -11.74 1.22
CA ILE A 28 -1.29 -10.72 2.21
C ILE A 28 -2.30 -9.70 1.70
N LEU A 29 -2.29 -9.47 0.40
CA LEU A 29 -3.20 -8.52 -0.23
C LEU A 29 -3.80 -9.10 -1.51
N GLU A 30 -4.80 -8.42 -2.05
CA GLU A 30 -5.45 -8.87 -3.27
C GLU A 30 -5.71 -7.69 -4.22
N TRP A 31 -5.55 -7.94 -5.52
CA TRP A 31 -5.76 -6.90 -6.52
C TRP A 31 -7.21 -6.89 -7.01
N GLU A 32 -8.05 -6.08 -6.37
CA GLU A 32 -9.45 -5.99 -6.73
C GLU A 32 -9.62 -5.21 -8.04
N ASP A 33 -8.73 -4.26 -8.27
CA ASP A 33 -8.78 -3.43 -9.48
C ASP A 33 -7.45 -2.74 -9.72
N ARG A 34 -6.70 -3.23 -10.70
CA ARG A 34 -5.40 -2.66 -11.03
C ARG A 34 -5.56 -1.27 -11.65
N GLU A 35 -6.55 -1.13 -12.52
CA GLU A 35 -6.81 0.14 -13.18
C GLU A 35 -7.15 1.22 -12.17
N GLN A 36 -8.11 0.91 -11.29
CA GLN A 36 -8.54 1.86 -10.27
C GLN A 36 -7.52 1.94 -9.15
N GLY A 37 -6.89 0.82 -8.84
CA GLY A 37 -5.89 0.79 -7.78
C GLY A 37 -6.46 0.31 -6.45
N ILE A 38 -7.49 -0.52 -6.53
CA ILE A 38 -8.13 -1.05 -5.32
C ILE A 38 -7.49 -2.36 -4.90
N PHE A 39 -7.23 -2.49 -3.60
CA PHE A 39 -6.62 -3.70 -3.06
C PHE A 39 -7.28 -4.11 -1.75
N ARG A 40 -7.29 -5.41 -1.47
CA ARG A 40 -7.89 -5.93 -0.25
C ARG A 40 -6.83 -6.48 0.69
N VAL A 41 -7.06 -6.31 1.99
CA VAL A 41 -6.12 -6.79 3.00
C VAL A 41 -6.44 -8.23 3.41
N VAL A 42 -6.00 -9.18 2.60
CA VAL A 42 -6.23 -10.59 2.88
C VAL A 42 -5.82 -10.95 4.31
N LYS A 43 -4.58 -10.63 4.66
CA LYS A 43 -4.06 -10.91 5.98
C LYS A 43 -3.76 -9.62 6.74
N SER A 44 -4.74 -9.14 7.50
CA SER A 44 -4.58 -7.92 8.27
C SER A 44 -3.52 -8.08 9.35
N GLU A 45 -3.35 -9.31 9.84
CA GLU A 45 -2.36 -9.60 10.86
C GLU A 45 -0.97 -9.73 10.26
N ALA A 46 -0.89 -10.34 9.09
CA ALA A 46 0.38 -10.53 8.40
C ALA A 46 0.92 -9.20 7.88
N LEU A 47 0.02 -8.35 7.40
CA LEU A 47 0.40 -7.04 6.88
C LEU A 47 1.10 -6.21 7.95
N ALA A 48 0.51 -6.16 9.14
CA ALA A 48 1.08 -5.40 10.24
C ALA A 48 2.37 -6.04 10.74
N LYS A 49 2.32 -7.35 10.97
CA LYS A 49 3.49 -8.08 11.44
C LYS A 49 4.72 -7.78 10.59
N MET A 50 4.54 -7.84 9.28
CA MET A 50 5.63 -7.57 8.34
C MET A 50 6.02 -6.09 8.38
N TRP A 51 5.02 -5.22 8.40
CA TRP A 51 5.26 -3.78 8.44
C TRP A 51 6.12 -3.40 9.64
N GLY A 52 5.74 -3.89 10.82
CA GLY A 52 6.48 -3.59 12.03
C GLY A 52 7.96 -3.85 11.87
N GLN A 53 8.31 -5.03 11.35
CA GLN A 53 9.71 -5.39 11.15
C GLN A 53 10.46 -4.28 10.42
N ARG A 54 9.78 -3.62 9.50
CA ARG A 54 10.39 -2.53 8.73
C ARG A 54 10.64 -1.32 9.61
N LYS A 55 9.74 -1.10 10.56
CA LYS A 55 9.86 0.04 11.47
C LYS A 55 10.37 -0.41 12.84
N LYS A 56 10.89 -1.63 12.90
CA LYS A 56 11.43 -2.18 14.14
C LYS A 56 10.40 -2.06 15.26
N ASN A 57 9.12 -2.15 14.90
CA ASN A 57 8.05 -2.05 15.89
C ASN A 57 7.57 -3.44 16.30
N ASP A 58 8.30 -4.05 17.24
CA ASP A 58 7.95 -5.38 17.72
C ASP A 58 6.48 -5.43 18.15
N ARG A 59 5.92 -4.28 18.46
CA ARG A 59 4.52 -4.18 18.89
C ARG A 59 3.65 -3.62 17.77
N MET A 60 3.92 -4.05 16.54
CA MET A 60 3.16 -3.59 15.39
C MET A 60 1.94 -4.46 15.16
N THR A 61 0.78 -3.83 14.98
CA THR A 61 -0.46 -4.55 14.75
C THR A 61 -1.44 -3.72 13.93
N TYR A 62 -2.29 -4.40 13.17
CA TYR A 62 -3.26 -3.73 12.32
C TYR A 62 -3.91 -2.56 13.06
N GLU A 63 -4.16 -2.75 14.35
CA GLU A 63 -4.78 -1.71 15.17
C GLU A 63 -3.98 -0.41 15.08
N LYS A 64 -2.66 -0.52 15.10
CA LYS A 64 -1.79 0.64 15.01
C LYS A 64 -1.50 1.00 13.56
N LEU A 65 -1.27 -0.02 12.74
CA LEU A 65 -0.98 0.20 11.32
C LEU A 65 -2.08 1.02 10.67
N SER A 66 -3.33 0.72 11.01
CA SER A 66 -4.47 1.43 10.45
C SER A 66 -4.34 2.94 10.66
N ARG A 67 -3.70 3.31 11.77
CA ARG A 67 -3.50 4.71 12.09
C ARG A 67 -3.04 5.50 10.87
N ALA A 68 -2.19 4.88 10.06
CA ALA A 68 -1.67 5.52 8.86
C ALA A 68 -2.69 5.45 7.72
N LEU A 69 -3.45 4.37 7.68
CA LEU A 69 -4.46 4.18 6.64
C LEU A 69 -5.51 5.28 6.71
N ARG A 70 -5.94 5.61 7.92
CA ARG A 70 -6.95 6.65 8.12
C ARG A 70 -6.33 8.03 8.05
N TYR A 71 -5.03 8.10 8.32
CA TYR A 71 -4.31 9.37 8.29
C TYR A 71 -3.86 9.71 6.87
N TYR A 72 -4.04 8.76 5.96
CA TYR A 72 -3.66 8.95 4.57
C TYR A 72 -4.77 9.64 3.78
N TYR A 73 -5.97 9.63 4.35
CA TYR A 73 -7.12 10.26 3.70
C TYR A 73 -7.08 11.78 3.88
N LYS A 74 -6.19 12.24 4.74
CA LYS A 74 -6.05 13.67 5.00
C LYS A 74 -5.28 14.36 3.87
N THR A 75 -4.20 13.72 3.43
CA THR A 75 -3.39 14.27 2.35
C THR A 75 -3.90 13.82 0.98
N GLY A 76 -4.49 12.62 0.95
CA GLY A 76 -5.01 12.08 -0.30
C GLY A 76 -4.33 10.80 -0.70
N ILE A 77 -3.34 10.38 0.07
CA ILE A 77 -2.62 9.15 -0.20
C ILE A 77 -3.57 7.99 -0.45
N LEU A 78 -4.54 7.83 0.45
CA LEU A 78 -5.52 6.76 0.33
C LEU A 78 -6.91 7.32 0.03
N GLU A 79 -7.81 6.46 -0.42
CA GLU A 79 -9.17 6.87 -0.74
C GLU A 79 -10.19 6.11 0.11
N ARG A 80 -10.85 6.83 1.00
CA ARG A 80 -11.84 6.23 1.89
C ARG A 80 -12.77 5.30 1.11
N VAL A 81 -12.69 4.01 1.39
CA VAL A 81 -13.52 3.01 0.71
C VAL A 81 -14.67 2.57 1.61
N ASP A 82 -15.82 2.29 0.99
CA ASP A 82 -16.99 1.85 1.73
C ASP A 82 -17.20 0.34 1.57
N ARG A 83 -16.09 -0.40 1.57
CA ARG A 83 -16.15 -1.85 1.43
C ARG A 83 -15.57 -2.54 2.66
N ARG A 84 -15.51 -3.87 2.61
CA ARG A 84 -14.98 -4.65 3.72
C ARG A 84 -13.50 -4.98 3.51
N LEU A 85 -12.65 -4.51 4.40
CA LEU A 85 -11.22 -4.74 4.31
C LEU A 85 -10.72 -4.51 2.89
N VAL A 86 -11.23 -3.46 2.26
CA VAL A 86 -10.83 -3.12 0.90
C VAL A 86 -10.46 -1.64 0.79
N TYR A 87 -9.17 -1.38 0.59
CA TYR A 87 -8.68 0.00 0.46
C TYR A 87 -8.29 0.31 -0.98
N LYS A 88 -7.98 1.57 -1.24
CA LYS A 88 -7.59 2.01 -2.57
C LYS A 88 -6.67 3.22 -2.51
N PHE A 89 -5.62 3.21 -3.33
CA PHE A 89 -4.67 4.31 -3.35
C PHE A 89 -5.23 5.50 -4.13
N GLY A 90 -5.10 6.69 -3.55
CA GLY A 90 -5.61 7.88 -4.20
C GLY A 90 -4.68 8.40 -5.28
N LYS A 91 -4.63 9.72 -5.44
CA LYS A 91 -3.77 10.33 -6.45
C LYS A 91 -2.44 10.77 -5.84
N ASN A 92 -2.45 11.01 -4.53
CA ASN A 92 -1.25 11.44 -3.83
C ASN A 92 -0.14 10.39 -3.97
N ALA A 93 -0.54 9.12 -3.94
CA ALA A 93 0.43 8.03 -4.06
C ALA A 93 0.97 7.93 -5.49
N HIS A 94 1.90 7.00 -5.69
CA HIS A 94 2.50 6.81 -7.01
C HIS A 94 3.17 5.45 -7.10
N GLY A 95 3.72 5.13 -8.27
CA GLY A 95 4.39 3.86 -8.46
C GLY A 95 3.46 2.78 -8.98
N TRP A 96 2.25 2.73 -8.42
CA TRP A 96 1.26 1.74 -8.82
C TRP A 96 0.50 2.20 -10.06
N GLN A 97 0.15 3.48 -10.09
CA GLN A 97 -0.58 4.05 -11.21
C GLN A 97 0.13 3.76 -12.53
N GLU A 98 -0.62 3.75 -13.62
CA GLU A 98 -0.05 3.48 -14.94
C GLU A 98 -0.28 4.67 -15.88
N ASP A 99 0.51 4.73 -16.94
CA ASP A 99 0.40 5.81 -17.91
C ASP A 99 0.71 7.16 -17.27
N LYS A 100 1.54 7.95 -17.94
CA LYS A 100 1.93 9.25 -17.44
C LYS A 100 0.71 10.17 -17.31
N LEU A 101 0.77 11.10 -16.36
CA LEU A 101 -0.33 12.03 -16.14
C LEU A 101 -0.14 13.30 -16.97
N SER A 102 1.07 13.86 -16.92
CA SER A 102 1.37 15.08 -17.66
C SER A 102 2.82 15.06 -18.15
N GLY A 103 3.01 14.75 -19.42
CA GLY A 103 4.34 14.71 -20.00
C GLY A 103 4.57 15.81 -21.01
N PRO A 104 5.82 16.30 -21.09
CA PRO A 104 6.20 17.36 -22.03
C PRO A 104 6.19 16.89 -23.48
N SER A 105 6.52 15.62 -23.68
CA SER A 105 6.54 15.04 -25.03
C SER A 105 5.33 14.13 -25.25
N SER A 106 4.79 14.18 -26.46
CA SER A 106 3.63 13.37 -26.80
C SER A 106 3.87 11.90 -26.45
N GLY A 107 4.97 11.35 -26.93
CA GLY A 107 5.31 9.97 -26.64
C GLY A 107 5.62 9.74 -25.17
N GLY A 1 15.04 -0.35 -14.84
CA GLY A 1 16.48 -0.50 -14.99
C GLY A 1 17.10 -1.27 -13.84
N SER A 2 18.35 -1.67 -14.01
CA SER A 2 19.06 -2.43 -12.99
C SER A 2 19.05 -1.68 -11.66
N SER A 3 18.18 -2.13 -10.75
CA SER A 3 18.07 -1.49 -9.43
C SER A 3 17.08 -2.26 -8.55
N GLY A 4 17.61 -3.01 -7.59
CA GLY A 4 16.76 -3.78 -6.70
C GLY A 4 15.89 -2.90 -5.83
N SER A 5 16.18 -2.87 -4.53
CA SER A 5 15.40 -2.07 -3.59
C SER A 5 16.22 -0.87 -3.12
N SER A 6 15.56 0.30 -3.07
CA SER A 6 16.21 1.52 -2.64
C SER A 6 16.24 1.62 -1.12
N GLY A 7 15.08 1.48 -0.49
CA GLY A 7 15.00 1.55 0.96
C GLY A 7 13.57 1.63 1.45
N SER A 8 13.38 1.38 2.75
CA SER A 8 12.06 1.42 3.35
C SER A 8 11.68 2.84 3.75
N SER A 9 10.54 3.31 3.24
CA SER A 9 10.08 4.65 3.55
C SER A 9 8.58 4.79 3.27
N HIS A 10 7.85 5.35 4.22
CA HIS A 10 6.41 5.54 4.07
C HIS A 10 5.69 4.19 4.00
N LEU A 11 4.63 4.06 4.78
CA LEU A 11 3.85 2.83 4.81
C LEU A 11 3.12 2.60 3.49
N TRP A 12 2.35 3.61 3.08
CA TRP A 12 1.60 3.52 1.83
C TRP A 12 2.44 2.84 0.74
N GLU A 13 3.75 3.03 0.80
CA GLU A 13 4.65 2.44 -0.19
C GLU A 13 4.97 0.99 0.18
N PHE A 14 5.12 0.74 1.47
CA PHE A 14 5.43 -0.61 1.95
C PHE A 14 4.37 -1.61 1.49
N VAL A 15 3.13 -1.38 1.90
CA VAL A 15 2.03 -2.27 1.53
C VAL A 15 1.84 -2.31 0.02
N ARG A 16 1.99 -1.14 -0.61
CA ARG A 16 1.83 -1.05 -2.06
C ARG A 16 2.82 -1.96 -2.78
N ASP A 17 4.05 -2.00 -2.28
CA ASP A 17 5.08 -2.84 -2.87
C ASP A 17 4.61 -4.29 -2.99
N LEU A 18 4.12 -4.83 -1.88
CA LEU A 18 3.64 -6.21 -1.87
C LEU A 18 2.77 -6.50 -3.09
N LEU A 19 1.90 -5.56 -3.43
CA LEU A 19 1.02 -5.71 -4.58
C LEU A 19 1.82 -5.85 -5.87
N LEU A 20 2.90 -5.08 -5.98
CA LEU A 20 3.75 -5.12 -7.16
C LEU A 20 4.89 -6.12 -6.98
N SER A 21 5.00 -6.67 -5.77
CA SER A 21 6.05 -7.65 -5.46
C SER A 21 5.43 -8.97 -4.99
N PRO A 22 5.02 -9.81 -5.96
CA PRO A 22 4.42 -11.11 -5.67
C PRO A 22 5.43 -12.10 -5.10
N GLU A 23 6.71 -11.72 -5.13
CA GLU A 23 7.78 -12.57 -4.61
C GLU A 23 7.89 -12.45 -3.10
N GLU A 24 7.48 -11.30 -2.57
CA GLU A 24 7.54 -11.06 -1.14
C GLU A 24 6.15 -11.23 -0.50
N ASN A 25 5.15 -10.66 -1.15
CA ASN A 25 3.77 -10.74 -0.64
C ASN A 25 3.27 -12.18 -0.69
N CYS A 26 2.82 -12.69 0.46
CA CYS A 26 2.32 -14.05 0.56
C CYS A 26 0.84 -14.05 0.92
N GLY A 27 -0.02 -13.96 -0.10
CA GLY A 27 -1.44 -13.95 0.13
C GLY A 27 -1.85 -12.95 1.20
N ILE A 28 -1.10 -11.86 1.33
CA ILE A 28 -1.38 -10.84 2.31
C ILE A 28 -2.36 -9.80 1.76
N LEU A 29 -2.31 -9.59 0.45
CA LEU A 29 -3.18 -8.63 -0.20
C LEU A 29 -3.73 -9.19 -1.51
N GLU A 30 -4.67 -8.46 -2.12
CA GLU A 30 -5.27 -8.89 -3.37
C GLU A 30 -5.60 -7.69 -4.26
N TRP A 31 -5.48 -7.86 -5.56
CA TRP A 31 -5.75 -6.79 -6.51
C TRP A 31 -7.22 -6.83 -6.95
N GLU A 32 -8.02 -5.94 -6.36
CA GLU A 32 -9.44 -5.87 -6.68
C GLU A 32 -9.67 -5.06 -7.96
N ASP A 33 -8.72 -4.18 -8.26
CA ASP A 33 -8.82 -3.34 -9.45
C ASP A 33 -7.49 -2.67 -9.76
N ARG A 34 -6.80 -3.18 -10.77
CA ARG A 34 -5.50 -2.63 -11.16
C ARG A 34 -5.66 -1.24 -11.77
N GLU A 35 -6.77 -1.02 -12.46
CA GLU A 35 -7.04 0.26 -13.09
C GLU A 35 -7.31 1.33 -12.04
N GLN A 36 -8.22 1.04 -11.11
CA GLN A 36 -8.56 1.98 -10.05
C GLN A 36 -7.51 1.99 -8.96
N GLY A 37 -6.84 0.85 -8.78
CA GLY A 37 -5.81 0.74 -7.76
C GLY A 37 -6.35 0.24 -6.44
N ILE A 38 -7.48 -0.44 -6.49
CA ILE A 38 -8.11 -0.98 -5.29
C ILE A 38 -7.48 -2.33 -4.90
N PHE A 39 -7.24 -2.50 -3.61
CA PHE A 39 -6.65 -3.74 -3.11
C PHE A 39 -7.30 -4.17 -1.80
N ARG A 40 -7.29 -5.47 -1.53
CA ARG A 40 -7.89 -6.00 -0.31
C ARG A 40 -6.81 -6.56 0.62
N VAL A 41 -7.06 -6.48 1.92
CA VAL A 41 -6.11 -6.97 2.91
C VAL A 41 -6.49 -8.38 3.38
N VAL A 42 -6.16 -9.38 2.57
CA VAL A 42 -6.48 -10.76 2.90
C VAL A 42 -6.03 -11.10 4.31
N LYS A 43 -4.81 -10.73 4.65
CA LYS A 43 -4.27 -10.99 5.98
C LYS A 43 -3.98 -9.68 6.72
N SER A 44 -4.94 -9.22 7.51
CA SER A 44 -4.79 -7.98 8.26
C SER A 44 -3.72 -8.13 9.34
N GLU A 45 -3.52 -9.36 9.81
CA GLU A 45 -2.52 -9.64 10.82
C GLU A 45 -1.12 -9.70 10.22
N ALA A 46 -1.01 -10.31 9.05
CA ALA A 46 0.27 -10.43 8.37
C ALA A 46 0.75 -9.08 7.87
N LEU A 47 -0.17 -8.25 7.42
CA LEU A 47 0.17 -6.93 6.91
C LEU A 47 0.81 -6.08 8.01
N ALA A 48 0.27 -6.16 9.21
CA ALA A 48 0.79 -5.40 10.34
C ALA A 48 2.13 -5.99 10.82
N LYS A 49 2.16 -7.30 10.98
CA LYS A 49 3.38 -7.97 11.44
C LYS A 49 4.57 -7.61 10.55
N MET A 50 4.38 -7.71 9.24
CA MET A 50 5.44 -7.39 8.29
C MET A 50 5.84 -5.92 8.40
N TRP A 51 4.85 -5.04 8.28
CA TRP A 51 5.11 -3.60 8.37
C TRP A 51 5.95 -3.27 9.60
N GLY A 52 5.49 -3.70 10.77
CA GLY A 52 6.22 -3.45 11.99
C GLY A 52 7.69 -3.76 11.87
N GLN A 53 8.01 -4.90 11.27
CA GLN A 53 9.40 -5.31 11.09
C GLN A 53 10.20 -4.22 10.38
N ARG A 54 9.55 -3.50 9.48
CA ARG A 54 10.19 -2.43 8.74
C ARG A 54 10.49 -1.24 9.64
N LYS A 55 9.58 -0.98 10.57
CA LYS A 55 9.74 0.14 11.50
C LYS A 55 10.33 -0.34 12.83
N LYS A 56 10.81 -1.58 12.84
CA LYS A 56 11.40 -2.16 14.05
C LYS A 56 10.42 -2.13 15.22
N ASN A 57 9.13 -2.06 14.90
CA ASN A 57 8.09 -2.02 15.91
C ASN A 57 7.56 -3.41 16.22
N ASP A 58 8.15 -4.07 17.21
CA ASP A 58 7.73 -5.41 17.61
C ASP A 58 6.28 -5.41 18.08
N ARG A 59 5.78 -4.25 18.45
CA ARG A 59 4.41 -4.11 18.92
C ARG A 59 3.50 -3.58 17.82
N MET A 60 3.79 -3.95 16.58
CA MET A 60 3.01 -3.50 15.44
C MET A 60 1.79 -4.39 15.24
N THR A 61 0.63 -3.77 15.06
CA THR A 61 -0.61 -4.50 14.87
C THR A 61 -1.60 -3.71 14.02
N TYR A 62 -2.38 -4.42 13.21
CA TYR A 62 -3.36 -3.79 12.34
C TYR A 62 -4.04 -2.61 13.05
N GLU A 63 -4.45 -2.84 14.29
CA GLU A 63 -5.11 -1.80 15.08
C GLU A 63 -4.30 -0.51 15.07
N LYS A 64 -2.98 -0.64 15.18
CA LYS A 64 -2.10 0.52 15.18
C LYS A 64 -1.79 0.97 13.76
N LEU A 65 -1.45 0.01 12.90
CA LEU A 65 -1.13 0.31 11.51
C LEU A 65 -2.23 1.16 10.87
N SER A 66 -3.48 0.77 11.09
CA SER A 66 -4.61 1.50 10.52
C SER A 66 -4.44 3.00 10.71
N ARG A 67 -3.80 3.38 11.82
CA ARG A 67 -3.57 4.79 12.12
C ARG A 67 -3.03 5.53 10.89
N ALA A 68 -2.09 4.89 10.19
CA ALA A 68 -1.49 5.49 9.00
C ALA A 68 -2.45 5.42 7.82
N LEU A 69 -3.25 4.35 7.76
CA LEU A 69 -4.21 4.18 6.67
C LEU A 69 -5.27 5.28 6.71
N ARG A 70 -5.75 5.59 7.90
CA ARG A 70 -6.77 6.62 8.07
C ARG A 70 -6.17 8.01 7.92
N TYR A 71 -4.84 8.10 8.07
CA TYR A 71 -4.14 9.37 7.95
C TYR A 71 -3.76 9.64 6.50
N TYR A 72 -3.81 8.61 5.68
CA TYR A 72 -3.46 8.73 4.27
C TYR A 72 -4.61 9.34 3.47
N TYR A 73 -5.76 9.46 4.11
CA TYR A 73 -6.95 10.02 3.47
C TYR A 73 -6.81 11.53 3.30
N LYS A 74 -6.55 12.22 4.41
CA LYS A 74 -6.39 13.67 4.40
C LYS A 74 -5.32 14.09 3.40
N THR A 75 -4.21 13.36 3.41
CA THR A 75 -3.10 13.65 2.50
C THR A 75 -3.42 13.23 1.07
N GLY A 76 -4.38 12.33 0.93
CA GLY A 76 -4.78 11.85 -0.37
C GLY A 76 -4.08 10.56 -0.76
N ILE A 77 -3.07 10.19 0.01
CA ILE A 77 -2.32 8.97 -0.26
C ILE A 77 -3.25 7.77 -0.44
N LEU A 78 -4.27 7.68 0.42
CA LEU A 78 -5.23 6.59 0.35
C LEU A 78 -6.62 7.12 0.00
N GLU A 79 -7.52 6.20 -0.36
CA GLU A 79 -8.89 6.58 -0.72
C GLU A 79 -9.90 5.84 0.15
N ARG A 80 -10.74 6.60 0.85
CA ARG A 80 -11.76 6.01 1.72
C ARG A 80 -12.55 4.94 0.98
N VAL A 81 -12.69 3.78 1.61
CA VAL A 81 -13.43 2.68 1.01
C VAL A 81 -14.58 2.24 1.91
N ASP A 82 -15.72 1.90 1.30
CA ASP A 82 -16.89 1.47 2.04
C ASP A 82 -17.05 -0.05 1.98
N ARG A 83 -15.91 -0.75 1.93
CA ARG A 83 -15.92 -2.21 1.87
C ARG A 83 -15.21 -2.81 3.08
N ARG A 84 -15.20 -4.13 3.15
CA ARG A 84 -14.56 -4.84 4.25
C ARG A 84 -13.12 -5.20 3.90
N LEU A 85 -12.18 -4.76 4.73
CA LEU A 85 -10.77 -5.02 4.51
C LEU A 85 -10.37 -4.72 3.07
N VAL A 86 -10.96 -3.67 2.51
CA VAL A 86 -10.66 -3.26 1.14
C VAL A 86 -10.27 -1.79 1.08
N TYR A 87 -9.03 -1.53 0.69
CA TYR A 87 -8.54 -0.16 0.59
C TYR A 87 -8.18 0.18 -0.86
N LYS A 88 -7.89 1.45 -1.10
CA LYS A 88 -7.54 1.91 -2.44
C LYS A 88 -6.57 3.09 -2.37
N PHE A 89 -5.47 3.01 -3.11
CA PHE A 89 -4.47 4.06 -3.13
C PHE A 89 -4.98 5.27 -3.91
N GLY A 90 -4.86 6.46 -3.30
CA GLY A 90 -5.30 7.67 -3.95
C GLY A 90 -4.38 8.12 -5.06
N LYS A 91 -4.45 9.40 -5.40
CA LYS A 91 -3.60 9.96 -6.45
C LYS A 91 -2.23 10.34 -5.90
N ASN A 92 -2.19 10.75 -4.64
CA ASN A 92 -0.95 11.15 -3.99
C ASN A 92 0.06 10.01 -4.04
N ALA A 93 -0.43 8.78 -3.92
CA ALA A 93 0.43 7.60 -3.94
C ALA A 93 0.89 7.29 -5.36
N HIS A 94 2.15 7.60 -5.65
CA HIS A 94 2.70 7.35 -6.98
C HIS A 94 3.62 6.13 -6.96
N GLY A 95 3.29 5.12 -7.77
CA GLY A 95 4.10 3.92 -7.83
C GLY A 95 3.34 2.74 -8.37
N TRP A 96 2.06 2.64 -8.03
CA TRP A 96 1.22 1.54 -8.49
C TRP A 96 0.61 1.86 -9.85
N GLN A 97 -0.04 3.02 -9.95
CA GLN A 97 -0.65 3.44 -11.20
C GLN A 97 0.34 3.38 -12.35
N GLU A 98 -0.17 3.13 -13.56
CA GLU A 98 0.67 3.04 -14.74
C GLU A 98 1.24 4.42 -15.10
N ASP A 99 2.40 4.42 -15.75
CA ASP A 99 3.05 5.65 -16.15
C ASP A 99 3.51 5.58 -17.60
N LYS A 100 3.44 6.71 -18.30
CA LYS A 100 3.85 6.78 -19.69
C LYS A 100 5.29 6.31 -19.87
N LEU A 101 5.66 5.96 -21.09
CA LEU A 101 7.00 5.50 -21.40
C LEU A 101 7.52 6.12 -22.69
N SER A 102 8.81 6.46 -22.70
CA SER A 102 9.43 7.05 -23.88
C SER A 102 10.16 6.01 -24.71
N GLY A 103 9.45 5.43 -25.67
CA GLY A 103 10.04 4.41 -26.52
C GLY A 103 9.11 3.94 -27.62
N PRO A 104 8.95 4.77 -28.66
CA PRO A 104 8.07 4.46 -29.79
C PRO A 104 8.61 3.32 -30.65
N SER A 105 7.71 2.52 -31.20
CA SER A 105 8.10 1.39 -32.05
C SER A 105 7.27 1.35 -33.32
N SER A 106 5.95 1.25 -33.16
CA SER A 106 5.04 1.19 -34.29
C SER A 106 3.65 1.71 -33.91
N GLY A 107 3.05 2.48 -34.81
CA GLY A 107 1.73 3.01 -34.55
C GLY A 107 0.85 3.05 -35.79
N GLY A 1 15.22 0.37 -11.39
CA GLY A 1 14.60 -0.89 -11.77
C GLY A 1 14.87 -2.00 -10.78
N SER A 2 14.46 -1.80 -9.54
CA SER A 2 14.67 -2.79 -8.49
C SER A 2 13.93 -2.41 -7.22
N SER A 3 13.98 -3.29 -6.22
CA SER A 3 13.31 -3.03 -4.95
C SER A 3 14.08 -2.00 -4.13
N GLY A 4 15.38 -2.21 -4.00
CA GLY A 4 16.20 -1.29 -3.24
C GLY A 4 15.96 -1.37 -1.74
N SER A 5 16.19 -2.55 -1.18
CA SER A 5 16.00 -2.76 0.25
C SER A 5 17.07 -2.06 1.07
N SER A 6 16.69 -0.96 1.72
CA SER A 6 17.62 -0.19 2.53
C SER A 6 16.89 0.90 3.32
N GLY A 7 15.97 1.58 2.65
CA GLY A 7 15.21 2.64 3.30
C GLY A 7 13.76 2.27 3.51
N SER A 8 13.02 2.15 2.41
CA SER A 8 11.60 1.80 2.48
C SER A 8 10.88 2.65 3.53
N SER A 9 10.23 3.71 3.08
CA SER A 9 9.50 4.60 3.98
C SER A 9 8.03 4.67 3.59
N HIS A 10 7.21 5.23 4.49
CA HIS A 10 5.79 5.37 4.24
C HIS A 10 5.12 4.00 4.08
N LEU A 11 4.12 3.74 4.93
CA LEU A 11 3.41 2.46 4.89
C LEU A 11 2.79 2.23 3.50
N TRP A 12 1.99 3.18 3.05
CA TRP A 12 1.34 3.08 1.75
C TRP A 12 2.29 2.49 0.72
N GLU A 13 3.57 2.87 0.80
CA GLU A 13 4.57 2.38 -0.13
C GLU A 13 4.90 0.91 0.15
N PHE A 14 5.02 0.58 1.43
CA PHE A 14 5.34 -0.79 1.85
C PHE A 14 4.24 -1.76 1.43
N VAL A 15 3.00 -1.41 1.77
CA VAL A 15 1.86 -2.24 1.42
C VAL A 15 1.68 -2.36 -0.08
N ARG A 16 2.08 -1.31 -0.79
CA ARG A 16 1.97 -1.30 -2.25
C ARG A 16 3.05 -2.15 -2.89
N ASP A 17 4.29 -1.97 -2.44
CA ASP A 17 5.41 -2.73 -2.96
C ASP A 17 5.13 -4.23 -2.90
N LEU A 18 4.33 -4.65 -1.93
CA LEU A 18 3.98 -6.05 -1.77
C LEU A 18 3.14 -6.55 -2.94
N LEU A 19 2.17 -5.74 -3.35
CA LEU A 19 1.30 -6.10 -4.47
C LEU A 19 2.11 -6.31 -5.74
N LEU A 20 3.18 -5.53 -5.90
CA LEU A 20 4.03 -5.64 -7.07
C LEU A 20 5.12 -6.69 -6.85
N SER A 21 5.28 -7.12 -5.61
CA SER A 21 6.28 -8.14 -5.27
C SER A 21 5.61 -9.40 -4.74
N PRO A 22 5.13 -10.24 -5.67
CA PRO A 22 4.46 -11.50 -5.32
C PRO A 22 5.44 -12.53 -4.75
N GLU A 23 6.71 -12.20 -4.77
CA GLU A 23 7.74 -13.10 -4.26
C GLU A 23 7.92 -12.93 -2.76
N GLU A 24 7.56 -11.75 -2.25
CA GLU A 24 7.68 -11.47 -0.83
C GLU A 24 6.32 -11.55 -0.15
N ASN A 25 5.29 -11.06 -0.82
CA ASN A 25 3.94 -11.08 -0.29
C ASN A 25 3.33 -12.48 -0.40
N CYS A 26 2.76 -12.95 0.71
CA CYS A 26 2.15 -14.27 0.74
C CYS A 26 0.64 -14.17 1.00
N GLY A 27 -0.12 -14.00 -0.08
CA GLY A 27 -1.57 -13.88 0.06
C GLY A 27 -1.97 -12.90 1.14
N ILE A 28 -1.22 -11.81 1.26
CA ILE A 28 -1.51 -10.79 2.26
C ILE A 28 -2.42 -9.71 1.70
N LEU A 29 -2.41 -9.56 0.39
CA LEU A 29 -3.25 -8.56 -0.29
C LEU A 29 -3.81 -9.10 -1.59
N GLU A 30 -4.78 -8.39 -2.16
CA GLU A 30 -5.40 -8.80 -3.41
C GLU A 30 -5.65 -7.60 -4.31
N TRP A 31 -5.60 -7.83 -5.62
CA TRP A 31 -5.83 -6.76 -6.59
C TRP A 31 -7.28 -6.75 -7.06
N GLU A 32 -8.08 -5.88 -6.47
CA GLU A 32 -9.49 -5.77 -6.83
C GLU A 32 -9.67 -4.96 -8.11
N ASP A 33 -8.71 -4.08 -8.38
CA ASP A 33 -8.75 -3.24 -9.57
C ASP A 33 -7.41 -2.54 -9.79
N ARG A 34 -6.63 -3.06 -10.74
CA ARG A 34 -5.33 -2.50 -11.05
C ARG A 34 -5.47 -1.12 -11.69
N GLU A 35 -6.47 -0.97 -12.55
CA GLU A 35 -6.72 0.29 -13.23
C GLU A 35 -7.00 1.41 -12.22
N GLN A 36 -7.91 1.14 -11.28
CA GLN A 36 -8.26 2.11 -10.26
C GLN A 36 -7.22 2.15 -9.16
N GLY A 37 -6.60 0.99 -8.89
CA GLY A 37 -5.59 0.91 -7.85
C GLY A 37 -6.17 0.45 -6.52
N ILE A 38 -7.25 -0.33 -6.58
CA ILE A 38 -7.89 -0.83 -5.38
C ILE A 38 -7.29 -2.16 -4.96
N PHE A 39 -7.12 -2.34 -3.65
CA PHE A 39 -6.55 -3.58 -3.12
C PHE A 39 -7.22 -3.96 -1.81
N ARG A 40 -7.23 -5.27 -1.52
CA ARG A 40 -7.85 -5.77 -0.30
C ARG A 40 -6.81 -6.39 0.62
N VAL A 41 -7.01 -6.23 1.93
CA VAL A 41 -6.08 -6.77 2.92
C VAL A 41 -6.51 -8.17 3.36
N VAL A 42 -6.12 -9.17 2.58
CA VAL A 42 -6.45 -10.56 2.90
C VAL A 42 -6.01 -10.93 4.30
N LYS A 43 -4.73 -10.68 4.59
CA LYS A 43 -4.18 -11.00 5.91
C LYS A 43 -3.85 -9.72 6.67
N SER A 44 -4.81 -9.23 7.44
CA SER A 44 -4.62 -8.01 8.22
C SER A 44 -3.55 -8.21 9.30
N GLU A 45 -3.42 -9.45 9.77
CA GLU A 45 -2.44 -9.78 10.79
C GLU A 45 -1.02 -9.77 10.21
N ALA A 46 -0.85 -10.48 9.10
CA ALA A 46 0.44 -10.56 8.44
C ALA A 46 0.90 -9.19 7.95
N LEU A 47 -0.05 -8.40 7.46
CA LEU A 47 0.24 -7.06 6.94
C LEU A 47 0.95 -6.23 8.01
N ALA A 48 0.34 -6.14 9.19
CA ALA A 48 0.91 -5.37 10.29
C ALA A 48 2.22 -5.99 10.78
N LYS A 49 2.18 -7.29 11.04
CA LYS A 49 3.36 -8.01 11.51
C LYS A 49 4.58 -7.70 10.62
N MET A 50 4.38 -7.81 9.31
CA MET A 50 5.45 -7.55 8.35
C MET A 50 5.85 -6.08 8.39
N TRP A 51 4.86 -5.20 8.38
CA TRP A 51 5.11 -3.76 8.39
C TRP A 51 6.01 -3.39 9.58
N GLY A 52 5.61 -3.82 10.77
CA GLY A 52 6.39 -3.52 11.96
C GLY A 52 7.86 -3.83 11.79
N GLN A 53 8.17 -4.99 11.24
CA GLN A 53 9.54 -5.41 11.02
C GLN A 53 10.33 -4.32 10.29
N ARG A 54 9.62 -3.56 9.45
CA ARG A 54 10.26 -2.49 8.68
C ARG A 54 10.56 -1.29 9.58
N LYS A 55 9.65 -1.02 10.51
CA LYS A 55 9.82 0.10 11.44
C LYS A 55 10.48 -0.36 12.73
N LYS A 56 10.85 -1.63 12.78
CA LYS A 56 11.49 -2.19 13.97
C LYS A 56 10.75 -1.78 15.23
N ASN A 57 9.43 -1.92 15.22
CA ASN A 57 8.61 -1.56 16.38
C ASN A 57 8.40 -2.76 17.29
N ASP A 58 8.12 -3.90 16.69
CA ASP A 58 7.89 -5.13 17.45
C ASP A 58 6.45 -5.20 17.96
N ARG A 59 5.88 -4.05 18.27
CA ARG A 59 4.51 -3.99 18.76
C ARG A 59 3.57 -3.49 17.67
N MET A 60 3.86 -3.84 16.42
CA MET A 60 3.03 -3.43 15.29
C MET A 60 1.85 -4.37 15.11
N THR A 61 0.67 -3.81 14.93
CA THR A 61 -0.55 -4.60 14.76
C THR A 61 -1.57 -3.85 13.90
N TYR A 62 -2.29 -4.58 13.07
CA TYR A 62 -3.30 -3.99 12.20
C TYR A 62 -3.99 -2.82 12.90
N GLU A 63 -4.31 -3.00 14.17
CA GLU A 63 -4.98 -1.96 14.96
C GLU A 63 -4.24 -0.63 14.82
N LYS A 64 -2.93 -0.66 15.02
CA LYS A 64 -2.12 0.55 14.92
C LYS A 64 -1.81 0.88 13.46
N LEU A 65 -1.48 -0.15 12.68
CA LEU A 65 -1.17 0.04 11.27
C LEU A 65 -2.28 0.82 10.57
N SER A 66 -3.53 0.50 10.90
CA SER A 66 -4.67 1.16 10.30
C SER A 66 -4.57 2.68 10.45
N ARG A 67 -3.92 3.11 11.53
CA ARG A 67 -3.75 4.53 11.80
C ARG A 67 -3.25 5.26 10.55
N ALA A 68 -2.34 4.62 9.82
CA ALA A 68 -1.78 5.20 8.61
C ALA A 68 -2.78 5.13 7.46
N LEU A 69 -3.54 4.04 7.41
CA LEU A 69 -4.53 3.85 6.36
C LEU A 69 -5.61 4.92 6.43
N ARG A 70 -6.04 5.25 7.64
CA ARG A 70 -7.08 6.26 7.84
C ARG A 70 -6.47 7.66 7.86
N TYR A 71 -5.17 7.73 8.13
CA TYR A 71 -4.46 9.01 8.19
C TYR A 71 -4.03 9.45 6.80
N TYR A 72 -4.11 8.54 5.83
CA TYR A 72 -3.72 8.83 4.47
C TYR A 72 -4.86 9.50 3.71
N TYR A 73 -6.08 9.34 4.22
CA TYR A 73 -7.25 9.93 3.60
C TYR A 73 -7.17 11.45 3.62
N LYS A 74 -6.70 12.00 4.73
CA LYS A 74 -6.58 13.45 4.86
C LYS A 74 -5.59 14.01 3.85
N THR A 75 -4.53 13.25 3.58
CA THR A 75 -3.52 13.67 2.61
C THR A 75 -3.89 13.24 1.20
N GLY A 76 -4.81 12.29 1.09
CA GLY A 76 -5.24 11.81 -0.20
C GLY A 76 -4.48 10.58 -0.65
N ILE A 77 -3.32 10.36 -0.05
CA ILE A 77 -2.51 9.19 -0.38
C ILE A 77 -3.37 7.96 -0.63
N LEU A 78 -4.33 7.74 0.25
CA LEU A 78 -5.23 6.60 0.13
C LEU A 78 -6.64 7.05 -0.27
N GLU A 79 -7.55 6.09 -0.36
CA GLU A 79 -8.93 6.39 -0.73
C GLU A 79 -9.90 5.85 0.33
N ARG A 80 -10.79 6.72 0.80
CA ARG A 80 -11.77 6.34 1.81
C ARG A 80 -12.81 5.40 1.21
N VAL A 81 -12.66 4.11 1.50
CA VAL A 81 -13.60 3.11 1.00
C VAL A 81 -14.49 2.59 2.12
N ASP A 82 -15.78 2.44 1.81
CA ASP A 82 -16.75 1.96 2.78
C ASP A 82 -16.94 0.45 2.66
N ARG A 83 -15.83 -0.27 2.52
CA ARG A 83 -15.87 -1.73 2.38
C ARG A 83 -15.14 -2.39 3.54
N ARG A 84 -15.02 -3.72 3.47
CA ARG A 84 -14.35 -4.48 4.51
C ARG A 84 -12.89 -4.76 4.13
N LEU A 85 -11.97 -4.27 4.95
CA LEU A 85 -10.55 -4.47 4.70
C LEU A 85 -10.21 -4.23 3.24
N VAL A 86 -10.80 -3.19 2.66
CA VAL A 86 -10.56 -2.85 1.26
C VAL A 86 -10.14 -1.39 1.11
N TYR A 87 -8.87 -1.19 0.78
CA TYR A 87 -8.33 0.15 0.61
C TYR A 87 -7.94 0.41 -0.84
N LYS A 88 -7.66 1.67 -1.16
CA LYS A 88 -7.28 2.04 -2.52
C LYS A 88 -6.38 3.28 -2.51
N PHE A 89 -5.34 3.25 -3.33
CA PHE A 89 -4.41 4.37 -3.41
C PHE A 89 -5.03 5.54 -4.18
N GLY A 90 -5.07 6.70 -3.54
CA GLY A 90 -5.64 7.88 -4.18
C GLY A 90 -4.77 8.39 -5.32
N LYS A 91 -4.78 9.70 -5.52
CA LYS A 91 -4.00 10.32 -6.58
C LYS A 91 -2.64 10.79 -6.06
N ASN A 92 -2.56 10.99 -4.74
CA ASN A 92 -1.32 11.44 -4.12
C ASN A 92 -0.24 10.35 -4.21
N ALA A 93 -0.68 9.10 -4.21
CA ALA A 93 0.24 7.97 -4.28
C ALA A 93 0.86 7.86 -5.67
N HIS A 94 2.19 7.75 -5.72
CA HIS A 94 2.90 7.64 -6.98
C HIS A 94 3.84 6.44 -6.97
N GLY A 95 3.69 5.57 -7.96
CA GLY A 95 4.53 4.39 -8.06
C GLY A 95 3.79 3.19 -8.61
N TRP A 96 2.56 2.98 -8.15
CA TRP A 96 1.75 1.86 -8.61
C TRP A 96 1.11 2.17 -9.96
N GLN A 97 0.39 3.30 -10.02
CA GLN A 97 -0.28 3.71 -11.24
C GLN A 97 0.68 3.70 -12.42
N GLU A 98 0.15 3.60 -13.63
CA GLU A 98 0.96 3.58 -14.83
C GLU A 98 0.94 4.94 -15.53
N ASP A 99 2.05 5.31 -16.15
CA ASP A 99 2.16 6.58 -16.85
C ASP A 99 1.85 7.74 -15.91
N LYS A 100 2.28 8.94 -16.30
CA LYS A 100 2.05 10.13 -15.49
C LYS A 100 1.96 11.38 -16.38
N LEU A 101 1.31 12.42 -15.86
CA LEU A 101 1.15 13.66 -16.60
C LEU A 101 0.34 14.67 -15.80
N SER A 102 0.24 15.90 -16.31
CA SER A 102 -0.50 16.95 -15.64
C SER A 102 -0.85 18.07 -16.61
N GLY A 103 -2.00 17.97 -17.25
CA GLY A 103 -2.43 18.98 -18.21
C GLY A 103 -3.10 18.38 -19.43
N PRO A 104 -4.01 19.16 -20.05
CA PRO A 104 -4.73 18.72 -21.24
C PRO A 104 -3.84 18.62 -22.47
N SER A 105 -2.61 19.11 -22.33
CA SER A 105 -1.64 19.08 -23.43
C SER A 105 -1.30 17.64 -23.82
N SER A 106 -1.38 17.35 -25.10
CA SER A 106 -1.08 16.01 -25.60
C SER A 106 0.42 15.81 -25.77
N GLY A 107 0.99 14.98 -24.92
CA GLY A 107 2.43 14.72 -24.99
C GLY A 107 2.76 13.24 -24.86
N GLY A 1 22.17 -7.57 -10.63
CA GLY A 1 22.61 -6.44 -9.83
C GLY A 1 23.40 -6.89 -8.60
N SER A 2 23.85 -5.91 -7.81
CA SER A 2 24.63 -6.20 -6.61
C SER A 2 24.88 -4.93 -5.80
N SER A 3 24.84 -5.06 -4.49
CA SER A 3 25.05 -3.92 -3.59
C SER A 3 23.89 -2.94 -3.69
N GLY A 4 23.70 -2.15 -2.63
CA GLY A 4 22.64 -1.18 -2.61
C GLY A 4 21.70 -1.36 -1.43
N SER A 5 20.67 -0.52 -1.36
CA SER A 5 19.71 -0.59 -0.26
C SER A 5 18.47 0.25 -0.57
N SER A 6 17.36 -0.42 -0.81
CA SER A 6 16.10 0.27 -1.11
C SER A 6 14.96 -0.25 -0.23
N GLY A 7 14.26 0.68 0.41
CA GLY A 7 13.16 0.30 1.27
C GLY A 7 11.95 1.19 1.09
N SER A 8 10.76 0.64 1.35
CA SER A 8 9.53 1.39 1.20
C SER A 8 9.55 2.64 2.07
N SER A 9 9.85 2.47 3.35
CA SER A 9 9.90 3.58 4.30
C SER A 9 8.49 3.99 4.73
N HIS A 10 7.66 4.36 3.76
CA HIS A 10 6.29 4.77 4.03
C HIS A 10 5.37 3.56 4.10
N LEU A 11 4.47 3.56 5.07
CA LEU A 11 3.52 2.46 5.24
C LEU A 11 2.81 2.15 3.92
N TRP A 12 2.18 3.16 3.35
CA TRP A 12 1.47 2.99 2.07
C TRP A 12 2.35 2.30 1.05
N GLU A 13 3.62 2.67 1.03
CA GLU A 13 4.58 2.07 0.09
C GLU A 13 4.84 0.62 0.42
N PHE A 14 4.85 0.30 1.71
CA PHE A 14 5.09 -1.07 2.17
C PHE A 14 3.95 -1.99 1.75
N VAL A 15 2.72 -1.58 2.07
CA VAL A 15 1.56 -2.38 1.72
C VAL A 15 1.38 -2.49 0.20
N ARG A 16 1.70 -1.40 -0.49
CA ARG A 16 1.58 -1.36 -1.95
C ARG A 16 2.65 -2.23 -2.59
N ASP A 17 3.89 -2.07 -2.15
CA ASP A 17 5.01 -2.83 -2.69
C ASP A 17 4.70 -4.32 -2.69
N LEU A 18 4.05 -4.79 -1.62
CA LEU A 18 3.70 -6.19 -1.49
C LEU A 18 2.96 -6.68 -2.74
N LEU A 19 2.05 -5.85 -3.25
CA LEU A 19 1.28 -6.20 -4.44
C LEU A 19 2.19 -6.33 -5.65
N LEU A 20 3.15 -5.42 -5.77
CA LEU A 20 4.09 -5.42 -6.90
C LEU A 20 5.19 -6.46 -6.67
N SER A 21 5.37 -6.86 -5.41
CA SER A 21 6.40 -7.83 -5.07
C SER A 21 5.76 -9.14 -4.57
N PRO A 22 5.33 -9.97 -5.52
CA PRO A 22 4.69 -11.25 -5.21
C PRO A 22 5.69 -12.27 -4.64
N GLU A 23 6.97 -11.96 -4.76
CA GLU A 23 8.02 -12.84 -4.26
C GLU A 23 8.11 -12.77 -2.74
N GLU A 24 7.73 -11.61 -2.19
CA GLU A 24 7.77 -11.41 -0.73
C GLU A 24 6.37 -11.54 -0.13
N ASN A 25 5.39 -10.92 -0.79
CA ASN A 25 4.02 -10.96 -0.32
C ASN A 25 3.43 -12.37 -0.47
N CYS A 26 2.88 -12.89 0.62
CA CYS A 26 2.29 -14.21 0.62
C CYS A 26 0.79 -14.15 0.90
N GLY A 27 0.01 -13.92 -0.15
CA GLY A 27 -1.43 -13.83 0.02
C GLY A 27 -1.84 -12.84 1.09
N ILE A 28 -1.12 -11.72 1.15
CA ILE A 28 -1.41 -10.69 2.14
C ILE A 28 -2.40 -9.67 1.59
N LEU A 29 -2.30 -9.39 0.30
CA LEU A 29 -3.19 -8.43 -0.35
C LEU A 29 -3.73 -9.00 -1.66
N GLU A 30 -4.67 -8.28 -2.27
CA GLU A 30 -5.28 -8.71 -3.52
C GLU A 30 -5.61 -7.51 -4.41
N TRP A 31 -5.44 -7.69 -5.71
CA TRP A 31 -5.71 -6.62 -6.67
C TRP A 31 -7.17 -6.65 -7.11
N GLU A 32 -8.01 -5.84 -6.47
CA GLU A 32 -9.42 -5.78 -6.80
C GLU A 32 -9.65 -4.98 -8.08
N ASP A 33 -8.74 -4.06 -8.36
CA ASP A 33 -8.83 -3.23 -9.56
C ASP A 33 -7.51 -2.51 -9.83
N ARG A 34 -6.79 -2.97 -10.85
CA ARG A 34 -5.51 -2.38 -11.21
C ARG A 34 -5.70 -0.97 -11.77
N GLU A 35 -6.72 -0.80 -12.62
CA GLU A 35 -7.01 0.49 -13.21
C GLU A 35 -7.32 1.54 -12.14
N GLN A 36 -8.26 1.19 -11.26
CA GLN A 36 -8.65 2.10 -10.19
C GLN A 36 -7.59 2.13 -9.08
N GLY A 37 -6.93 1.00 -8.88
CA GLY A 37 -5.90 0.92 -7.85
C GLY A 37 -6.45 0.42 -6.53
N ILE A 38 -7.52 -0.35 -6.59
CA ILE A 38 -8.14 -0.90 -5.38
C ILE A 38 -7.50 -2.22 -4.99
N PHE A 39 -7.23 -2.38 -3.70
CA PHE A 39 -6.61 -3.60 -3.19
C PHE A 39 -7.28 -4.04 -1.89
N ARG A 40 -7.31 -5.35 -1.66
CA ARG A 40 -7.92 -5.90 -0.46
C ARG A 40 -6.86 -6.48 0.47
N VAL A 41 -7.07 -6.31 1.77
CA VAL A 41 -6.13 -6.81 2.77
C VAL A 41 -6.51 -8.21 3.23
N VAL A 42 -6.11 -9.22 2.45
CA VAL A 42 -6.41 -10.61 2.77
C VAL A 42 -5.94 -10.95 4.18
N LYS A 43 -4.69 -10.62 4.49
CA LYS A 43 -4.13 -10.90 5.80
C LYS A 43 -3.85 -9.60 6.55
N SER A 44 -4.70 -9.29 7.53
CA SER A 44 -4.55 -8.07 8.32
C SER A 44 -3.48 -8.25 9.39
N GLU A 45 -3.20 -9.51 9.74
CA GLU A 45 -2.21 -9.82 10.75
C GLU A 45 -0.82 -9.89 10.14
N ALA A 46 -0.75 -10.30 8.87
CA ALA A 46 0.51 -10.41 8.16
C ALA A 46 1.00 -9.05 7.69
N LEU A 47 0.07 -8.21 7.24
CA LEU A 47 0.40 -6.87 6.77
C LEU A 47 1.03 -6.03 7.87
N ALA A 48 0.47 -6.14 9.06
CA ALA A 48 0.97 -5.39 10.21
C ALA A 48 2.27 -5.99 10.73
N LYS A 49 2.29 -7.31 10.90
CA LYS A 49 3.46 -8.01 11.39
C LYS A 49 4.68 -7.68 10.54
N MET A 50 4.54 -7.81 9.23
CA MET A 50 5.63 -7.52 8.30
C MET A 50 5.99 -6.03 8.34
N TRP A 51 4.96 -5.18 8.34
CA TRP A 51 5.18 -3.74 8.37
C TRP A 51 6.02 -3.33 9.57
N GLY A 52 5.63 -3.81 10.74
CA GLY A 52 6.36 -3.48 11.96
C GLY A 52 7.85 -3.73 11.82
N GLN A 53 8.20 -4.90 11.29
CA GLN A 53 9.60 -5.26 11.10
C GLN A 53 10.35 -4.15 10.36
N ARG A 54 9.65 -3.44 9.49
CA ARG A 54 10.25 -2.36 8.73
C ARG A 54 10.53 -1.15 9.61
N LYS A 55 9.60 -0.87 10.52
CA LYS A 55 9.75 0.27 11.43
C LYS A 55 10.33 -0.18 12.76
N LYS A 56 10.81 -1.42 12.81
CA LYS A 56 11.41 -1.97 14.02
C LYS A 56 10.42 -1.90 15.18
N ASN A 57 9.13 -2.03 14.86
CA ASN A 57 8.08 -1.99 15.88
C ASN A 57 7.62 -3.40 16.24
N ASP A 58 8.27 -4.01 17.22
CA ASP A 58 7.92 -5.35 17.65
C ASP A 58 6.47 -5.41 18.13
N ARG A 59 5.88 -4.24 18.36
CA ARG A 59 4.50 -4.16 18.82
C ARG A 59 3.60 -3.62 17.71
N MET A 60 3.88 -4.00 16.48
CA MET A 60 3.11 -3.56 15.33
C MET A 60 1.88 -4.45 15.13
N THR A 61 0.73 -3.83 14.88
CA THR A 61 -0.50 -4.57 14.67
C THR A 61 -1.49 -3.76 13.83
N TYR A 62 -2.33 -4.47 13.07
CA TYR A 62 -3.32 -3.82 12.21
C TYR A 62 -3.96 -2.63 12.92
N GLU A 63 -4.34 -2.84 14.18
CA GLU A 63 -4.98 -1.79 14.96
C GLU A 63 -4.18 -0.49 14.87
N LYS A 64 -2.86 -0.61 14.89
CA LYS A 64 -1.99 0.55 14.80
C LYS A 64 -1.70 0.92 13.35
N LEU A 65 -1.34 -0.09 12.56
CA LEU A 65 -1.03 0.12 11.15
C LEU A 65 -2.14 0.93 10.48
N SER A 66 -3.38 0.64 10.83
CA SER A 66 -4.53 1.34 10.25
C SER A 66 -4.43 2.84 10.48
N ARG A 67 -3.81 3.21 11.60
CA ARG A 67 -3.64 4.62 11.94
C ARG A 67 -3.17 5.42 10.74
N ALA A 68 -2.26 4.84 9.97
CA ALA A 68 -1.73 5.50 8.78
C ALA A 68 -2.72 5.41 7.61
N LEU A 69 -3.46 4.32 7.55
CA LEU A 69 -4.44 4.10 6.49
C LEU A 69 -5.57 5.12 6.60
N ARG A 70 -6.01 5.39 7.82
CA ARG A 70 -7.09 6.35 8.04
C ARG A 70 -6.56 7.78 8.06
N TYR A 71 -5.25 7.92 8.24
CA TYR A 71 -4.61 9.23 8.27
C TYR A 71 -4.23 9.69 6.87
N TYR A 72 -4.19 8.74 5.94
CA TYR A 72 -3.83 9.04 4.56
C TYR A 72 -5.01 9.67 3.82
N TYR A 73 -6.21 9.52 4.38
CA TYR A 73 -7.41 10.07 3.77
C TYR A 73 -7.41 11.59 3.85
N LYS A 74 -6.39 12.14 4.49
CA LYS A 74 -6.27 13.58 4.62
C LYS A 74 -5.32 14.16 3.58
N THR A 75 -4.27 13.41 3.27
CA THR A 75 -3.28 13.84 2.29
C THR A 75 -3.64 13.33 0.90
N GLY A 76 -4.64 12.46 0.83
CA GLY A 76 -5.05 11.91 -0.45
C GLY A 76 -4.36 10.61 -0.78
N ILE A 77 -3.24 10.35 -0.10
CA ILE A 77 -2.48 9.12 -0.33
C ILE A 77 -3.39 7.94 -0.53
N LEU A 78 -4.41 7.82 0.32
CA LEU A 78 -5.37 6.73 0.23
C LEU A 78 -6.78 7.25 -0.04
N GLU A 79 -7.67 6.35 -0.43
CA GLU A 79 -9.05 6.72 -0.72
C GLU A 79 -10.02 6.01 0.21
N ARG A 80 -10.74 6.78 1.02
CA ARG A 80 -11.70 6.22 1.97
C ARG A 80 -12.68 5.28 1.26
N VAL A 81 -12.62 4.00 1.62
CA VAL A 81 -13.50 3.00 1.03
C VAL A 81 -14.60 2.59 2.00
N ASP A 82 -15.77 2.27 1.45
CA ASP A 82 -16.91 1.86 2.27
C ASP A 82 -17.06 0.35 2.26
N ARG A 83 -15.93 -0.36 2.32
CA ARG A 83 -15.94 -1.82 2.33
C ARG A 83 -15.10 -2.37 3.48
N ARG A 84 -15.05 -3.69 3.59
CA ARG A 84 -14.29 -4.34 4.65
C ARG A 84 -12.93 -4.80 4.13
N LEU A 85 -11.88 -4.49 4.89
CA LEU A 85 -10.53 -4.87 4.51
C LEU A 85 -10.28 -4.62 3.02
N VAL A 86 -10.76 -3.47 2.54
CA VAL A 86 -10.59 -3.10 1.13
C VAL A 86 -10.27 -1.62 0.99
N TYR A 87 -9.00 -1.32 0.72
CA TYR A 87 -8.57 0.07 0.55
C TYR A 87 -8.22 0.35 -0.91
N LYS A 88 -7.97 1.63 -1.20
CA LYS A 88 -7.62 2.04 -2.56
C LYS A 88 -6.70 3.25 -2.54
N PHE A 89 -5.57 3.14 -3.23
CA PHE A 89 -4.60 4.23 -3.29
C PHE A 89 -5.15 5.41 -4.08
N GLY A 90 -5.01 6.61 -3.52
CA GLY A 90 -5.49 7.80 -4.18
C GLY A 90 -4.58 8.26 -5.29
N LYS A 91 -4.56 9.56 -5.55
CA LYS A 91 -3.73 10.13 -6.60
C LYS A 91 -2.39 10.59 -6.04
N ASN A 92 -2.32 10.72 -4.72
CA ASN A 92 -1.10 11.16 -4.06
C ASN A 92 0.00 10.08 -4.16
N ALA A 93 -0.44 8.82 -4.16
CA ALA A 93 0.49 7.70 -4.25
C ALA A 93 0.99 7.52 -5.68
N HIS A 94 2.27 7.21 -5.83
CA HIS A 94 2.86 7.00 -7.14
C HIS A 94 3.52 5.64 -7.24
N GLY A 95 3.52 5.06 -8.45
CA GLY A 95 4.12 3.75 -8.64
C GLY A 95 3.11 2.72 -9.08
N TRP A 96 1.92 2.77 -8.50
CA TRP A 96 0.86 1.83 -8.85
C TRP A 96 0.12 2.26 -10.11
N GLN A 97 -0.16 3.55 -10.20
CA GLN A 97 -0.86 4.10 -11.37
C GLN A 97 -0.18 3.66 -12.66
N GLU A 98 -0.98 3.55 -13.72
CA GLU A 98 -0.46 3.14 -15.02
C GLU A 98 -0.04 4.35 -15.85
N ASP A 99 0.97 4.16 -16.69
CA ASP A 99 1.47 5.23 -17.54
C ASP A 99 2.00 6.40 -16.69
N LYS A 100 3.13 6.94 -17.09
CA LYS A 100 3.75 8.06 -16.37
C LYS A 100 3.86 9.29 -17.27
N LEU A 101 2.80 10.08 -17.33
CA LEU A 101 2.78 11.29 -18.14
C LEU A 101 2.88 12.53 -17.27
N SER A 102 3.80 13.43 -17.62
CA SER A 102 3.99 14.66 -16.88
C SER A 102 2.93 15.69 -17.24
N GLY A 103 2.95 16.83 -16.55
CA GLY A 103 1.99 17.88 -16.82
C GLY A 103 2.64 19.25 -16.92
N PRO A 104 1.83 20.31 -16.71
CA PRO A 104 2.31 21.69 -16.78
C PRO A 104 3.23 22.03 -15.62
N SER A 105 4.53 22.14 -15.90
CA SER A 105 5.51 22.48 -14.88
C SER A 105 4.93 23.43 -13.85
N SER A 106 4.31 24.50 -14.33
CA SER A 106 3.72 25.51 -13.44
C SER A 106 4.66 25.85 -12.30
N GLY A 107 5.46 26.90 -12.51
CA GLY A 107 6.40 27.32 -11.49
C GLY A 107 6.99 26.15 -10.72
N GLY A 1 19.31 0.09 -9.04
CA GLY A 1 19.53 1.11 -8.03
C GLY A 1 18.29 1.38 -7.20
N SER A 2 17.59 0.32 -6.82
CA SER A 2 16.38 0.45 -6.03
C SER A 2 16.71 0.55 -4.55
N SER A 3 17.08 1.75 -4.11
CA SER A 3 17.43 1.97 -2.71
C SER A 3 17.27 3.45 -2.34
N GLY A 4 16.55 3.70 -1.25
CA GLY A 4 16.34 5.07 -0.80
C GLY A 4 17.52 5.62 -0.02
N SER A 5 17.46 5.50 1.30
CA SER A 5 18.52 6.00 2.16
C SER A 5 18.52 7.53 2.20
N SER A 6 17.33 8.11 2.28
CA SER A 6 17.20 9.56 2.32
C SER A 6 15.73 9.97 2.41
N GLY A 7 14.89 9.29 1.62
CA GLY A 7 13.46 9.60 1.62
C GLY A 7 12.62 8.39 1.27
N SER A 8 12.76 7.33 2.06
CA SER A 8 12.00 6.10 1.83
C SER A 8 11.44 5.55 3.14
N SER A 9 10.43 6.22 3.68
CA SER A 9 9.81 5.80 4.93
C SER A 9 8.31 6.09 4.93
N HIS A 10 7.54 5.17 4.34
CA HIS A 10 6.10 5.33 4.27
C HIS A 10 5.41 3.97 4.21
N LEU A 11 4.24 3.87 4.81
CA LEU A 11 3.47 2.64 4.82
C LEU A 11 2.81 2.39 3.47
N TRP A 12 2.01 3.36 3.02
CA TRP A 12 1.33 3.24 1.74
C TRP A 12 2.22 2.61 0.69
N GLU A 13 3.51 2.94 0.74
CA GLU A 13 4.48 2.41 -0.22
C GLU A 13 4.82 0.95 0.11
N PHE A 14 4.97 0.66 1.40
CA PHE A 14 5.29 -0.68 1.85
C PHE A 14 4.21 -1.67 1.43
N VAL A 15 2.96 -1.33 1.72
CA VAL A 15 1.83 -2.18 1.38
C VAL A 15 1.63 -2.24 -0.13
N ARG A 16 1.82 -1.11 -0.79
CA ARG A 16 1.66 -1.04 -2.24
C ARG A 16 2.71 -1.89 -2.95
N ASP A 17 3.92 -1.87 -2.42
CA ASP A 17 5.02 -2.65 -3.00
C ASP A 17 4.66 -4.13 -3.08
N LEU A 18 4.10 -4.66 -1.99
CA LEU A 18 3.71 -6.06 -1.94
C LEU A 18 2.88 -6.44 -3.15
N LEU A 19 1.94 -5.58 -3.52
CA LEU A 19 1.09 -5.83 -4.68
C LEU A 19 1.92 -5.99 -5.95
N LEU A 20 3.06 -5.31 -6.00
CA LEU A 20 3.94 -5.38 -7.17
C LEU A 20 5.10 -6.34 -6.90
N SER A 21 5.20 -6.82 -5.66
CA SER A 21 6.27 -7.74 -5.28
C SER A 21 5.69 -9.07 -4.82
N PRO A 22 5.36 -9.94 -5.78
CA PRO A 22 4.79 -11.26 -5.49
C PRO A 22 5.81 -12.21 -4.87
N GLU A 23 7.06 -11.75 -4.79
CA GLU A 23 8.13 -12.55 -4.21
C GLU A 23 8.15 -12.41 -2.69
N GLU A 24 7.71 -11.26 -2.21
CA GLU A 24 7.67 -10.99 -0.77
C GLU A 24 6.27 -11.15 -0.21
N ASN A 25 5.29 -10.60 -0.94
CA ASN A 25 3.89 -10.68 -0.53
C ASN A 25 3.40 -12.13 -0.56
N CYS A 26 2.91 -12.60 0.59
CA CYS A 26 2.40 -13.96 0.69
C CYS A 26 0.91 -13.96 0.98
N GLY A 27 0.10 -13.94 -0.08
CA GLY A 27 -1.34 -13.93 0.08
C GLY A 27 -1.80 -12.95 1.13
N ILE A 28 -1.10 -11.82 1.24
CA ILE A 28 -1.45 -10.79 2.21
C ILE A 28 -2.42 -9.78 1.63
N LEU A 29 -2.24 -9.47 0.34
CA LEU A 29 -3.11 -8.52 -0.34
C LEU A 29 -3.62 -9.10 -1.66
N GLU A 30 -4.58 -8.41 -2.27
CA GLU A 30 -5.14 -8.85 -3.54
C GLU A 30 -5.50 -7.66 -4.42
N TRP A 31 -5.39 -7.84 -5.73
CA TRP A 31 -5.71 -6.78 -6.68
C TRP A 31 -7.17 -6.84 -7.09
N GLU A 32 -7.99 -5.96 -6.52
CA GLU A 32 -9.41 -5.92 -6.84
C GLU A 32 -9.65 -5.21 -8.16
N ASP A 33 -8.80 -4.24 -8.47
CA ASP A 33 -8.92 -3.48 -9.70
C ASP A 33 -7.66 -2.66 -9.96
N ARG A 34 -6.72 -3.24 -10.69
CA ARG A 34 -5.46 -2.58 -11.01
C ARG A 34 -5.72 -1.20 -11.61
N GLU A 35 -6.79 -1.09 -12.37
CA GLU A 35 -7.15 0.18 -13.00
C GLU A 35 -7.58 1.21 -11.96
N GLN A 36 -8.44 0.79 -11.05
CA GLN A 36 -8.92 1.68 -9.99
C GLN A 36 -7.95 1.71 -8.82
N GLY A 37 -6.90 0.89 -8.89
CA GLY A 37 -5.92 0.83 -7.84
C GLY A 37 -6.51 0.35 -6.52
N ILE A 38 -7.61 -0.40 -6.61
CA ILE A 38 -8.26 -0.94 -5.42
C ILE A 38 -7.68 -2.30 -5.03
N PHE A 39 -7.24 -2.41 -3.79
CA PHE A 39 -6.67 -3.65 -3.29
C PHE A 39 -7.33 -4.07 -1.98
N ARG A 40 -7.20 -5.36 -1.65
CA ARG A 40 -7.80 -5.89 -0.43
C ARG A 40 -6.73 -6.51 0.47
N VAL A 41 -6.99 -6.53 1.77
CA VAL A 41 -6.05 -7.11 2.74
C VAL A 41 -6.50 -8.49 3.18
N VAL A 42 -6.12 -9.51 2.41
CA VAL A 42 -6.48 -10.88 2.73
C VAL A 42 -6.04 -11.26 4.14
N LYS A 43 -4.87 -10.77 4.53
CA LYS A 43 -4.32 -11.06 5.86
C LYS A 43 -4.14 -9.77 6.65
N SER A 44 -4.92 -9.61 7.71
CA SER A 44 -4.85 -8.42 8.55
C SER A 44 -3.83 -8.60 9.66
N GLU A 45 -3.50 -9.87 9.96
CA GLU A 45 -2.54 -10.18 11.00
C GLU A 45 -1.13 -10.27 10.44
N ALA A 46 -1.03 -10.65 9.16
CA ALA A 46 0.27 -10.76 8.50
C ALA A 46 0.75 -9.40 8.00
N LEU A 47 -0.19 -8.54 7.63
CA LEU A 47 0.14 -7.21 7.12
C LEU A 47 0.87 -6.40 8.20
N ALA A 48 0.30 -6.35 9.39
CA ALA A 48 0.88 -5.62 10.50
C ALA A 48 2.22 -6.21 10.90
N LYS A 49 2.26 -7.53 11.03
CA LYS A 49 3.49 -8.23 11.42
C LYS A 49 4.64 -7.85 10.50
N MET A 50 4.40 -7.92 9.19
CA MET A 50 5.42 -7.57 8.20
C MET A 50 5.86 -6.12 8.36
N TRP A 51 4.89 -5.23 8.51
CA TRP A 51 5.18 -3.81 8.67
C TRP A 51 6.08 -3.57 9.88
N GLY A 52 5.65 -4.06 11.04
CA GLY A 52 6.44 -3.89 12.25
C GLY A 52 7.91 -4.15 12.02
N GLN A 53 8.22 -5.19 11.28
CA GLN A 53 9.60 -5.56 10.99
C GLN A 53 10.37 -4.36 10.41
N ARG A 54 9.72 -3.62 9.52
CA ARG A 54 10.34 -2.46 8.90
C ARG A 54 10.54 -1.35 9.91
N LYS A 55 9.61 -1.23 10.86
CA LYS A 55 9.68 -0.21 11.89
C LYS A 55 10.19 -0.79 13.20
N LYS A 56 10.82 -1.97 13.13
CA LYS A 56 11.36 -2.64 14.30
C LYS A 56 10.44 -2.43 15.51
N ASN A 57 9.14 -2.35 15.25
CA ASN A 57 8.16 -2.14 16.32
C ASN A 57 7.56 -3.47 16.76
N ASP A 58 8.15 -4.07 17.78
CA ASP A 58 7.67 -5.34 18.31
C ASP A 58 6.23 -5.23 18.79
N ARG A 59 5.73 -4.00 18.85
CA ARG A 59 4.36 -3.76 19.30
C ARG A 59 3.47 -3.37 18.11
N MET A 60 3.91 -3.74 16.91
CA MET A 60 3.15 -3.44 15.70
C MET A 60 1.91 -4.32 15.60
N THR A 61 0.78 -3.71 15.23
CA THR A 61 -0.47 -4.45 15.10
C THR A 61 -1.40 -3.77 14.10
N TYR A 62 -2.15 -4.57 13.37
CA TYR A 62 -3.09 -4.05 12.37
C TYR A 62 -3.82 -2.84 12.91
N GLU A 63 -4.02 -2.79 14.23
CA GLU A 63 -4.71 -1.69 14.86
C GLU A 63 -3.88 -0.41 14.79
N LYS A 64 -2.58 -0.54 15.03
CA LYS A 64 -1.66 0.59 14.99
C LYS A 64 -1.24 0.91 13.57
N LEU A 65 -1.20 -0.13 12.73
CA LEU A 65 -0.81 0.04 11.33
C LEU A 65 -1.88 0.81 10.56
N SER A 66 -3.14 0.48 10.80
CA SER A 66 -4.26 1.13 10.12
C SER A 66 -4.29 2.62 10.45
N ARG A 67 -3.67 2.99 11.57
CA ARG A 67 -3.62 4.39 11.99
C ARG A 67 -3.14 5.28 10.84
N ALA A 68 -2.25 4.74 10.02
CA ALA A 68 -1.71 5.50 8.89
C ALA A 68 -2.60 5.36 7.67
N LEU A 69 -3.34 4.25 7.59
CA LEU A 69 -4.23 4.01 6.47
C LEU A 69 -5.37 5.03 6.44
N ARG A 70 -5.82 5.44 7.62
CA ARG A 70 -6.90 6.41 7.73
C ARG A 70 -6.35 7.84 7.68
N TYR A 71 -5.10 8.00 8.08
CA TYR A 71 -4.45 9.30 8.08
C TYR A 71 -4.06 9.73 6.67
N TYR A 72 -4.06 8.76 5.75
CA TYR A 72 -3.71 9.03 4.36
C TYR A 72 -4.87 9.69 3.61
N TYR A 73 -6.07 9.56 4.18
CA TYR A 73 -7.27 10.14 3.57
C TYR A 73 -7.22 11.66 3.65
N LYS A 74 -6.33 12.18 4.47
CA LYS A 74 -6.18 13.63 4.63
C LYS A 74 -5.24 14.20 3.59
N THR A 75 -4.16 13.48 3.31
CA THR A 75 -3.18 13.92 2.33
C THR A 75 -3.56 13.47 0.92
N GLY A 76 -4.50 12.53 0.84
CA GLY A 76 -4.95 12.04 -0.45
C GLY A 76 -4.26 10.76 -0.84
N ILE A 77 -3.18 10.42 -0.13
CA ILE A 77 -2.42 9.21 -0.42
C ILE A 77 -3.36 8.02 -0.66
N LEU A 78 -4.34 7.87 0.21
CA LEU A 78 -5.31 6.78 0.10
C LEU A 78 -6.70 7.31 -0.22
N GLU A 79 -7.63 6.40 -0.50
CA GLU A 79 -9.00 6.78 -0.82
C GLU A 79 -9.99 6.05 0.09
N ARG A 80 -10.83 6.81 0.77
CA ARG A 80 -11.82 6.24 1.67
C ARG A 80 -12.73 5.27 0.93
N VAL A 81 -12.77 4.02 1.40
CA VAL A 81 -13.60 2.99 0.79
C VAL A 81 -14.70 2.53 1.74
N ASP A 82 -15.86 2.20 1.17
CA ASP A 82 -16.99 1.74 1.96
C ASP A 82 -16.97 0.22 2.11
N ARG A 83 -15.78 -0.36 2.07
CA ARG A 83 -15.63 -1.79 2.20
C ARG A 83 -14.49 -2.15 3.16
N ARG A 84 -14.73 -3.12 4.03
CA ARG A 84 -13.73 -3.55 5.00
C ARG A 84 -12.55 -4.21 4.30
N LEU A 85 -11.41 -4.30 5.00
CA LEU A 85 -10.22 -4.92 4.44
C LEU A 85 -10.08 -4.61 2.96
N VAL A 86 -10.57 -3.44 2.56
CA VAL A 86 -10.50 -3.01 1.16
C VAL A 86 -10.12 -1.54 1.06
N TYR A 87 -8.89 -1.27 0.65
CA TYR A 87 -8.41 0.09 0.50
C TYR A 87 -8.12 0.42 -0.96
N LYS A 88 -7.90 1.69 -1.24
CA LYS A 88 -7.61 2.14 -2.61
C LYS A 88 -6.72 3.37 -2.59
N PHE A 89 -5.61 3.31 -3.33
CA PHE A 89 -4.68 4.42 -3.41
C PHE A 89 -5.30 5.61 -4.13
N GLY A 90 -5.12 6.80 -3.56
CA GLY A 90 -5.67 8.01 -4.16
C GLY A 90 -4.81 8.54 -5.29
N LYS A 91 -4.79 9.86 -5.45
CA LYS A 91 -4.01 10.50 -6.50
C LYS A 91 -2.62 10.85 -6.00
N ASN A 92 -2.50 11.02 -4.68
CA ASN A 92 -1.22 11.38 -4.07
C ASN A 92 -0.21 10.26 -4.26
N ALA A 93 -0.70 9.02 -4.29
CA ALA A 93 0.17 7.86 -4.46
C ALA A 93 0.66 7.75 -5.91
N HIS A 94 1.80 7.12 -6.09
CA HIS A 94 2.38 6.95 -7.42
C HIS A 94 2.99 5.55 -7.57
N GLY A 95 3.29 5.18 -8.81
CA GLY A 95 3.88 3.87 -9.07
C GLY A 95 2.84 2.84 -9.47
N TRP A 96 1.67 2.89 -8.83
CA TRP A 96 0.60 1.96 -9.12
C TRP A 96 -0.25 2.45 -10.30
N GLN A 97 -0.44 3.76 -10.37
CA GLN A 97 -1.22 4.35 -11.45
C GLN A 97 -0.72 3.90 -12.81
N GLU A 98 -1.56 4.04 -13.83
CA GLU A 98 -1.20 3.63 -15.18
C GLU A 98 -0.72 4.83 -15.99
N ASP A 99 0.09 4.57 -17.00
CA ASP A 99 0.62 5.62 -17.86
C ASP A 99 0.28 5.36 -19.32
N LYS A 100 0.51 6.36 -20.16
CA LYS A 100 0.23 6.24 -21.59
C LYS A 100 1.47 5.82 -22.36
N LEU A 101 1.26 5.28 -23.56
CA LEU A 101 2.38 4.84 -24.40
C LEU A 101 2.39 5.60 -25.72
N SER A 102 3.55 6.16 -26.05
CA SER A 102 3.71 6.92 -27.29
C SER A 102 5.17 7.24 -27.56
N GLY A 103 5.80 7.95 -26.62
CA GLY A 103 7.19 8.32 -26.77
C GLY A 103 8.12 7.29 -26.15
N PRO A 104 9.30 7.12 -26.77
CA PRO A 104 10.30 6.15 -26.30
C PRO A 104 10.95 6.58 -24.99
N SER A 105 10.72 5.81 -23.94
CA SER A 105 11.27 6.11 -22.62
C SER A 105 11.79 4.84 -21.95
N SER A 106 12.61 5.02 -20.92
CA SER A 106 13.19 3.90 -20.20
C SER A 106 12.18 3.33 -19.20
N GLY A 107 12.50 2.15 -18.66
CA GLY A 107 11.61 1.51 -17.71
C GLY A 107 12.30 0.43 -16.90
N GLY A 1 15.89 3.33 -7.22
CA GLY A 1 16.45 4.52 -6.59
C GLY A 1 17.52 4.19 -5.57
N SER A 2 17.99 5.20 -4.85
CA SER A 2 19.04 5.00 -3.85
C SER A 2 18.45 5.09 -2.45
N SER A 3 17.93 3.96 -1.96
CA SER A 3 17.34 3.91 -0.64
C SER A 3 17.74 2.61 0.09
N GLY A 4 19.00 2.23 -0.05
CA GLY A 4 19.49 1.02 0.58
C GLY A 4 19.07 -0.23 -0.16
N SER A 5 19.50 -1.39 0.33
CA SER A 5 19.18 -2.67 -0.31
C SER A 5 17.69 -2.97 -0.16
N SER A 6 17.12 -2.61 0.98
CA SER A 6 15.71 -2.85 1.25
C SER A 6 15.23 -2.04 2.45
N GLY A 7 14.05 -1.46 2.32
CA GLY A 7 13.50 -0.66 3.41
C GLY A 7 12.69 0.53 2.91
N SER A 8 11.63 0.86 3.63
CA SER A 8 10.77 1.97 3.25
C SER A 8 10.39 2.81 4.48
N SER A 9 9.81 3.98 4.23
CA SER A 9 9.40 4.87 5.31
C SER A 9 7.89 5.04 5.33
N HIS A 10 7.29 5.16 4.14
CA HIS A 10 5.85 5.33 4.02
C HIS A 10 5.15 3.98 3.89
N LEU A 11 4.17 3.75 4.75
CA LEU A 11 3.42 2.49 4.74
C LEU A 11 2.80 2.23 3.37
N TRP A 12 2.00 3.20 2.91
CA TRP A 12 1.35 3.07 1.61
C TRP A 12 2.30 2.48 0.57
N GLU A 13 3.58 2.81 0.69
CA GLU A 13 4.58 2.30 -0.23
C GLU A 13 4.91 0.84 0.06
N PHE A 14 4.98 0.50 1.35
CA PHE A 14 5.28 -0.85 1.77
C PHE A 14 4.19 -1.82 1.31
N VAL A 15 2.95 -1.51 1.65
CA VAL A 15 1.81 -2.34 1.29
C VAL A 15 1.66 -2.42 -0.23
N ARG A 16 1.94 -1.31 -0.90
CA ARG A 16 1.84 -1.26 -2.36
C ARG A 16 2.91 -2.11 -3.02
N ASP A 17 4.15 -1.94 -2.56
CA ASP A 17 5.28 -2.69 -3.12
C ASP A 17 4.99 -4.20 -3.09
N LEU A 18 4.25 -4.63 -2.06
CA LEU A 18 3.91 -6.04 -1.92
C LEU A 18 3.04 -6.51 -3.08
N LEU A 19 2.01 -5.72 -3.41
CA LEU A 19 1.11 -6.05 -4.51
C LEU A 19 1.87 -6.17 -5.82
N LEU A 20 2.95 -5.41 -5.95
CA LEU A 20 3.76 -5.43 -7.16
C LEU A 20 4.88 -6.46 -7.04
N SER A 21 5.15 -6.90 -5.81
CA SER A 21 6.20 -7.88 -5.56
C SER A 21 5.60 -9.19 -5.05
N PRO A 22 5.11 -10.02 -5.98
CA PRO A 22 4.51 -11.31 -5.64
C PRO A 22 5.54 -12.33 -5.16
N GLU A 23 6.80 -11.92 -5.15
CA GLU A 23 7.89 -12.79 -4.70
C GLU A 23 8.10 -12.66 -3.20
N GLU A 24 7.72 -11.50 -2.65
CA GLU A 24 7.88 -11.26 -1.22
C GLU A 24 6.56 -11.43 -0.49
N ASN A 25 5.48 -10.94 -1.10
CA ASN A 25 4.16 -11.04 -0.50
C ASN A 25 3.63 -12.47 -0.58
N CYS A 26 3.11 -12.96 0.53
CA CYS A 26 2.58 -14.32 0.59
C CYS A 26 1.08 -14.29 0.89
N GLY A 27 0.27 -14.21 -0.17
CA GLY A 27 -1.17 -14.18 0.01
C GLY A 27 -1.60 -13.23 1.11
N ILE A 28 -0.98 -12.06 1.16
CA ILE A 28 -1.31 -11.07 2.18
C ILE A 28 -2.32 -10.05 1.65
N LEU A 29 -2.28 -9.81 0.34
CA LEU A 29 -3.20 -8.87 -0.29
C LEU A 29 -3.65 -9.37 -1.65
N GLU A 30 -4.66 -8.72 -2.21
CA GLU A 30 -5.18 -9.11 -3.52
C GLU A 30 -5.52 -7.88 -4.35
N TRP A 31 -5.36 -7.99 -5.67
CA TRP A 31 -5.65 -6.89 -6.58
C TRP A 31 -7.11 -6.89 -6.99
N GLU A 32 -7.89 -5.99 -6.36
CA GLU A 32 -9.32 -5.90 -6.66
C GLU A 32 -9.55 -5.09 -7.94
N ASP A 33 -8.64 -4.16 -8.21
CA ASP A 33 -8.75 -3.31 -9.40
C ASP A 33 -7.41 -2.65 -9.72
N ARG A 34 -6.73 -3.16 -10.73
CA ARG A 34 -5.44 -2.62 -11.14
C ARG A 34 -5.59 -1.20 -11.68
N GLU A 35 -6.64 -0.98 -12.47
CA GLU A 35 -6.90 0.32 -13.05
C GLU A 35 -7.14 1.37 -11.97
N GLN A 36 -8.10 1.08 -11.10
CA GLN A 36 -8.46 1.99 -10.01
C GLN A 36 -7.40 1.94 -8.91
N GLY A 37 -6.72 0.81 -8.79
CA GLY A 37 -5.70 0.65 -7.78
C GLY A 37 -6.27 0.20 -6.45
N ILE A 38 -7.41 -0.49 -6.50
CA ILE A 38 -8.06 -0.98 -5.29
C ILE A 38 -7.51 -2.35 -4.90
N PHE A 39 -7.29 -2.55 -3.60
CA PHE A 39 -6.78 -3.81 -3.10
C PHE A 39 -7.42 -4.16 -1.77
N ARG A 40 -7.40 -5.45 -1.42
CA ARG A 40 -7.99 -5.92 -0.17
C ARG A 40 -6.93 -6.57 0.71
N VAL A 41 -7.03 -6.36 2.02
CA VAL A 41 -6.09 -6.93 2.97
C VAL A 41 -6.52 -8.34 3.40
N VAL A 42 -6.12 -9.34 2.61
CA VAL A 42 -6.46 -10.72 2.91
C VAL A 42 -6.01 -11.11 4.31
N LYS A 43 -4.75 -10.83 4.62
CA LYS A 43 -4.19 -11.14 5.92
C LYS A 43 -3.89 -9.87 6.71
N SER A 44 -4.90 -9.36 7.41
CA SER A 44 -4.75 -8.14 8.20
C SER A 44 -3.76 -8.36 9.34
N GLU A 45 -3.48 -9.62 9.64
CA GLU A 45 -2.55 -9.97 10.70
C GLU A 45 -1.10 -9.93 10.20
N ALA A 46 -0.84 -10.67 9.13
CA ALA A 46 0.49 -10.72 8.55
C ALA A 46 0.91 -9.36 8.00
N LEU A 47 -0.07 -8.59 7.55
CA LEU A 47 0.20 -7.26 6.99
C LEU A 47 0.86 -6.36 8.04
N ALA A 48 0.26 -6.32 9.23
CA ALA A 48 0.79 -5.50 10.31
C ALA A 48 2.15 -6.02 10.79
N LYS A 49 2.20 -7.31 11.08
CA LYS A 49 3.42 -7.95 11.56
C LYS A 49 4.60 -7.59 10.64
N MET A 50 4.40 -7.78 9.35
CA MET A 50 5.45 -7.48 8.37
C MET A 50 5.82 -6.00 8.41
N TRP A 51 4.82 -5.13 8.38
CA TRP A 51 5.05 -3.70 8.42
C TRP A 51 5.91 -3.31 9.61
N GLY A 52 5.56 -3.84 10.78
CA GLY A 52 6.32 -3.54 11.99
C GLY A 52 7.81 -3.80 11.81
N GLN A 53 8.15 -4.94 11.23
CA GLN A 53 9.55 -5.29 11.01
C GLN A 53 10.28 -4.20 10.24
N ARG A 54 9.54 -3.48 9.40
CA ARG A 54 10.12 -2.41 8.61
C ARG A 54 10.37 -1.17 9.47
N LYS A 55 9.44 -0.89 10.37
CA LYS A 55 9.57 0.27 11.26
C LYS A 55 10.17 -0.15 12.60
N LYS A 56 10.57 -1.42 12.70
CA LYS A 56 11.16 -1.93 13.93
C LYS A 56 10.19 -1.81 15.09
N ASN A 57 8.90 -1.87 14.80
CA ASN A 57 7.87 -1.77 15.82
C ASN A 57 7.39 -3.15 16.25
N ASP A 58 8.10 -3.75 17.20
CA ASP A 58 7.75 -5.08 17.69
C ASP A 58 6.29 -5.11 18.17
N ARG A 59 5.73 -3.93 18.42
CA ARG A 59 4.35 -3.83 18.87
C ARG A 59 3.44 -3.37 17.74
N MET A 60 3.78 -3.78 16.51
CA MET A 60 2.99 -3.41 15.34
C MET A 60 1.76 -4.31 15.22
N THR A 61 0.61 -3.68 15.01
CA THR A 61 -0.65 -4.42 14.86
C THR A 61 -1.64 -3.66 13.99
N TYR A 62 -2.32 -4.40 13.12
CA TYR A 62 -3.31 -3.79 12.23
C TYR A 62 -4.09 -2.69 12.93
N GLU A 63 -4.37 -2.90 14.22
CA GLU A 63 -5.11 -1.93 15.01
C GLU A 63 -4.41 -0.56 14.98
N LYS A 64 -3.10 -0.57 15.16
CA LYS A 64 -2.32 0.66 15.16
C LYS A 64 -1.94 1.07 13.74
N LEU A 65 -1.59 0.08 12.93
CA LEU A 65 -1.21 0.33 11.54
C LEU A 65 -2.30 1.08 10.80
N SER A 66 -3.54 0.64 10.98
CA SER A 66 -4.69 1.28 10.33
C SER A 66 -4.67 2.78 10.56
N ARG A 67 -4.17 3.20 11.72
CA ARG A 67 -4.10 4.61 12.07
C ARG A 67 -3.54 5.43 10.90
N ALA A 68 -2.51 4.89 10.25
CA ALA A 68 -1.90 5.57 9.12
C ALA A 68 -2.77 5.47 7.87
N LEU A 69 -3.51 4.38 7.75
CA LEU A 69 -4.39 4.17 6.60
C LEU A 69 -5.52 5.19 6.60
N ARG A 70 -5.96 5.59 7.79
CA ARG A 70 -7.04 6.56 7.92
C ARG A 70 -6.49 7.98 7.92
N TYR A 71 -5.21 8.11 8.24
CA TYR A 71 -4.57 9.42 8.28
C TYR A 71 -4.10 9.85 6.89
N TYR A 72 -3.94 8.88 6.00
CA TYR A 72 -3.51 9.14 4.64
C TYR A 72 -4.62 9.84 3.85
N TYR A 73 -5.86 9.58 4.22
CA TYR A 73 -7.01 10.18 3.55
C TYR A 73 -6.93 11.70 3.60
N LYS A 74 -6.29 12.22 4.64
CA LYS A 74 -6.14 13.66 4.81
C LYS A 74 -5.21 14.25 3.76
N THR A 75 -4.17 13.49 3.41
CA THR A 75 -3.20 13.93 2.41
C THR A 75 -3.60 13.47 1.02
N GLY A 76 -4.39 12.40 0.96
CA GLY A 76 -4.83 11.88 -0.31
C GLY A 76 -4.16 10.57 -0.67
N ILE A 77 -3.00 10.31 -0.06
CA ILE A 77 -2.26 9.09 -0.31
C ILE A 77 -3.20 7.90 -0.47
N LEU A 78 -4.18 7.80 0.43
CA LEU A 78 -5.15 6.71 0.40
C LEU A 78 -6.54 7.22 0.03
N GLU A 79 -7.43 6.31 -0.31
CA GLU A 79 -8.79 6.68 -0.68
C GLU A 79 -9.81 6.02 0.26
N ARG A 80 -10.63 6.85 0.90
CA ARG A 80 -11.64 6.36 1.83
C ARG A 80 -12.51 5.29 1.16
N VAL A 81 -12.58 4.12 1.79
CA VAL A 81 -13.37 3.01 1.27
C VAL A 81 -14.41 2.55 2.30
N ASP A 82 -15.61 2.26 1.82
CA ASP A 82 -16.69 1.81 2.69
C ASP A 82 -16.88 0.30 2.58
N ARG A 83 -15.79 -0.40 2.29
CA ARG A 83 -15.83 -1.86 2.16
C ARG A 83 -15.08 -2.54 3.30
N ARG A 84 -15.12 -3.87 3.32
CA ARG A 84 -14.45 -4.63 4.36
C ARG A 84 -12.98 -4.85 3.99
N LEU A 85 -12.08 -4.40 4.86
CA LEU A 85 -10.65 -4.54 4.63
C LEU A 85 -10.30 -4.26 3.17
N VAL A 86 -10.93 -3.24 2.60
CA VAL A 86 -10.68 -2.86 1.21
C VAL A 86 -10.20 -1.43 1.11
N TYR A 87 -8.94 -1.25 0.75
CA TYR A 87 -8.36 0.08 0.61
C TYR A 87 -7.98 0.37 -0.84
N LYS A 88 -7.68 1.63 -1.13
CA LYS A 88 -7.30 2.04 -2.47
C LYS A 88 -6.34 3.23 -2.43
N PHE A 89 -5.31 3.17 -3.26
CA PHE A 89 -4.32 4.25 -3.31
C PHE A 89 -4.89 5.46 -4.05
N GLY A 90 -4.85 6.61 -3.38
CA GLY A 90 -5.36 7.84 -3.98
C GLY A 90 -4.47 8.36 -5.10
N LYS A 91 -4.55 9.65 -5.36
CA LYS A 91 -3.75 10.27 -6.41
C LYS A 91 -2.40 10.73 -5.87
N ASN A 92 -2.35 10.95 -4.55
CA ASN A 92 -1.12 11.40 -3.91
C ASN A 92 -0.03 10.34 -4.02
N ALA A 93 -0.44 9.08 -3.96
CA ALA A 93 0.51 7.97 -4.06
C ALA A 93 1.01 7.79 -5.48
N HIS A 94 2.12 7.07 -5.64
CA HIS A 94 2.70 6.83 -6.95
C HIS A 94 3.36 5.46 -7.01
N GLY A 95 3.90 5.12 -8.17
CA GLY A 95 4.55 3.83 -8.34
C GLY A 95 3.62 2.78 -8.90
N TRP A 96 2.35 2.84 -8.50
CA TRP A 96 1.36 1.88 -8.97
C TRP A 96 0.72 2.36 -10.27
N GLN A 97 0.41 3.65 -10.33
CA GLN A 97 -0.21 4.23 -11.52
C GLN A 97 0.50 3.77 -12.79
N GLU A 98 -0.20 3.83 -13.91
CA GLU A 98 0.37 3.42 -15.19
C GLU A 98 -0.10 4.33 -16.32
N ASP A 99 0.84 5.00 -16.97
CA ASP A 99 0.53 5.91 -18.06
C ASP A 99 0.95 5.31 -19.41
N LYS A 100 0.47 5.90 -20.48
CA LYS A 100 0.79 5.43 -21.83
C LYS A 100 2.29 5.28 -22.00
N LEU A 101 2.70 4.70 -23.13
CA LEU A 101 4.12 4.50 -23.41
C LEU A 101 4.73 5.76 -24.02
N SER A 102 5.92 6.13 -23.54
CA SER A 102 6.61 7.30 -24.03
C SER A 102 5.77 8.56 -23.83
N GLY A 103 6.43 9.70 -23.68
CA GLY A 103 5.72 10.95 -23.49
C GLY A 103 6.38 11.83 -22.45
N PRO A 104 5.60 12.78 -21.90
CA PRO A 104 6.10 13.72 -20.88
C PRO A 104 6.38 13.03 -19.55
N SER A 105 7.62 13.11 -19.10
CA SER A 105 8.03 12.49 -17.83
C SER A 105 9.26 13.18 -17.26
N SER A 106 9.50 12.97 -15.97
CA SER A 106 10.64 13.58 -15.29
C SER A 106 10.82 15.03 -15.73
N GLY A 107 9.73 15.78 -15.74
CA GLY A 107 9.79 17.17 -16.13
C GLY A 107 8.65 17.98 -15.57
N GLY A 1 12.92 5.30 -11.63
CA GLY A 1 13.78 4.27 -12.15
C GLY A 1 13.97 3.12 -11.19
N SER A 2 15.20 2.98 -10.67
CA SER A 2 15.51 1.90 -9.73
C SER A 2 16.50 2.40 -8.68
N SER A 3 16.27 3.61 -8.17
CA SER A 3 17.15 4.19 -7.16
C SER A 3 16.45 4.25 -5.81
N GLY A 4 16.89 3.44 -4.87
CA GLY A 4 16.30 3.42 -3.55
C GLY A 4 16.88 4.48 -2.63
N SER A 5 16.46 4.46 -1.37
CA SER A 5 16.95 5.43 -0.39
C SER A 5 16.70 4.94 1.03
N SER A 6 17.75 4.98 1.85
CA SER A 6 17.66 4.54 3.23
C SER A 6 17.52 5.72 4.18
N GLY A 7 16.35 5.83 4.82
CA GLY A 7 16.11 6.92 5.75
C GLY A 7 14.66 7.01 6.17
N SER A 8 13.77 7.13 5.19
CA SER A 8 12.34 7.23 5.46
C SER A 8 11.61 5.96 5.04
N SER A 9 10.36 5.82 5.49
CA SER A 9 9.57 4.65 5.17
C SER A 9 8.08 4.94 5.34
N HIS A 10 7.33 4.82 4.25
CA HIS A 10 5.89 5.06 4.26
C HIS A 10 5.11 3.77 4.08
N LEU A 11 4.15 3.54 4.96
CA LEU A 11 3.32 2.34 4.90
C LEU A 11 2.71 2.18 3.51
N TRP A 12 1.98 3.19 3.07
CA TRP A 12 1.34 3.15 1.75
C TRP A 12 2.29 2.56 0.71
N GLU A 13 3.57 2.86 0.83
CA GLU A 13 4.57 2.35 -0.10
C GLU A 13 4.89 0.89 0.19
N PHE A 14 5.00 0.56 1.47
CA PHE A 14 5.30 -0.81 1.88
C PHE A 14 4.23 -1.77 1.41
N VAL A 15 2.99 -1.52 1.82
CA VAL A 15 1.87 -2.36 1.45
C VAL A 15 1.71 -2.42 -0.07
N ARG A 16 1.90 -1.29 -0.73
CA ARG A 16 1.78 -1.21 -2.18
C ARG A 16 2.82 -2.10 -2.85
N ASP A 17 4.05 -2.05 -2.35
CA ASP A 17 5.13 -2.86 -2.90
C ASP A 17 4.73 -4.33 -2.99
N LEU A 18 4.24 -4.87 -1.88
CA LEU A 18 3.83 -6.27 -1.84
C LEU A 18 3.00 -6.63 -3.07
N LEU A 19 2.08 -5.76 -3.43
CA LEU A 19 1.22 -5.98 -4.60
C LEU A 19 2.07 -6.17 -5.86
N LEU A 20 3.16 -5.44 -5.95
CA LEU A 20 4.05 -5.52 -7.10
C LEU A 20 5.19 -6.50 -6.83
N SER A 21 5.27 -6.99 -5.60
CA SER A 21 6.32 -7.93 -5.21
C SER A 21 5.71 -9.24 -4.73
N PRO A 22 5.36 -10.12 -5.69
CA PRO A 22 4.77 -11.42 -5.39
C PRO A 22 5.77 -12.38 -4.74
N GLU A 23 7.04 -11.99 -4.75
CA GLU A 23 8.10 -12.81 -4.17
C GLU A 23 8.14 -12.66 -2.66
N GLU A 24 7.65 -11.52 -2.17
CA GLU A 24 7.62 -11.25 -0.74
C GLU A 24 6.21 -11.37 -0.19
N ASN A 25 5.25 -10.78 -0.90
CA ASN A 25 3.85 -10.82 -0.48
C ASN A 25 3.31 -12.24 -0.49
N CYS A 26 2.88 -12.72 0.66
CA CYS A 26 2.33 -14.07 0.77
C CYS A 26 0.85 -14.04 1.11
N GLY A 27 0.03 -13.93 0.06
CA GLY A 27 -1.41 -13.88 0.26
C GLY A 27 -1.82 -12.87 1.33
N ILE A 28 -1.12 -11.75 1.38
CA ILE A 28 -1.41 -10.70 2.35
C ILE A 28 -2.28 -9.61 1.74
N LEU A 29 -2.25 -9.50 0.42
CA LEU A 29 -3.03 -8.50 -0.29
C LEU A 29 -3.57 -9.05 -1.61
N GLU A 30 -4.50 -8.32 -2.22
CA GLU A 30 -5.09 -8.75 -3.48
C GLU A 30 -5.44 -7.54 -4.34
N TRP A 31 -5.33 -7.71 -5.66
CA TRP A 31 -5.63 -6.63 -6.60
C TRP A 31 -7.10 -6.67 -7.01
N GLU A 32 -7.91 -5.83 -6.37
CA GLU A 32 -9.34 -5.77 -6.68
C GLU A 32 -9.59 -5.00 -7.98
N ASP A 33 -8.72 -4.02 -8.25
CA ASP A 33 -8.85 -3.21 -9.45
C ASP A 33 -7.54 -2.51 -9.77
N ARG A 34 -6.82 -2.99 -10.78
CA ARG A 34 -5.56 -2.41 -11.18
C ARG A 34 -5.75 -1.01 -11.76
N GLU A 35 -6.81 -0.86 -12.56
CA GLU A 35 -7.11 0.42 -13.19
C GLU A 35 -7.37 1.50 -12.13
N GLN A 36 -8.29 1.21 -11.22
CA GLN A 36 -8.64 2.15 -10.16
C GLN A 36 -7.56 2.16 -9.07
N GLY A 37 -6.91 1.01 -8.89
CA GLY A 37 -5.87 0.91 -7.88
C GLY A 37 -6.40 0.44 -6.54
N ILE A 38 -7.50 -0.31 -6.57
CA ILE A 38 -8.11 -0.82 -5.35
C ILE A 38 -7.52 -2.17 -4.97
N PHE A 39 -7.16 -2.31 -3.69
CA PHE A 39 -6.58 -3.56 -3.19
C PHE A 39 -7.29 -4.00 -1.91
N ARG A 40 -7.17 -5.28 -1.60
CA ARG A 40 -7.80 -5.84 -0.41
C ARG A 40 -6.74 -6.43 0.54
N VAL A 41 -7.03 -6.40 1.83
CA VAL A 41 -6.11 -6.92 2.83
C VAL A 41 -6.52 -8.31 3.28
N VAL A 42 -6.11 -9.32 2.51
CA VAL A 42 -6.44 -10.71 2.83
C VAL A 42 -6.03 -11.06 4.26
N LYS A 43 -4.80 -10.70 4.61
CA LYS A 43 -4.28 -10.98 5.95
C LYS A 43 -4.03 -9.67 6.71
N SER A 44 -4.91 -9.36 7.65
CA SER A 44 -4.79 -8.15 8.44
C SER A 44 -3.72 -8.32 9.52
N GLU A 45 -3.50 -9.56 9.95
CA GLU A 45 -2.51 -9.85 10.98
C GLU A 45 -1.10 -9.84 10.38
N ALA A 46 -0.95 -10.45 9.21
CA ALA A 46 0.35 -10.50 8.55
C ALA A 46 0.76 -9.13 8.04
N LEU A 47 -0.21 -8.36 7.56
CA LEU A 47 0.05 -7.03 7.04
C LEU A 47 0.74 -6.16 8.08
N ALA A 48 0.20 -6.16 9.30
CA ALA A 48 0.77 -5.38 10.39
C ALA A 48 2.09 -5.98 10.85
N LYS A 49 2.09 -7.27 11.14
CA LYS A 49 3.29 -7.96 11.58
C LYS A 49 4.48 -7.64 10.68
N MET A 50 4.27 -7.74 9.38
CA MET A 50 5.32 -7.46 8.41
C MET A 50 5.71 -5.98 8.45
N TRP A 51 4.70 -5.11 8.49
CA TRP A 51 4.93 -3.67 8.52
C TRP A 51 5.89 -3.30 9.65
N GLY A 52 5.56 -3.72 10.86
CA GLY A 52 6.41 -3.42 12.01
C GLY A 52 7.86 -3.75 11.75
N GLN A 53 8.11 -4.95 11.23
CA GLN A 53 9.47 -5.38 10.93
C GLN A 53 10.24 -4.31 10.15
N ARG A 54 9.54 -3.65 9.24
CA ARG A 54 10.15 -2.60 8.43
C ARG A 54 10.42 -1.35 9.27
N LYS A 55 9.48 -1.01 10.13
CA LYS A 55 9.62 0.16 10.99
C LYS A 55 10.38 -0.19 12.27
N LYS A 56 10.72 -1.47 12.42
CA LYS A 56 11.46 -1.93 13.59
C LYS A 56 10.76 -1.51 14.87
N ASN A 57 9.44 -1.40 14.81
CA ASN A 57 8.65 -1.00 15.97
C ASN A 57 8.86 -1.96 17.14
N ASP A 58 8.05 -3.01 17.18
CA ASP A 58 8.16 -4.01 18.24
C ASP A 58 7.13 -5.11 18.05
N ARG A 59 5.86 -4.72 17.96
CA ARG A 59 4.77 -5.69 17.78
C ARG A 59 3.62 -5.07 17.00
N MET A 60 3.96 -4.24 16.02
CA MET A 60 2.95 -3.58 15.20
C MET A 60 1.74 -4.48 15.00
N THR A 61 0.55 -3.90 15.03
CA THR A 61 -0.69 -4.65 14.85
C THR A 61 -1.67 -3.87 13.98
N TYR A 62 -2.38 -4.60 13.12
CA TYR A 62 -3.36 -3.98 12.23
C TYR A 62 -4.11 -2.85 12.93
N GLU A 63 -4.29 -3.00 14.24
CA GLU A 63 -4.97 -1.98 15.03
C GLU A 63 -4.23 -0.65 14.97
N LYS A 64 -2.92 -0.70 15.18
CA LYS A 64 -2.09 0.50 15.16
C LYS A 64 -1.76 0.90 13.72
N LEU A 65 -1.57 -0.09 12.87
CA LEU A 65 -1.25 0.15 11.46
C LEU A 65 -2.38 0.90 10.77
N SER A 66 -3.61 0.48 11.04
CA SER A 66 -4.78 1.13 10.45
C SER A 66 -4.78 2.62 10.71
N ARG A 67 -4.22 3.02 11.85
CA ARG A 67 -4.15 4.43 12.22
C ARG A 67 -3.66 5.28 11.05
N ALA A 68 -2.60 4.81 10.39
CA ALA A 68 -2.04 5.53 9.25
C ALA A 68 -2.92 5.38 8.02
N LEU A 69 -3.49 4.20 7.83
CA LEU A 69 -4.35 3.93 6.69
C LEU A 69 -5.45 4.99 6.58
N ARG A 70 -6.02 5.37 7.72
CA ARG A 70 -7.08 6.37 7.75
C ARG A 70 -6.49 7.78 7.77
N TYR A 71 -5.23 7.88 8.18
CA TYR A 71 -4.55 9.17 8.25
C TYR A 71 -4.17 9.66 6.86
N TYR A 72 -3.98 8.71 5.94
CA TYR A 72 -3.62 9.04 4.57
C TYR A 72 -4.77 9.72 3.84
N TYR A 73 -5.99 9.47 4.31
CA TYR A 73 -7.17 10.06 3.70
C TYR A 73 -7.14 11.59 3.80
N LYS A 74 -6.17 12.10 4.55
CA LYS A 74 -6.03 13.54 4.73
C LYS A 74 -5.01 14.11 3.75
N THR A 75 -4.06 13.27 3.33
CA THR A 75 -3.03 13.69 2.39
C THR A 75 -3.37 13.26 0.98
N GLY A 76 -4.34 12.37 0.85
CA GLY A 76 -4.75 11.88 -0.46
C GLY A 76 -4.09 10.57 -0.82
N ILE A 77 -2.97 10.27 -0.17
CA ILE A 77 -2.23 9.05 -0.43
C ILE A 77 -3.18 7.86 -0.61
N LEU A 78 -4.16 7.75 0.28
CA LEU A 78 -5.14 6.67 0.22
C LEU A 78 -6.53 7.21 -0.05
N GLU A 79 -7.48 6.30 -0.29
CA GLU A 79 -8.85 6.70 -0.58
C GLU A 79 -9.83 5.92 0.31
N ARG A 80 -10.68 6.65 1.03
CA ARG A 80 -11.65 6.03 1.92
C ARG A 80 -12.58 5.10 1.14
N VAL A 81 -12.72 3.88 1.63
CA VAL A 81 -13.58 2.89 0.99
C VAL A 81 -14.72 2.45 1.90
N ASP A 82 -15.87 2.20 1.32
CA ASP A 82 -17.04 1.78 2.08
C ASP A 82 -17.16 0.26 2.10
N ARG A 83 -16.02 -0.41 2.08
CA ARG A 83 -15.98 -1.87 2.09
C ARG A 83 -15.24 -2.39 3.31
N ARG A 84 -15.06 -3.71 3.38
CA ARG A 84 -14.37 -4.34 4.50
C ARG A 84 -12.98 -4.81 4.09
N LEU A 85 -11.97 -4.40 4.84
CA LEU A 85 -10.60 -4.79 4.55
C LEU A 85 -10.25 -4.53 3.09
N VAL A 86 -10.78 -3.43 2.55
CA VAL A 86 -10.53 -3.06 1.16
C VAL A 86 -10.15 -1.59 1.04
N TYR A 87 -8.89 -1.33 0.74
CA TYR A 87 -8.40 0.03 0.60
C TYR A 87 -8.08 0.35 -0.87
N LYS A 88 -7.75 1.61 -1.14
CA LYS A 88 -7.41 2.04 -2.48
C LYS A 88 -6.45 3.22 -2.45
N PHE A 89 -5.43 3.16 -3.30
CA PHE A 89 -4.43 4.22 -3.37
C PHE A 89 -4.97 5.42 -4.14
N GLY A 90 -4.94 6.59 -3.50
CA GLY A 90 -5.44 7.80 -4.13
C GLY A 90 -4.53 8.28 -5.25
N LYS A 91 -4.54 9.58 -5.50
CA LYS A 91 -3.71 10.17 -6.54
C LYS A 91 -2.36 10.60 -5.98
N ASN A 92 -2.32 10.88 -4.69
CA ASN A 92 -1.09 11.30 -4.03
C ASN A 92 -0.01 10.23 -4.16
N ALA A 93 -0.43 8.97 -4.15
CA ALA A 93 0.50 7.85 -4.27
C ALA A 93 0.93 7.65 -5.71
N HIS A 94 2.22 7.37 -5.91
CA HIS A 94 2.77 7.16 -7.25
C HIS A 94 3.57 5.88 -7.31
N GLY A 95 3.14 4.95 -8.16
CA GLY A 95 3.84 3.69 -8.30
C GLY A 95 2.98 2.61 -8.94
N TRP A 96 1.71 2.56 -8.55
CA TRP A 96 0.78 1.58 -9.09
C TRP A 96 0.17 2.07 -10.40
N GLN A 97 -0.41 3.27 -10.37
CA GLN A 97 -1.04 3.84 -11.55
C GLN A 97 -0.07 3.84 -12.73
N GLU A 98 -0.62 3.72 -13.94
CA GLU A 98 0.20 3.70 -15.15
C GLU A 98 0.92 5.03 -15.34
N ASP A 99 2.24 5.02 -15.19
CA ASP A 99 3.04 6.23 -15.34
C ASP A 99 2.59 7.31 -14.37
N LYS A 100 3.28 8.44 -14.40
CA LYS A 100 2.95 9.56 -13.52
C LYS A 100 1.99 10.54 -14.21
N LEU A 101 1.10 11.12 -13.43
CA LEU A 101 0.13 12.08 -13.97
C LEU A 101 -0.82 12.56 -12.87
N SER A 102 -0.91 13.88 -12.72
CA SER A 102 -1.77 14.47 -11.71
C SER A 102 -1.33 14.07 -10.31
N GLY A 103 -0.53 14.93 -9.68
CA GLY A 103 -0.04 14.65 -8.34
C GLY A 103 1.22 15.43 -8.01
N PRO A 104 1.05 16.72 -7.68
CA PRO A 104 2.17 17.60 -7.34
C PRO A 104 2.80 17.23 -5.99
N SER A 105 2.13 16.35 -5.25
CA SER A 105 2.62 15.93 -3.94
C SER A 105 2.68 17.10 -2.97
N SER A 106 2.60 16.80 -1.68
CA SER A 106 2.64 17.83 -0.66
C SER A 106 2.95 17.23 0.71
N GLY A 107 4.19 17.35 1.14
CA GLY A 107 4.60 16.81 2.43
C GLY A 107 5.97 16.17 2.38
N GLY A 1 15.34 2.64 -4.96
CA GLY A 1 16.18 2.61 -3.77
C GLY A 1 16.84 3.95 -3.49
N SER A 2 17.91 3.92 -2.71
CA SER A 2 18.63 5.14 -2.35
C SER A 2 19.97 4.82 -1.71
N SER A 3 21.06 5.15 -2.40
CA SER A 3 22.40 4.88 -1.88
C SER A 3 22.62 5.58 -0.54
N GLY A 4 22.34 4.86 0.54
CA GLY A 4 22.50 5.42 1.87
C GLY A 4 21.24 6.08 2.39
N SER A 5 20.51 5.37 3.23
CA SER A 5 19.26 5.90 3.79
C SER A 5 18.82 5.09 5.00
N SER A 6 18.17 5.75 5.96
CA SER A 6 17.70 5.10 7.17
C SER A 6 16.54 5.86 7.78
N GLY A 7 15.32 5.53 7.36
CA GLY A 7 14.14 6.20 7.88
C GLY A 7 13.01 6.24 6.87
N SER A 8 13.30 6.75 5.68
CA SER A 8 12.29 6.85 4.62
C SER A 8 11.74 5.47 4.27
N SER A 9 10.44 5.42 4.00
CA SER A 9 9.78 4.16 3.65
C SER A 9 8.29 4.37 3.41
N HIS A 10 7.62 4.98 4.39
CA HIS A 10 6.19 5.24 4.29
C HIS A 10 5.41 3.94 4.13
N LEU A 11 4.45 3.72 5.03
CA LEU A 11 3.63 2.52 4.99
C LEU A 11 2.97 2.35 3.63
N TRP A 12 2.20 3.34 3.22
CA TRP A 12 1.52 3.31 1.93
C TRP A 12 2.41 2.73 0.85
N GLU A 13 3.72 2.97 0.97
CA GLU A 13 4.68 2.46 0.01
C GLU A 13 4.99 0.99 0.25
N PHE A 14 5.09 0.63 1.53
CA PHE A 14 5.38 -0.76 1.91
C PHE A 14 4.28 -1.69 1.42
N VAL A 15 3.05 -1.42 1.85
CA VAL A 15 1.90 -2.24 1.47
C VAL A 15 1.75 -2.28 -0.05
N ARG A 16 1.89 -1.12 -0.68
CA ARG A 16 1.76 -1.02 -2.13
C ARG A 16 2.79 -1.89 -2.83
N ASP A 17 3.99 -1.95 -2.27
CA ASP A 17 5.07 -2.76 -2.83
C ASP A 17 4.65 -4.22 -2.95
N LEU A 18 4.14 -4.78 -1.86
CA LEU A 18 3.70 -6.16 -1.84
C LEU A 18 2.90 -6.50 -3.09
N LEU A 19 1.98 -5.62 -3.45
CA LEU A 19 1.15 -5.82 -4.64
C LEU A 19 2.01 -5.96 -5.89
N LEU A 20 3.09 -5.18 -5.96
CA LEU A 20 4.00 -5.22 -7.10
C LEU A 20 5.13 -6.22 -6.86
N SER A 21 5.18 -6.76 -5.65
CA SER A 21 6.23 -7.72 -5.29
C SER A 21 5.61 -9.03 -4.84
N PRO A 22 5.23 -9.87 -5.80
CA PRO A 22 4.64 -11.18 -5.52
C PRO A 22 5.63 -12.16 -4.92
N GLU A 23 6.89 -11.75 -4.85
CA GLU A 23 7.94 -12.60 -4.30
C GLU A 23 7.99 -12.48 -2.78
N GLU A 24 7.55 -11.33 -2.26
CA GLU A 24 7.54 -11.09 -0.83
C GLU A 24 6.14 -11.25 -0.25
N ASN A 25 5.16 -10.66 -0.92
CA ASN A 25 3.78 -10.74 -0.47
C ASN A 25 3.28 -12.18 -0.49
N CYS A 26 2.85 -12.68 0.67
CA CYS A 26 2.35 -14.04 0.78
C CYS A 26 0.88 -14.05 1.16
N GLY A 27 0.01 -13.98 0.15
CA GLY A 27 -1.41 -13.98 0.39
C GLY A 27 -1.83 -12.98 1.45
N ILE A 28 -1.23 -11.79 1.40
CA ILE A 28 -1.53 -10.74 2.36
C ILE A 28 -2.49 -9.71 1.77
N LEU A 29 -2.33 -9.45 0.47
CA LEU A 29 -3.19 -8.49 -0.22
C LEU A 29 -3.75 -9.08 -1.51
N GLU A 30 -4.63 -8.33 -2.16
CA GLU A 30 -5.23 -8.78 -3.41
C GLU A 30 -5.53 -7.60 -4.33
N TRP A 31 -5.34 -7.81 -5.63
CA TRP A 31 -5.59 -6.76 -6.61
C TRP A 31 -7.05 -6.77 -7.06
N GLU A 32 -7.86 -5.95 -6.39
CA GLU A 32 -9.28 -5.86 -6.72
C GLU A 32 -9.49 -5.15 -8.05
N ASP A 33 -8.63 -4.17 -8.32
CA ASP A 33 -8.72 -3.41 -9.56
C ASP A 33 -7.39 -2.73 -9.88
N ARG A 34 -6.75 -3.17 -10.95
CA ARG A 34 -5.46 -2.61 -11.36
C ARG A 34 -5.64 -1.20 -11.91
N GLU A 35 -6.71 -1.00 -12.69
CA GLU A 35 -6.98 0.30 -13.27
C GLU A 35 -7.25 1.34 -12.19
N GLN A 36 -8.16 1.02 -11.28
CA GLN A 36 -8.51 1.93 -10.19
C GLN A 36 -7.43 1.93 -9.12
N GLY A 37 -6.82 0.77 -8.90
CA GLY A 37 -5.77 0.66 -7.90
C GLY A 37 -6.31 0.20 -6.56
N ILE A 38 -7.44 -0.48 -6.58
CA ILE A 38 -8.06 -0.99 -5.35
C ILE A 38 -7.45 -2.32 -4.93
N PHE A 39 -7.15 -2.45 -3.65
CA PHE A 39 -6.57 -3.68 -3.12
C PHE A 39 -7.25 -4.10 -1.82
N ARG A 40 -7.28 -5.40 -1.55
CA ARG A 40 -7.90 -5.93 -0.35
C ARG A 40 -6.86 -6.51 0.60
N VAL A 41 -7.10 -6.37 1.89
CA VAL A 41 -6.18 -6.88 2.90
C VAL A 41 -6.56 -8.31 3.30
N VAL A 42 -6.09 -9.28 2.53
CA VAL A 42 -6.37 -10.68 2.80
C VAL A 42 -5.98 -11.04 4.24
N LYS A 43 -4.76 -10.70 4.62
CA LYS A 43 -4.28 -10.98 5.97
C LYS A 43 -4.01 -9.69 6.73
N SER A 44 -5.01 -9.21 7.45
CA SER A 44 -4.89 -7.99 8.23
C SER A 44 -3.83 -8.15 9.32
N GLU A 45 -3.59 -9.39 9.73
CA GLU A 45 -2.61 -9.68 10.77
C GLU A 45 -1.19 -9.68 10.19
N ALA A 46 -0.98 -10.45 9.13
CA ALA A 46 0.32 -10.54 8.49
C ALA A 46 0.76 -9.19 7.97
N LEU A 47 -0.20 -8.38 7.53
CA LEU A 47 0.10 -7.05 7.01
C LEU A 47 0.87 -6.21 8.03
N ALA A 48 0.33 -6.15 9.24
CA ALA A 48 0.97 -5.38 10.31
C ALA A 48 2.25 -6.07 10.79
N LYS A 49 2.21 -7.39 10.86
CA LYS A 49 3.36 -8.17 11.30
C LYS A 49 4.58 -7.87 10.45
N MET A 50 4.40 -7.91 9.13
CA MET A 50 5.49 -7.64 8.20
C MET A 50 5.95 -6.18 8.31
N TRP A 51 4.99 -5.26 8.30
CA TRP A 51 5.29 -3.84 8.40
C TRP A 51 6.18 -3.56 9.61
N GLY A 52 5.70 -3.94 10.79
CA GLY A 52 6.45 -3.72 12.00
C GLY A 52 7.93 -4.08 11.85
N GLN A 53 8.19 -5.22 11.22
CA GLN A 53 9.56 -5.68 11.00
C GLN A 53 10.36 -4.64 10.22
N ARG A 54 9.68 -3.92 9.35
CA ARG A 54 10.34 -2.90 8.53
C ARG A 54 10.69 -1.68 9.38
N LYS A 55 9.82 -1.35 10.33
CA LYS A 55 10.04 -0.21 11.22
C LYS A 55 10.78 -0.63 12.48
N LYS A 56 11.17 -1.89 12.53
CA LYS A 56 11.90 -2.43 13.69
C LYS A 56 11.08 -2.27 14.97
N ASN A 57 9.75 -2.31 14.82
CA ASN A 57 8.85 -2.18 15.96
C ASN A 57 8.26 -3.53 16.34
N ASP A 58 8.19 -3.80 17.64
CA ASP A 58 7.63 -5.05 18.13
C ASP A 58 6.19 -4.86 18.61
N ARG A 59 5.74 -3.62 18.59
CA ARG A 59 4.38 -3.30 19.02
C ARG A 59 3.49 -2.98 17.83
N MET A 60 3.87 -3.49 16.66
CA MET A 60 3.10 -3.25 15.44
C MET A 60 1.88 -4.18 15.38
N THR A 61 0.73 -3.60 15.03
CA THR A 61 -0.50 -4.38 14.92
C THR A 61 -1.53 -3.64 14.07
N TYR A 62 -2.22 -4.40 13.21
CA TYR A 62 -3.23 -3.82 12.33
C TYR A 62 -3.97 -2.68 13.04
N GLU A 63 -4.32 -2.90 14.30
CA GLU A 63 -5.03 -1.88 15.07
C GLU A 63 -4.33 -0.54 14.97
N LYS A 64 -3.01 -0.53 15.20
CA LYS A 64 -2.23 0.69 15.13
C LYS A 64 -1.87 1.03 13.69
N LEU A 65 -1.48 0.02 12.92
CA LEU A 65 -1.12 0.21 11.53
C LEU A 65 -2.22 0.95 10.77
N SER A 66 -3.46 0.62 11.08
CA SER A 66 -4.61 1.25 10.43
C SER A 66 -4.55 2.76 10.57
N ARG A 67 -4.04 3.22 11.71
CA ARG A 67 -3.93 4.66 11.98
C ARG A 67 -3.40 5.39 10.75
N ALA A 68 -2.42 4.80 10.08
CA ALA A 68 -1.82 5.39 8.89
C ALA A 68 -2.76 5.30 7.70
N LEU A 69 -3.57 4.24 7.66
CA LEU A 69 -4.52 4.04 6.58
C LEU A 69 -5.60 5.12 6.59
N ARG A 70 -6.00 5.53 7.79
CA ARG A 70 -7.04 6.55 7.94
C ARG A 70 -6.41 7.95 7.91
N TYR A 71 -5.12 8.02 8.20
CA TYR A 71 -4.41 9.29 8.22
C TYR A 71 -3.98 9.69 6.81
N TYR A 72 -3.94 8.71 5.91
CA TYR A 72 -3.54 8.96 4.53
C TYR A 72 -4.65 9.68 3.77
N TYR A 73 -5.89 9.50 4.21
CA TYR A 73 -7.03 10.13 3.57
C TYR A 73 -6.90 11.66 3.59
N LYS A 74 -6.25 12.17 4.64
CA LYS A 74 -6.06 13.60 4.79
C LYS A 74 -5.16 14.15 3.68
N THR A 75 -4.06 13.44 3.41
CA THR A 75 -3.13 13.83 2.37
C THR A 75 -3.58 13.35 1.00
N GLY A 76 -4.52 12.42 0.99
CA GLY A 76 -5.03 11.90 -0.26
C GLY A 76 -4.35 10.60 -0.66
N ILE A 77 -3.23 10.30 -0.01
CA ILE A 77 -2.48 9.09 -0.29
C ILE A 77 -3.41 7.89 -0.46
N LEU A 78 -4.42 7.82 0.39
CA LEU A 78 -5.39 6.73 0.34
C LEU A 78 -6.79 7.25 0.03
N GLU A 79 -7.67 6.36 -0.42
CA GLU A 79 -9.04 6.73 -0.75
C GLU A 79 -10.02 5.99 0.14
N ARG A 80 -10.79 6.74 0.93
CA ARG A 80 -11.78 6.16 1.82
C ARG A 80 -12.61 5.10 1.11
N VAL A 81 -12.71 3.92 1.71
CA VAL A 81 -13.48 2.83 1.12
C VAL A 81 -14.60 2.39 2.06
N ASP A 82 -15.76 2.11 1.48
CA ASP A 82 -16.92 1.68 2.25
C ASP A 82 -17.11 0.16 2.14
N ARG A 83 -16.01 -0.56 2.02
CA ARG A 83 -16.05 -2.01 1.91
C ARG A 83 -15.34 -2.67 3.09
N ARG A 84 -15.24 -3.99 3.05
CA ARG A 84 -14.59 -4.74 4.12
C ARG A 84 -13.14 -5.07 3.75
N LEU A 85 -12.21 -4.61 4.57
CA LEU A 85 -10.78 -4.85 4.34
C LEU A 85 -10.43 -4.58 2.88
N VAL A 86 -11.03 -3.53 2.32
CA VAL A 86 -10.77 -3.15 0.94
C VAL A 86 -10.36 -1.69 0.83
N TYR A 87 -9.06 -1.46 0.61
CA TYR A 87 -8.54 -0.11 0.49
C TYR A 87 -8.17 0.21 -0.95
N LYS A 88 -7.85 1.48 -1.22
CA LYS A 88 -7.48 1.91 -2.55
C LYS A 88 -6.56 3.12 -2.49
N PHE A 89 -5.50 3.10 -3.30
CA PHE A 89 -4.54 4.20 -3.33
C PHE A 89 -5.12 5.41 -4.04
N GLY A 90 -4.94 6.58 -3.45
CA GLY A 90 -5.46 7.80 -4.04
C GLY A 90 -4.56 8.34 -5.14
N LYS A 91 -4.66 9.64 -5.41
CA LYS A 91 -3.86 10.28 -6.44
C LYS A 91 -2.50 10.69 -5.89
N ASN A 92 -2.42 10.86 -4.57
CA ASN A 92 -1.18 11.26 -3.93
C ASN A 92 -0.12 10.16 -4.05
N ALA A 93 -0.58 8.92 -4.10
CA ALA A 93 0.32 7.77 -4.22
C ALA A 93 0.73 7.55 -5.68
N HIS A 94 2.04 7.40 -5.90
CA HIS A 94 2.56 7.19 -7.24
C HIS A 94 3.26 5.84 -7.34
N GLY A 95 3.52 5.40 -8.57
CA GLY A 95 4.18 4.12 -8.78
C GLY A 95 3.22 3.04 -9.24
N TRP A 96 2.04 3.00 -8.63
CA TRP A 96 1.04 2.01 -8.99
C TRP A 96 0.29 2.41 -10.26
N GLN A 97 -0.02 3.69 -10.38
CA GLN A 97 -0.72 4.21 -11.54
C GLN A 97 0.03 3.87 -12.83
N GLU A 98 -0.66 4.00 -13.96
CA GLU A 98 -0.06 3.70 -15.26
C GLU A 98 1.30 4.38 -15.39
N ASP A 99 2.36 3.62 -15.18
CA ASP A 99 3.71 4.15 -15.28
C ASP A 99 4.22 4.09 -16.73
N LYS A 100 5.31 4.79 -16.99
CA LYS A 100 5.89 4.83 -18.33
C LYS A 100 7.40 4.58 -18.28
N LEU A 101 7.88 3.73 -19.18
CA LEU A 101 9.30 3.40 -19.24
C LEU A 101 9.93 3.96 -20.51
N SER A 102 9.57 5.19 -20.86
CA SER A 102 10.10 5.85 -22.04
C SER A 102 9.74 7.33 -22.06
N GLY A 103 10.71 8.16 -22.45
CA GLY A 103 10.47 9.59 -22.50
C GLY A 103 10.01 10.16 -21.17
N PRO A 104 10.96 10.26 -20.22
CA PRO A 104 10.66 10.79 -18.89
C PRO A 104 10.36 12.28 -18.90
N SER A 105 9.07 12.62 -19.03
CA SER A 105 8.65 14.02 -19.07
C SER A 105 7.17 14.13 -19.40
N SER A 106 6.72 13.33 -20.36
CA SER A 106 5.33 13.34 -20.77
C SER A 106 5.02 12.16 -21.70
N GLY A 107 5.75 12.08 -22.80
CA GLY A 107 5.55 11.00 -23.75
C GLY A 107 4.70 11.41 -24.94
N GLY A 1 24.56 -16.45 -2.99
CA GLY A 1 23.90 -15.50 -2.12
C GLY A 1 23.82 -14.11 -2.71
N SER A 2 22.71 -13.43 -2.48
CA SER A 2 22.51 -12.09 -3.00
C SER A 2 21.37 -11.38 -2.26
N SER A 3 21.73 -10.56 -1.28
CA SER A 3 20.75 -9.83 -0.50
C SER A 3 21.35 -8.54 0.07
N GLY A 4 20.86 -7.41 -0.41
CA GLY A 4 21.36 -6.13 0.05
C GLY A 4 20.47 -5.51 1.11
N SER A 5 20.86 -4.34 1.60
CA SER A 5 20.10 -3.65 2.62
C SER A 5 18.80 -3.07 2.06
N SER A 6 17.75 -3.06 2.86
CA SER A 6 16.46 -2.54 2.43
C SER A 6 16.12 -1.25 3.17
N GLY A 7 15.42 -0.35 2.48
CA GLY A 7 15.05 0.92 3.08
C GLY A 7 13.60 1.28 2.80
N SER A 8 12.69 0.68 3.56
CA SER A 8 11.26 0.94 3.39
C SER A 8 10.89 2.32 3.94
N SER A 9 10.10 3.06 3.17
CA SER A 9 9.69 4.40 3.58
C SER A 9 8.19 4.58 3.36
N HIS A 10 7.48 4.93 4.42
CA HIS A 10 6.03 5.15 4.34
C HIS A 10 5.29 3.82 4.17
N LEU A 11 4.26 3.62 4.98
CA LEU A 11 3.47 2.39 4.92
C LEU A 11 2.84 2.22 3.55
N TRP A 12 2.13 3.24 3.10
CA TRP A 12 1.46 3.20 1.80
C TRP A 12 2.39 2.61 0.74
N GLU A 13 3.69 2.84 0.91
CA GLU A 13 4.67 2.33 -0.04
C GLU A 13 4.98 0.86 0.23
N PHE A 14 5.07 0.51 1.51
CA PHE A 14 5.36 -0.87 1.90
C PHE A 14 4.24 -1.80 1.47
N VAL A 15 3.01 -1.44 1.82
CA VAL A 15 1.84 -2.25 1.47
C VAL A 15 1.66 -2.34 -0.04
N ARG A 16 2.01 -1.26 -0.73
CA ARG A 16 1.89 -1.21 -2.19
C ARG A 16 2.94 -2.09 -2.85
N ASP A 17 4.19 -1.94 -2.42
CA ASP A 17 5.29 -2.73 -2.96
C ASP A 17 4.98 -4.22 -2.90
N LEU A 18 4.30 -4.63 -1.84
CA LEU A 18 3.94 -6.04 -1.66
C LEU A 18 3.12 -6.54 -2.84
N LEU A 19 2.17 -5.72 -3.28
CA LEU A 19 1.30 -6.07 -4.41
C LEU A 19 2.13 -6.25 -5.68
N LEU A 20 3.11 -5.39 -5.88
CA LEU A 20 3.97 -5.45 -7.06
C LEU A 20 5.07 -6.50 -6.87
N SER A 21 5.29 -6.89 -5.62
CA SER A 21 6.33 -7.88 -5.30
C SER A 21 5.69 -9.18 -4.83
N PRO A 22 5.24 -10.01 -5.78
CA PRO A 22 4.61 -11.30 -5.48
C PRO A 22 5.61 -12.31 -4.92
N GLU A 23 6.88 -11.93 -4.88
CA GLU A 23 7.93 -12.81 -4.39
C GLU A 23 8.12 -12.63 -2.88
N GLU A 24 7.73 -11.46 -2.37
CA GLU A 24 7.86 -11.17 -0.95
C GLU A 24 6.51 -11.30 -0.25
N ASN A 25 5.45 -10.87 -0.92
CA ASN A 25 4.11 -10.95 -0.35
C ASN A 25 3.57 -12.38 -0.39
N CYS A 26 3.01 -12.82 0.72
CA CYS A 26 2.46 -14.17 0.80
C CYS A 26 0.96 -14.13 1.04
N GLY A 27 0.19 -14.03 -0.05
CA GLY A 27 -1.25 -13.98 0.06
C GLY A 27 -1.72 -13.05 1.16
N ILE A 28 -1.09 -11.88 1.25
CA ILE A 28 -1.45 -10.90 2.26
C ILE A 28 -2.39 -9.84 1.69
N LEU A 29 -2.28 -9.60 0.40
CA LEU A 29 -3.13 -8.61 -0.27
C LEU A 29 -3.67 -9.16 -1.59
N GLU A 30 -4.59 -8.43 -2.20
CA GLU A 30 -5.18 -8.84 -3.46
C GLU A 30 -5.52 -7.63 -4.33
N TRP A 31 -5.50 -7.81 -5.63
CA TRP A 31 -5.80 -6.74 -6.57
C TRP A 31 -7.25 -6.80 -7.02
N GLU A 32 -8.03 -5.79 -6.68
CA GLU A 32 -9.43 -5.73 -7.05
C GLU A 32 -9.61 -5.08 -8.41
N ASP A 33 -8.81 -4.05 -8.68
CA ASP A 33 -8.88 -3.33 -9.95
C ASP A 33 -7.65 -2.45 -10.14
N ARG A 34 -6.56 -3.04 -10.62
CA ARG A 34 -5.33 -2.32 -10.85
C ARG A 34 -5.61 -0.92 -11.40
N GLU A 35 -6.46 -0.85 -12.41
CA GLU A 35 -6.82 0.42 -13.03
C GLU A 35 -7.16 1.46 -11.97
N GLN A 36 -8.11 1.11 -11.10
CA GLN A 36 -8.54 2.02 -10.04
C GLN A 36 -7.53 2.01 -8.89
N GLY A 37 -6.67 1.00 -8.87
CA GLY A 37 -5.68 0.90 -7.81
C GLY A 37 -6.25 0.38 -6.52
N ILE A 38 -7.42 -0.26 -6.61
CA ILE A 38 -8.08 -0.82 -5.42
C ILE A 38 -7.50 -2.18 -5.07
N PHE A 39 -7.21 -2.37 -3.79
CA PHE A 39 -6.65 -3.64 -3.31
C PHE A 39 -7.31 -4.06 -2.00
N ARG A 40 -7.31 -5.37 -1.75
CA ARG A 40 -7.91 -5.91 -0.53
C ARG A 40 -6.84 -6.53 0.36
N VAL A 41 -7.00 -6.35 1.68
CA VAL A 41 -6.06 -6.89 2.64
C VAL A 41 -6.52 -8.25 3.16
N VAL A 42 -6.19 -9.30 2.42
CA VAL A 42 -6.57 -10.66 2.80
C VAL A 42 -6.14 -10.96 4.24
N LYS A 43 -4.88 -10.71 4.54
CA LYS A 43 -4.34 -10.97 5.87
C LYS A 43 -4.07 -9.65 6.60
N SER A 44 -4.97 -9.28 7.50
CA SER A 44 -4.82 -8.04 8.26
C SER A 44 -3.80 -8.21 9.38
N GLU A 45 -3.62 -9.46 9.82
CA GLU A 45 -2.67 -9.75 10.89
C GLU A 45 -1.25 -9.83 10.35
N ALA A 46 -1.12 -10.37 9.15
CA ALA A 46 0.19 -10.51 8.51
C ALA A 46 0.67 -9.18 7.96
N LEU A 47 -0.25 -8.38 7.43
CA LEU A 47 0.09 -7.08 6.87
C LEU A 47 0.82 -6.22 7.89
N ALA A 48 0.31 -6.20 9.12
CA ALA A 48 0.91 -5.42 10.19
C ALA A 48 2.21 -6.07 10.67
N LYS A 49 2.15 -7.36 10.95
CA LYS A 49 3.32 -8.10 11.42
C LYS A 49 4.53 -7.83 10.53
N MET A 50 4.32 -7.86 9.22
CA MET A 50 5.40 -7.61 8.27
C MET A 50 5.84 -6.15 8.33
N TRP A 51 4.87 -5.25 8.36
CA TRP A 51 5.16 -3.82 8.41
C TRP A 51 6.05 -3.49 9.60
N GLY A 52 5.63 -3.93 10.79
CA GLY A 52 6.41 -3.66 11.99
C GLY A 52 7.88 -3.98 11.81
N GLN A 53 8.17 -5.14 11.24
CA GLN A 53 9.55 -5.55 11.00
C GLN A 53 10.33 -4.47 10.26
N ARG A 54 9.63 -3.74 9.40
CA ARG A 54 10.25 -2.67 8.62
C ARG A 54 10.52 -1.45 9.49
N LYS A 55 9.61 -1.18 10.42
CA LYS A 55 9.76 -0.03 11.32
C LYS A 55 10.33 -0.47 12.67
N LYS A 56 10.79 -1.71 12.74
CA LYS A 56 11.37 -2.25 13.97
C LYS A 56 10.38 -2.10 15.13
N ASN A 57 9.10 -2.17 14.83
CA ASN A 57 8.06 -2.04 15.85
C ASN A 57 7.56 -3.41 16.29
N ASP A 58 8.26 -4.00 17.27
CA ASP A 58 7.90 -5.30 17.78
C ASP A 58 6.45 -5.32 18.27
N ARG A 59 5.91 -4.13 18.53
CA ARG A 59 4.53 -4.00 18.99
C ARG A 59 3.62 -3.54 17.87
N MET A 60 3.98 -3.88 16.63
CA MET A 60 3.20 -3.50 15.47
C MET A 60 1.93 -4.35 15.37
N THR A 61 0.80 -3.70 15.12
CA THR A 61 -0.47 -4.39 15.00
C THR A 61 -1.43 -3.63 14.10
N TYR A 62 -2.23 -4.37 13.33
CA TYR A 62 -3.20 -3.75 12.42
C TYR A 62 -3.91 -2.58 13.09
N GLU A 63 -4.03 -2.65 14.41
CA GLU A 63 -4.69 -1.59 15.17
C GLU A 63 -3.92 -0.28 15.07
N LYS A 64 -2.59 -0.36 15.18
CA LYS A 64 -1.75 0.81 15.09
C LYS A 64 -1.41 1.14 13.64
N LEU A 65 -1.26 0.10 12.83
CA LEU A 65 -0.94 0.28 11.42
C LEU A 65 -2.03 1.07 10.71
N SER A 66 -3.28 0.81 11.08
CA SER A 66 -4.42 1.49 10.47
C SER A 66 -4.28 3.01 10.62
N ARG A 67 -3.69 3.43 11.73
CA ARG A 67 -3.48 4.86 11.99
C ARG A 67 -3.04 5.59 10.73
N ALA A 68 -2.12 4.97 9.99
CA ALA A 68 -1.60 5.56 8.76
C ALA A 68 -2.62 5.46 7.63
N LEU A 69 -3.42 4.39 7.65
CA LEU A 69 -4.44 4.17 6.64
C LEU A 69 -5.55 5.23 6.73
N ARG A 70 -5.82 5.68 7.96
CA ARG A 70 -6.85 6.68 8.20
C ARG A 70 -6.29 8.08 8.00
N TYR A 71 -4.98 8.22 8.15
CA TYR A 71 -4.32 9.52 7.99
C TYR A 71 -3.97 9.77 6.53
N TYR A 72 -4.01 8.71 5.72
CA TYR A 72 -3.69 8.82 4.31
C TYR A 72 -4.87 9.39 3.53
N TYR A 73 -6.02 9.48 4.18
CA TYR A 73 -7.22 10.01 3.55
C TYR A 73 -7.12 11.53 3.38
N LYS A 74 -6.88 12.22 4.48
CA LYS A 74 -6.76 13.67 4.45
C LYS A 74 -5.68 14.11 3.47
N THR A 75 -4.55 13.41 3.48
CA THR A 75 -3.44 13.72 2.59
C THR A 75 -3.73 13.29 1.16
N GLY A 76 -4.71 12.39 1.01
CA GLY A 76 -5.07 11.90 -0.30
C GLY A 76 -4.33 10.63 -0.67
N ILE A 77 -3.30 10.29 0.09
CA ILE A 77 -2.52 9.10 -0.15
C ILE A 77 -3.42 7.89 -0.38
N LEU A 78 -4.47 7.78 0.42
CA LEU A 78 -5.42 6.66 0.31
C LEU A 78 -6.81 7.17 -0.08
N GLU A 79 -7.70 6.24 -0.41
CA GLU A 79 -9.05 6.59 -0.79
C GLU A 79 -10.07 5.92 0.13
N ARG A 80 -10.92 6.73 0.75
CA ARG A 80 -11.93 6.21 1.66
C ARG A 80 -12.86 5.25 0.95
N VAL A 81 -12.92 4.01 1.44
CA VAL A 81 -13.77 2.98 0.85
C VAL A 81 -14.81 2.49 1.85
N ASP A 82 -16.02 2.24 1.35
CA ASP A 82 -17.11 1.76 2.21
C ASP A 82 -17.19 0.24 2.18
N ARG A 83 -16.03 -0.41 2.28
CA ARG A 83 -15.98 -1.87 2.27
C ARG A 83 -15.13 -2.39 3.43
N ARG A 84 -15.02 -3.71 3.52
CA ARG A 84 -14.24 -4.34 4.58
C ARG A 84 -12.91 -4.86 4.06
N LEU A 85 -11.84 -4.59 4.79
CA LEU A 85 -10.51 -5.03 4.40
C LEU A 85 -10.24 -4.70 2.93
N VAL A 86 -10.80 -3.60 2.46
CA VAL A 86 -10.61 -3.16 1.08
C VAL A 86 -10.25 -1.69 1.01
N TYR A 87 -9.01 -1.40 0.64
CA TYR A 87 -8.53 -0.03 0.53
C TYR A 87 -8.17 0.31 -0.92
N LYS A 88 -7.87 1.58 -1.16
CA LYS A 88 -7.51 2.03 -2.50
C LYS A 88 -6.58 3.24 -2.43
N PHE A 89 -5.51 3.20 -3.23
CA PHE A 89 -4.54 4.29 -3.25
C PHE A 89 -5.10 5.50 -4.01
N GLY A 90 -5.13 6.64 -3.33
CA GLY A 90 -5.64 7.86 -3.96
C GLY A 90 -4.77 8.32 -5.12
N LYS A 91 -4.75 9.63 -5.34
CA LYS A 91 -3.95 10.20 -6.42
C LYS A 91 -2.58 10.63 -5.92
N ASN A 92 -2.43 10.70 -4.61
CA ASN A 92 -1.17 11.10 -4.00
C ASN A 92 -0.14 9.97 -4.08
N ALA A 93 -0.62 8.73 -4.05
CA ALA A 93 0.24 7.57 -4.12
C ALA A 93 0.75 7.35 -5.54
N HIS A 94 2.06 7.22 -5.69
CA HIS A 94 2.67 7.01 -6.99
C HIS A 94 3.35 5.64 -7.06
N GLY A 95 3.28 5.00 -8.22
CA GLY A 95 3.89 3.70 -8.39
C GLY A 95 2.90 2.65 -8.85
N TRP A 96 1.70 2.68 -8.29
CA TRP A 96 0.66 1.72 -8.64
C TRP A 96 -0.09 2.17 -9.89
N GLN A 97 -0.40 3.46 -9.96
CA GLN A 97 -1.12 4.01 -11.10
C GLN A 97 -0.54 3.50 -12.41
N GLU A 98 -1.27 3.70 -13.50
CA GLU A 98 -0.82 3.26 -14.81
C GLU A 98 -0.44 1.78 -14.80
N ASP A 99 -0.04 1.27 -15.96
CA ASP A 99 0.34 -0.14 -16.07
C ASP A 99 -0.84 -1.05 -15.77
N LYS A 100 -0.86 -2.21 -16.42
CA LYS A 100 -1.93 -3.18 -16.21
C LYS A 100 -3.28 -2.48 -16.07
N LEU A 101 -3.74 -1.86 -17.15
CA LEU A 101 -5.01 -1.15 -17.15
C LEU A 101 -5.78 -1.39 -18.45
N SER A 102 -7.10 -1.51 -18.34
CA SER A 102 -7.94 -1.74 -19.50
C SER A 102 -9.42 -1.83 -19.10
N GLY A 103 -10.15 -0.74 -19.33
CA GLY A 103 -11.56 -0.71 -18.99
C GLY A 103 -12.35 0.22 -19.89
N PRO A 104 -13.67 -0.05 -20.00
CA PRO A 104 -14.56 0.75 -20.84
C PRO A 104 -14.78 2.16 -20.28
N SER A 105 -14.89 2.25 -18.95
CA SER A 105 -15.10 3.54 -18.30
C SER A 105 -13.93 3.88 -17.38
N SER A 106 -13.85 5.15 -16.98
CA SER A 106 -12.77 5.61 -16.11
C SER A 106 -13.32 6.51 -15.01
N GLY A 107 -12.54 6.67 -13.95
CA GLY A 107 -12.96 7.51 -12.84
C GLY A 107 -13.67 6.73 -11.75
N GLY A 1 6.75 -1.40 -18.57
CA GLY A 1 7.95 -1.02 -17.84
C GLY A 1 8.93 -2.16 -17.70
N SER A 2 10.11 -1.87 -17.18
CA SER A 2 11.14 -2.88 -17.00
C SER A 2 11.98 -2.59 -15.76
N SER A 3 12.41 -1.33 -15.63
CA SER A 3 13.22 -0.92 -14.49
C SER A 3 12.34 -0.44 -13.34
N GLY A 4 12.86 -0.57 -12.12
CA GLY A 4 12.11 -0.15 -10.95
C GLY A 4 12.96 0.64 -9.98
N SER A 5 12.31 1.34 -9.06
CA SER A 5 13.01 2.15 -8.07
C SER A 5 13.72 1.26 -7.06
N SER A 6 14.77 1.79 -6.44
CA SER A 6 15.54 1.04 -5.45
C SER A 6 15.30 1.60 -4.06
N GLY A 7 14.60 0.81 -3.23
CA GLY A 7 14.31 1.23 -1.88
C GLY A 7 12.82 1.40 -1.62
N SER A 8 12.37 0.92 -0.46
CA SER A 8 10.96 1.01 -0.10
C SER A 8 10.80 1.51 1.32
N SER A 9 9.73 2.28 1.56
CA SER A 9 9.46 2.83 2.89
C SER A 9 8.01 3.27 3.00
N HIS A 10 7.70 4.02 4.06
CA HIS A 10 6.35 4.52 4.28
C HIS A 10 5.36 3.36 4.39
N LEU A 11 4.22 3.62 5.04
CA LEU A 11 3.20 2.60 5.21
C LEU A 11 2.44 2.37 3.92
N TRP A 12 1.89 3.44 3.36
CA TRP A 12 1.13 3.36 2.12
C TRP A 12 1.93 2.65 1.04
N GLU A 13 3.21 2.99 0.92
CA GLU A 13 4.08 2.38 -0.08
C GLU A 13 4.37 0.92 0.28
N PHE A 14 4.68 0.68 1.55
CA PHE A 14 4.97 -0.67 2.02
C PHE A 14 3.91 -1.66 1.54
N VAL A 15 2.66 -1.37 1.87
CA VAL A 15 1.55 -2.23 1.47
C VAL A 15 1.37 -2.23 -0.04
N ARG A 16 1.84 -1.18 -0.69
CA ARG A 16 1.73 -1.07 -2.15
C ARG A 16 2.78 -1.93 -2.84
N ASP A 17 3.95 -2.04 -2.23
CA ASP A 17 5.04 -2.83 -2.78
C ASP A 17 4.64 -4.30 -2.88
N LEU A 18 4.15 -4.85 -1.78
CA LEU A 18 3.73 -6.25 -1.74
C LEU A 18 2.93 -6.61 -3.00
N LEU A 19 2.01 -5.72 -3.38
CA LEU A 19 1.18 -5.94 -4.55
C LEU A 19 2.04 -6.08 -5.81
N LEU A 20 3.12 -5.30 -5.87
CA LEU A 20 4.02 -5.33 -7.01
C LEU A 20 5.17 -6.31 -6.77
N SER A 21 5.27 -6.79 -5.54
CA SER A 21 6.33 -7.74 -5.19
C SER A 21 5.74 -9.05 -4.66
N PRO A 22 5.42 -9.96 -5.59
CA PRO A 22 4.83 -11.27 -5.25
C PRO A 22 5.84 -12.18 -4.56
N GLU A 23 7.10 -11.75 -4.54
CA GLU A 23 8.15 -12.54 -3.91
C GLU A 23 8.12 -12.39 -2.39
N GLU A 24 7.65 -11.24 -1.93
CA GLU A 24 7.56 -10.96 -0.50
C GLU A 24 6.13 -11.16 0.01
N ASN A 25 5.16 -10.68 -0.77
CA ASN A 25 3.76 -10.81 -0.41
C ASN A 25 3.31 -12.27 -0.45
N CYS A 26 2.88 -12.78 0.69
CA CYS A 26 2.42 -14.16 0.79
C CYS A 26 0.95 -14.23 1.16
N GLY A 27 0.09 -14.13 0.17
CA GLY A 27 -1.34 -14.17 0.41
C GLY A 27 -1.79 -13.14 1.44
N ILE A 28 -1.16 -11.97 1.41
CA ILE A 28 -1.50 -10.91 2.35
C ILE A 28 -2.48 -9.92 1.74
N LEU A 29 -2.28 -9.61 0.46
CA LEU A 29 -3.15 -8.68 -0.25
C LEU A 29 -3.60 -9.26 -1.59
N GLU A 30 -4.54 -8.58 -2.25
CA GLU A 30 -5.06 -9.03 -3.53
C GLU A 30 -5.46 -7.85 -4.40
N TRP A 31 -5.38 -8.03 -5.71
CA TRP A 31 -5.74 -6.97 -6.66
C TRP A 31 -7.21 -7.08 -7.06
N GLU A 32 -7.94 -5.99 -6.87
CA GLU A 32 -9.36 -5.97 -7.21
C GLU A 32 -9.58 -5.29 -8.56
N ASP A 33 -8.98 -4.12 -8.74
CA ASP A 33 -9.12 -3.37 -9.99
C ASP A 33 -7.86 -2.54 -10.25
N ARG A 34 -6.77 -3.22 -10.60
CA ARG A 34 -5.51 -2.54 -10.88
C ARG A 34 -5.75 -1.19 -11.56
N GLU A 35 -6.68 -1.17 -12.50
CA GLU A 35 -7.01 0.06 -13.22
C GLU A 35 -7.34 1.19 -12.25
N GLN A 36 -8.25 0.91 -11.32
CA GLN A 36 -8.66 1.91 -10.33
C GLN A 36 -7.62 2.02 -9.22
N GLY A 37 -6.88 0.94 -8.99
CA GLY A 37 -5.86 0.94 -7.95
C GLY A 37 -6.40 0.49 -6.61
N ILE A 38 -7.45 -0.34 -6.64
CA ILE A 38 -8.06 -0.84 -5.42
C ILE A 38 -7.48 -2.20 -5.04
N PHE A 39 -7.23 -2.39 -3.74
CA PHE A 39 -6.67 -3.65 -3.25
C PHE A 39 -7.31 -4.03 -1.92
N ARG A 40 -7.34 -5.33 -1.64
CA ARG A 40 -7.93 -5.83 -0.40
C ARG A 40 -6.85 -6.41 0.51
N VAL A 41 -7.06 -6.30 1.81
CA VAL A 41 -6.10 -6.82 2.79
C VAL A 41 -6.49 -8.23 3.24
N VAL A 42 -6.10 -9.22 2.46
CA VAL A 42 -6.40 -10.61 2.78
C VAL A 42 -6.05 -10.93 4.23
N LYS A 43 -4.78 -10.72 4.58
CA LYS A 43 -4.31 -10.97 5.94
C LYS A 43 -3.98 -9.68 6.67
N SER A 44 -4.92 -9.23 7.51
CA SER A 44 -4.72 -8.00 8.27
C SER A 44 -3.62 -8.15 9.30
N GLU A 45 -3.43 -9.39 9.78
CA GLU A 45 -2.42 -9.67 10.77
C GLU A 45 -1.02 -9.68 10.14
N ALA A 46 -0.87 -10.48 9.09
CA ALA A 46 0.41 -10.58 8.39
C ALA A 46 0.84 -9.24 7.83
N LEU A 47 -0.13 -8.47 7.35
CA LEU A 47 0.14 -7.15 6.77
C LEU A 47 0.85 -6.26 7.79
N ALA A 48 0.32 -6.23 9.01
CA ALA A 48 0.90 -5.42 10.07
C ALA A 48 2.19 -6.03 10.59
N LYS A 49 2.13 -7.30 10.96
CA LYS A 49 3.29 -8.02 11.48
C LYS A 49 4.52 -7.75 10.61
N MET A 50 4.37 -7.89 9.30
CA MET A 50 5.46 -7.65 8.37
C MET A 50 5.87 -6.18 8.38
N TRP A 51 4.90 -5.29 8.32
CA TRP A 51 5.17 -3.86 8.32
C TRP A 51 6.05 -3.48 9.52
N GLY A 52 5.59 -3.81 10.72
CA GLY A 52 6.34 -3.50 11.92
C GLY A 52 7.82 -3.84 11.78
N GLN A 53 8.10 -5.04 11.28
CA GLN A 53 9.48 -5.48 11.10
C GLN A 53 10.30 -4.43 10.37
N ARG A 54 9.65 -3.72 9.45
CA ARG A 54 10.32 -2.69 8.67
C ARG A 54 10.68 -1.49 9.55
N LYS A 55 9.76 -1.12 10.42
CA LYS A 55 9.99 0.01 11.32
C LYS A 55 10.63 -0.45 12.63
N LYS A 56 10.96 -1.73 12.70
CA LYS A 56 11.58 -2.30 13.88
C LYS A 56 10.85 -1.87 15.15
N ASN A 57 9.52 -2.00 15.14
CA ASN A 57 8.71 -1.61 16.29
C ASN A 57 8.46 -2.81 17.21
N ASP A 58 8.15 -3.95 16.61
CA ASP A 58 7.90 -5.17 17.36
C ASP A 58 6.46 -5.20 17.87
N ARG A 59 5.95 -4.03 18.25
CA ARG A 59 4.58 -3.93 18.75
C ARG A 59 3.64 -3.41 17.67
N MET A 60 3.85 -3.86 16.44
CA MET A 60 3.03 -3.43 15.32
C MET A 60 1.83 -4.37 15.13
N THR A 61 0.67 -3.80 14.85
CA THR A 61 -0.55 -4.58 14.65
C THR A 61 -1.57 -3.80 13.83
N TYR A 62 -2.32 -4.51 13.00
CA TYR A 62 -3.33 -3.89 12.16
C TYR A 62 -4.02 -2.74 12.90
N GLU A 63 -4.47 -3.01 14.12
CA GLU A 63 -5.14 -1.99 14.91
C GLU A 63 -4.39 -0.67 14.85
N LYS A 64 -3.07 -0.73 14.99
CA LYS A 64 -2.23 0.46 14.95
C LYS A 64 -1.91 0.85 13.51
N LEU A 65 -1.48 -0.12 12.72
CA LEU A 65 -1.14 0.12 11.32
C LEU A 65 -2.21 0.96 10.64
N SER A 66 -3.47 0.61 10.88
CA SER A 66 -4.59 1.34 10.30
C SER A 66 -4.43 2.84 10.48
N ARG A 67 -3.87 3.23 11.63
CA ARG A 67 -3.66 4.64 11.94
C ARG A 67 -3.10 5.39 10.73
N ALA A 68 -2.18 4.74 10.02
CA ALA A 68 -1.57 5.34 8.85
C ALA A 68 -2.53 5.34 7.66
N LEU A 69 -3.35 4.29 7.58
CA LEU A 69 -4.32 4.16 6.49
C LEU A 69 -5.37 5.26 6.57
N ARG A 70 -5.74 5.64 7.79
CA ARG A 70 -6.73 6.68 8.00
C ARG A 70 -6.10 8.06 7.91
N TYR A 71 -4.81 8.16 8.25
CA TYR A 71 -4.10 9.42 8.20
C TYR A 71 -3.72 9.78 6.77
N TYR A 72 -3.80 8.80 5.88
CA TYR A 72 -3.46 9.02 4.48
C TYR A 72 -4.62 9.67 3.73
N TYR A 73 -5.82 9.55 4.28
CA TYR A 73 -7.02 10.13 3.67
C TYR A 73 -6.93 11.65 3.65
N LYS A 74 -6.31 12.21 4.68
CA LYS A 74 -6.16 13.65 4.79
C LYS A 74 -5.30 14.19 3.65
N THR A 75 -4.14 13.58 3.44
CA THR A 75 -3.22 14.00 2.39
C THR A 75 -3.71 13.51 1.02
N GLY A 76 -4.50 12.44 1.02
CA GLY A 76 -5.02 11.91 -0.23
C GLY A 76 -4.33 10.63 -0.64
N ILE A 77 -3.19 10.35 -0.02
CA ILE A 77 -2.42 9.15 -0.33
C ILE A 77 -3.33 7.94 -0.48
N LEU A 78 -4.34 7.85 0.39
CA LEU A 78 -5.28 6.74 0.35
C LEU A 78 -6.69 7.24 0.06
N GLU A 79 -7.55 6.34 -0.42
CA GLU A 79 -8.92 6.69 -0.75
C GLU A 79 -9.90 5.98 0.20
N ARG A 80 -10.67 6.78 0.93
CA ARG A 80 -11.64 6.23 1.88
C ARG A 80 -12.55 5.22 1.19
N VAL A 81 -12.46 3.96 1.62
CA VAL A 81 -13.28 2.89 1.05
C VAL A 81 -14.38 2.47 2.01
N ASP A 82 -15.56 2.18 1.47
CA ASP A 82 -16.70 1.76 2.28
C ASP A 82 -16.89 0.25 2.19
N ARG A 83 -15.79 -0.48 2.07
CA ARG A 83 -15.83 -1.93 1.98
C ARG A 83 -15.07 -2.57 3.13
N ARG A 84 -15.13 -3.90 3.20
CA ARG A 84 -14.45 -4.64 4.26
C ARG A 84 -13.00 -4.91 3.88
N LEU A 85 -12.08 -4.56 4.77
CA LEU A 85 -10.66 -4.77 4.54
C LEU A 85 -10.31 -4.50 3.08
N VAL A 86 -10.86 -3.43 2.52
CA VAL A 86 -10.60 -3.06 1.13
C VAL A 86 -10.18 -1.61 1.02
N TYR A 87 -8.90 -1.39 0.74
CA TYR A 87 -8.37 -0.05 0.60
C TYR A 87 -8.03 0.27 -0.85
N LYS A 88 -7.73 1.53 -1.13
CA LYS A 88 -7.39 1.96 -2.48
C LYS A 88 -6.47 3.18 -2.44
N PHE A 89 -5.43 3.15 -3.27
CA PHE A 89 -4.47 4.26 -3.34
C PHE A 89 -5.08 5.45 -4.05
N GLY A 90 -4.97 6.63 -3.43
CA GLY A 90 -5.51 7.83 -4.03
C GLY A 90 -4.63 8.39 -5.14
N LYS A 91 -4.71 9.68 -5.37
CA LYS A 91 -3.92 10.33 -6.40
C LYS A 91 -2.59 10.82 -5.84
N ASN A 92 -2.56 11.07 -4.54
CA ASN A 92 -1.34 11.54 -3.88
C ASN A 92 -0.22 10.51 -4.01
N ALA A 93 -0.59 9.24 -3.99
CA ALA A 93 0.38 8.16 -4.13
C ALA A 93 0.86 8.00 -5.56
N HIS A 94 1.78 7.08 -5.78
CA HIS A 94 2.31 6.83 -7.11
C HIS A 94 3.00 5.47 -7.18
N GLY A 95 3.42 5.09 -8.39
CA GLY A 95 4.07 3.80 -8.57
C GLY A 95 3.12 2.72 -9.03
N TRP A 96 1.95 2.65 -8.40
CA TRP A 96 0.96 1.65 -8.74
C TRP A 96 0.23 2.03 -10.03
N GLN A 97 -0.16 3.29 -10.14
CA GLN A 97 -0.86 3.77 -11.33
C GLN A 97 -0.17 3.29 -12.60
N GLU A 98 -0.83 3.51 -13.73
CA GLU A 98 -0.27 3.09 -15.02
C GLU A 98 0.77 4.08 -15.52
N ASP A 99 1.79 3.58 -16.19
CA ASP A 99 2.85 4.43 -16.72
C ASP A 99 3.15 4.09 -18.18
N LYS A 100 3.80 5.02 -18.87
CA LYS A 100 4.15 4.81 -20.28
C LYS A 100 4.47 3.34 -20.55
N LEU A 101 4.17 2.89 -21.77
CA LEU A 101 4.44 1.52 -22.16
C LEU A 101 4.69 1.41 -23.66
N SER A 102 4.97 0.20 -24.12
CA SER A 102 5.25 -0.03 -25.54
C SER A 102 4.12 -0.85 -26.17
N GLY A 103 4.18 -1.01 -27.49
CA GLY A 103 3.16 -1.76 -28.19
C GLY A 103 3.03 -3.18 -27.68
N PRO A 104 1.80 -3.70 -27.70
CA PRO A 104 1.50 -5.05 -27.22
C PRO A 104 2.08 -6.13 -28.14
N SER A 105 1.86 -5.96 -29.45
CA SER A 105 2.35 -6.91 -30.42
C SER A 105 1.99 -8.35 -30.03
N SER A 106 0.74 -8.72 -30.24
CA SER A 106 0.27 -10.05 -29.90
C SER A 106 -1.02 -10.38 -30.65
N GLY A 107 -1.26 -11.68 -30.85
CA GLY A 107 -2.45 -12.10 -31.55
C GLY A 107 -3.68 -11.32 -31.14
N GLY A 1 24.06 3.80 -4.71
CA GLY A 1 24.82 5.00 -4.47
C GLY A 1 24.93 5.89 -5.69
N SER A 2 24.34 7.07 -5.63
CA SER A 2 24.37 8.01 -6.74
C SER A 2 23.79 7.37 -8.00
N SER A 3 22.69 6.64 -7.84
CA SER A 3 22.04 5.96 -8.96
C SER A 3 20.68 6.60 -9.26
N GLY A 4 20.48 6.98 -10.52
CA GLY A 4 19.24 7.59 -10.92
C GLY A 4 18.67 8.49 -9.84
N SER A 5 17.59 8.04 -9.21
CA SER A 5 16.93 8.82 -8.16
C SER A 5 15.84 8.00 -7.48
N SER A 6 16.10 7.59 -6.24
CA SER A 6 15.14 6.80 -5.49
C SER A 6 15.70 6.43 -4.12
N GLY A 7 14.83 5.90 -3.25
CA GLY A 7 15.26 5.51 -1.91
C GLY A 7 14.42 6.15 -0.83
N SER A 8 13.25 5.56 -0.56
CA SER A 8 12.35 6.08 0.46
C SER A 8 11.54 4.94 1.08
N SER A 9 11.17 5.12 2.35
CA SER A 9 10.40 4.11 3.07
C SER A 9 9.13 4.73 3.66
N HIS A 10 7.98 4.38 3.07
CA HIS A 10 6.70 4.89 3.54
C HIS A 10 5.66 3.78 3.58
N LEU A 11 4.98 3.67 4.72
CA LEU A 11 3.95 2.64 4.88
C LEU A 11 3.16 2.44 3.59
N TRP A 12 2.47 3.48 3.16
CA TRP A 12 1.68 3.41 1.92
C TRP A 12 2.48 2.77 0.80
N GLU A 13 3.79 3.02 0.78
CA GLU A 13 4.66 2.45 -0.24
C GLU A 13 4.95 0.98 0.04
N PHE A 14 5.18 0.66 1.32
CA PHE A 14 5.47 -0.71 1.72
C PHE A 14 4.33 -1.64 1.32
N VAL A 15 3.10 -1.28 1.70
CA VAL A 15 1.94 -2.10 1.37
C VAL A 15 1.75 -2.22 -0.13
N ARG A 16 1.98 -1.13 -0.84
CA ARG A 16 1.84 -1.11 -2.29
C ARG A 16 2.86 -2.03 -2.95
N ASP A 17 4.13 -1.86 -2.56
CA ASP A 17 5.21 -2.67 -3.11
C ASP A 17 4.88 -4.16 -3.00
N LEU A 18 4.26 -4.55 -1.89
CA LEU A 18 3.88 -5.94 -1.66
C LEU A 18 3.06 -6.48 -2.83
N LEU A 19 2.09 -5.70 -3.26
CA LEU A 19 1.22 -6.10 -4.37
C LEU A 19 2.03 -6.31 -5.64
N LEU A 20 2.96 -5.40 -5.90
CA LEU A 20 3.81 -5.49 -7.08
C LEU A 20 4.95 -6.49 -6.87
N SER A 21 5.15 -6.88 -5.61
CA SER A 21 6.21 -7.83 -5.27
C SER A 21 5.62 -9.10 -4.66
N PRO A 22 5.18 -10.02 -5.52
CA PRO A 22 4.60 -11.30 -5.08
C PRO A 22 5.63 -12.23 -4.45
N GLU A 23 6.90 -11.86 -4.56
CA GLU A 23 7.98 -12.66 -4.01
C GLU A 23 8.07 -12.46 -2.49
N GLU A 24 7.68 -11.28 -2.03
CA GLU A 24 7.73 -10.96 -0.61
C GLU A 24 6.35 -11.12 0.03
N ASN A 25 5.31 -10.68 -0.69
CA ASN A 25 3.95 -10.77 -0.19
C ASN A 25 3.42 -12.20 -0.31
N CYS A 26 2.90 -12.72 0.80
CA CYS A 26 2.36 -14.07 0.83
C CYS A 26 0.86 -14.06 1.11
N GLY A 27 0.07 -13.94 0.06
CA GLY A 27 -1.38 -13.91 0.20
C GLY A 27 -1.83 -12.94 1.28
N ILE A 28 -1.17 -11.78 1.33
CA ILE A 28 -1.52 -10.75 2.31
C ILE A 28 -2.53 -9.76 1.74
N LEU A 29 -2.43 -9.51 0.45
CA LEU A 29 -3.35 -8.58 -0.22
C LEU A 29 -3.86 -9.16 -1.53
N GLU A 30 -4.82 -8.47 -2.15
CA GLU A 30 -5.38 -8.92 -3.41
C GLU A 30 -5.70 -7.74 -4.32
N TRP A 31 -5.49 -7.93 -5.62
CA TRP A 31 -5.75 -6.88 -6.59
C TRP A 31 -7.21 -6.91 -7.06
N GLU A 32 -8.04 -6.09 -6.43
CA GLU A 32 -9.46 -6.03 -6.79
C GLU A 32 -9.66 -5.22 -8.06
N ASP A 33 -8.85 -4.19 -8.24
CA ASP A 33 -8.94 -3.33 -9.42
C ASP A 33 -7.62 -2.59 -9.65
N ARG A 34 -6.84 -3.08 -10.62
CA ARG A 34 -5.56 -2.46 -10.94
C ARG A 34 -5.75 -1.05 -11.52
N GLU A 35 -6.71 -0.93 -12.43
CA GLU A 35 -7.00 0.35 -13.05
C GLU A 35 -7.41 1.39 -12.00
N GLN A 36 -8.35 1.01 -11.15
CA GLN A 36 -8.82 1.91 -10.09
C GLN A 36 -7.80 2.02 -8.97
N GLY A 37 -7.03 0.96 -8.77
CA GLY A 37 -6.02 0.96 -7.72
C GLY A 37 -6.58 0.48 -6.39
N ILE A 38 -7.57 -0.41 -6.44
CA ILE A 38 -8.19 -0.93 -5.23
C ILE A 38 -7.58 -2.28 -4.85
N PHE A 39 -7.32 -2.46 -3.56
CA PHE A 39 -6.75 -3.71 -3.07
C PHE A 39 -7.37 -4.10 -1.73
N ARG A 40 -7.41 -5.41 -1.47
CA ARG A 40 -7.99 -5.92 -0.23
C ARG A 40 -6.91 -6.51 0.67
N VAL A 41 -7.10 -6.39 1.98
CA VAL A 41 -6.14 -6.90 2.94
C VAL A 41 -6.51 -8.32 3.38
N VAL A 42 -6.14 -9.30 2.56
CA VAL A 42 -6.44 -10.70 2.87
C VAL A 42 -6.03 -11.05 4.29
N LYS A 43 -4.79 -10.72 4.65
CA LYS A 43 -4.27 -10.99 5.98
C LYS A 43 -3.96 -9.71 6.73
N SER A 44 -4.82 -9.36 7.69
CA SER A 44 -4.64 -8.14 8.46
C SER A 44 -3.56 -8.34 9.53
N GLU A 45 -3.24 -9.59 9.80
CA GLU A 45 -2.22 -9.92 10.79
C GLU A 45 -0.83 -9.98 10.17
N ALA A 46 -0.74 -10.59 9.00
CA ALA A 46 0.53 -10.71 8.29
C ALA A 46 1.00 -9.36 7.77
N LEU A 47 0.05 -8.55 7.31
CA LEU A 47 0.37 -7.22 6.78
C LEU A 47 1.04 -6.36 7.85
N ALA A 48 0.47 -6.34 9.05
CA ALA A 48 1.02 -5.57 10.15
C ALA A 48 2.32 -6.18 10.66
N LYS A 49 2.31 -7.49 10.88
CA LYS A 49 3.49 -8.19 11.36
C LYS A 49 4.71 -7.85 10.52
N MET A 50 4.55 -7.87 9.20
CA MET A 50 5.64 -7.56 8.29
C MET A 50 6.00 -6.08 8.35
N TRP A 51 4.97 -5.24 8.42
CA TRP A 51 5.18 -3.79 8.49
C TRP A 51 6.04 -3.42 9.69
N GLY A 52 5.62 -3.86 10.88
CA GLY A 52 6.37 -3.57 12.08
C GLY A 52 7.85 -3.79 11.92
N GLN A 53 8.21 -4.96 11.38
CA GLN A 53 9.62 -5.30 11.17
C GLN A 53 10.35 -4.16 10.46
N ARG A 54 9.68 -3.54 9.50
CA ARG A 54 10.28 -2.44 8.74
C ARG A 54 10.54 -1.24 9.64
N LYS A 55 9.65 -1.02 10.60
CA LYS A 55 9.79 0.08 11.53
C LYS A 55 10.28 -0.40 12.90
N LYS A 56 10.79 -1.63 12.94
CA LYS A 56 11.29 -2.21 14.17
C LYS A 56 10.27 -2.08 15.29
N ASN A 57 8.99 -2.14 14.94
CA ASN A 57 7.92 -2.03 15.92
C ASN A 57 7.44 -3.40 16.35
N ASP A 58 8.11 -3.98 17.35
CA ASP A 58 7.74 -5.30 17.86
C ASP A 58 6.27 -5.33 18.26
N ARG A 59 5.71 -4.17 18.55
CA ARG A 59 4.31 -4.06 18.95
C ARG A 59 3.46 -3.51 17.82
N MET A 60 3.74 -3.96 16.59
CA MET A 60 3.00 -3.51 15.42
C MET A 60 1.82 -4.44 15.13
N THR A 61 0.65 -3.85 14.92
CA THR A 61 -0.55 -4.62 14.64
C THR A 61 -1.53 -3.82 13.79
N TYR A 62 -2.31 -4.53 12.97
CA TYR A 62 -3.29 -3.88 12.11
C TYR A 62 -3.97 -2.71 12.82
N GLU A 63 -4.51 -2.99 14.00
CA GLU A 63 -5.19 -1.97 14.78
C GLU A 63 -4.39 -0.66 14.77
N LYS A 64 -3.08 -0.78 14.88
CA LYS A 64 -2.21 0.40 14.87
C LYS A 64 -1.85 0.81 13.44
N LEU A 65 -1.39 -0.15 12.65
CA LEU A 65 -1.02 0.12 11.27
C LEU A 65 -2.08 0.97 10.57
N SER A 66 -3.34 0.61 10.78
CA SER A 66 -4.45 1.35 10.16
C SER A 66 -4.29 2.85 10.38
N ARG A 67 -3.76 3.22 11.54
CA ARG A 67 -3.55 4.62 11.87
C ARG A 67 -3.04 5.40 10.66
N ALA A 68 -2.13 4.78 9.92
CA ALA A 68 -1.56 5.42 8.74
C ALA A 68 -2.51 5.31 7.54
N LEU A 69 -3.30 4.23 7.51
CA LEU A 69 -4.25 4.02 6.43
C LEU A 69 -5.36 5.06 6.47
N ARG A 70 -5.80 5.41 7.68
CA ARG A 70 -6.86 6.40 7.85
C ARG A 70 -6.29 7.81 7.86
N TYR A 71 -5.01 7.93 8.20
CA TYR A 71 -4.35 9.22 8.26
C TYR A 71 -3.93 9.68 6.86
N TYR A 72 -3.92 8.75 5.92
CA TYR A 72 -3.54 9.05 4.54
C TYR A 72 -4.68 9.75 3.81
N TYR A 73 -5.92 9.43 4.19
CA TYR A 73 -7.09 10.03 3.57
C TYR A 73 -7.04 11.55 3.66
N LYS A 74 -6.36 12.06 4.68
CA LYS A 74 -6.24 13.50 4.88
C LYS A 74 -5.41 14.13 3.77
N THR A 75 -4.29 13.49 3.44
CA THR A 75 -3.41 13.98 2.39
C THR A 75 -3.86 13.52 1.02
N GLY A 76 -4.62 12.43 0.99
CA GLY A 76 -5.12 11.90 -0.27
C GLY A 76 -4.40 10.62 -0.68
N ILE A 77 -3.23 10.38 -0.08
CA ILE A 77 -2.45 9.20 -0.39
C ILE A 77 -3.35 7.97 -0.55
N LEU A 78 -4.34 7.86 0.33
CA LEU A 78 -5.27 6.73 0.29
C LEU A 78 -6.69 7.21 0.00
N GLU A 79 -7.57 6.27 -0.36
CA GLU A 79 -8.95 6.61 -0.66
C GLU A 79 -9.91 5.81 0.22
N ARG A 80 -10.71 6.52 1.00
CA ARG A 80 -11.67 5.88 1.90
C ARG A 80 -12.68 5.04 1.11
N VAL A 81 -12.72 3.74 1.40
CA VAL A 81 -13.63 2.84 0.73
C VAL A 81 -14.71 2.32 1.68
N ASP A 82 -15.95 2.32 1.22
CA ASP A 82 -17.06 1.84 2.04
C ASP A 82 -17.19 0.32 1.96
N ARG A 83 -16.05 -0.36 1.97
CA ARG A 83 -16.02 -1.81 1.90
C ARG A 83 -15.35 -2.41 3.14
N ARG A 84 -15.24 -3.74 3.16
CA ARG A 84 -14.62 -4.42 4.30
C ARG A 84 -13.18 -4.82 3.97
N LEU A 85 -12.24 -4.30 4.74
CA LEU A 85 -10.83 -4.60 4.54
C LEU A 85 -10.43 -4.37 3.09
N VAL A 86 -11.01 -3.34 2.48
CA VAL A 86 -10.71 -3.01 1.08
C VAL A 86 -10.29 -1.55 0.94
N TYR A 87 -8.99 -1.33 0.77
CA TYR A 87 -8.45 0.02 0.62
C TYR A 87 -8.12 0.31 -0.83
N LYS A 88 -7.83 1.58 -1.12
CA LYS A 88 -7.48 2.00 -2.47
C LYS A 88 -6.56 3.21 -2.45
N PHE A 89 -5.48 3.16 -3.23
CA PHE A 89 -4.52 4.25 -3.30
C PHE A 89 -5.12 5.44 -4.05
N GLY A 90 -4.98 6.62 -3.47
CA GLY A 90 -5.51 7.83 -4.09
C GLY A 90 -4.61 8.33 -5.20
N LYS A 91 -4.63 9.64 -5.44
CA LYS A 91 -3.81 10.25 -6.48
C LYS A 91 -2.49 10.74 -5.92
N ASN A 92 -2.46 10.97 -4.61
CA ASN A 92 -1.23 11.44 -3.95
C ASN A 92 -0.13 10.41 -4.05
N ALA A 93 -0.51 9.13 -4.07
CA ALA A 93 0.46 8.05 -4.17
C ALA A 93 0.87 7.81 -5.62
N HIS A 94 2.18 7.69 -5.84
CA HIS A 94 2.70 7.47 -7.18
C HIS A 94 3.56 6.21 -7.22
N GLY A 95 3.33 5.37 -8.24
CA GLY A 95 4.07 4.14 -8.37
C GLY A 95 3.27 3.03 -9.03
N TRP A 96 2.03 2.88 -8.60
CA TRP A 96 1.15 1.85 -9.15
C TRP A 96 0.48 2.34 -10.42
N GLN A 97 -0.20 3.47 -10.34
CA GLN A 97 -0.89 4.04 -11.50
C GLN A 97 0.03 4.07 -12.71
N GLU A 98 -0.55 3.91 -13.90
CA GLU A 98 0.21 3.92 -15.14
C GLU A 98 0.09 5.26 -15.84
N ASP A 99 1.06 5.57 -16.69
CA ASP A 99 1.06 6.83 -17.42
C ASP A 99 0.62 6.60 -18.87
N LYS A 100 0.11 7.67 -19.49
CA LYS A 100 -0.35 7.59 -20.88
C LYS A 100 0.65 8.25 -21.83
N LEU A 101 0.44 8.08 -23.12
CA LEU A 101 1.32 8.66 -24.13
C LEU A 101 2.71 8.06 -24.02
N SER A 102 3.19 7.47 -25.12
CA SER A 102 4.52 6.87 -25.15
C SER A 102 4.88 6.43 -26.56
N GLY A 103 4.07 5.54 -27.12
CA GLY A 103 4.32 5.05 -28.47
C GLY A 103 5.10 3.75 -28.48
N PRO A 104 5.77 3.46 -29.60
CA PRO A 104 6.57 2.25 -29.76
C PRO A 104 7.83 2.26 -28.89
N SER A 105 8.62 1.20 -28.99
CA SER A 105 9.85 1.08 -28.22
C SER A 105 10.93 2.02 -28.77
N SER A 106 11.74 2.56 -27.87
CA SER A 106 12.80 3.47 -28.27
C SER A 106 14.13 3.09 -27.60
N GLY A 107 14.96 2.35 -28.34
CA GLY A 107 16.24 1.93 -27.81
C GLY A 107 16.41 0.43 -27.82
N GLY A 1 8.02 1.06 -10.88
CA GLY A 1 8.89 2.20 -11.11
C GLY A 1 10.28 2.00 -10.56
N SER A 2 11.20 2.88 -10.95
CA SER A 2 12.58 2.79 -10.49
C SER A 2 12.68 3.08 -8.99
N SER A 3 13.01 2.05 -8.22
CA SER A 3 13.13 2.19 -6.77
C SER A 3 13.83 0.97 -6.16
N GLY A 4 13.26 -0.20 -6.40
CA GLY A 4 13.84 -1.42 -5.87
C GLY A 4 14.20 -1.30 -4.40
N SER A 5 15.49 -1.11 -4.13
CA SER A 5 15.96 -0.99 -2.75
C SER A 5 15.10 -0.02 -1.97
N SER A 6 14.77 -0.39 -0.73
CA SER A 6 13.95 0.45 0.13
C SER A 6 13.76 -0.18 1.50
N GLY A 7 13.97 0.61 2.55
CA GLY A 7 13.82 0.10 3.90
C GLY A 7 12.46 0.42 4.49
N SER A 8 12.28 1.67 4.91
CA SER A 8 11.02 2.10 5.50
C SER A 8 10.92 3.62 5.54
N SER A 9 9.83 4.15 5.01
CA SER A 9 9.61 5.60 4.97
C SER A 9 8.13 5.93 5.06
N HIS A 10 7.32 5.16 4.35
CA HIS A 10 5.87 5.37 4.35
C HIS A 10 5.13 4.04 4.23
N LEU A 11 4.16 3.83 5.11
CA LEU A 11 3.37 2.60 5.10
C LEU A 11 2.76 2.35 3.72
N TRP A 12 1.99 3.32 3.24
CA TRP A 12 1.35 3.21 1.93
C TRP A 12 2.30 2.58 0.92
N GLU A 13 3.57 2.97 0.98
CA GLU A 13 4.57 2.44 0.06
C GLU A 13 4.85 0.97 0.35
N PHE A 14 4.91 0.63 1.62
CA PHE A 14 5.18 -0.75 2.03
C PHE A 14 4.06 -1.68 1.54
N VAL A 15 2.84 -1.39 1.98
CA VAL A 15 1.69 -2.20 1.59
C VAL A 15 1.48 -2.19 0.09
N ARG A 16 1.98 -1.14 -0.57
CA ARG A 16 1.86 -1.00 -2.01
C ARG A 16 2.86 -1.90 -2.73
N ASP A 17 4.08 -1.95 -2.22
CA ASP A 17 5.13 -2.76 -2.81
C ASP A 17 4.70 -4.22 -2.90
N LEU A 18 4.15 -4.74 -1.80
CA LEU A 18 3.70 -6.12 -1.76
C LEU A 18 2.83 -6.45 -2.98
N LEU A 19 1.91 -5.55 -3.31
CA LEU A 19 1.02 -5.74 -4.45
C LEU A 19 1.82 -5.82 -5.74
N LEU A 20 2.89 -5.04 -5.82
CA LEU A 20 3.74 -5.01 -7.01
C LEU A 20 4.93 -5.96 -6.85
N SER A 21 5.03 -6.58 -5.68
CA SER A 21 6.12 -7.51 -5.40
C SER A 21 5.57 -8.86 -4.94
N PRO A 22 5.22 -9.71 -5.91
CA PRO A 22 4.69 -11.05 -5.63
C PRO A 22 5.74 -11.99 -5.06
N GLU A 23 6.98 -11.50 -4.98
CA GLU A 23 8.07 -12.31 -4.45
C GLU A 23 8.14 -12.19 -2.93
N GLU A 24 7.66 -11.07 -2.40
CA GLU A 24 7.67 -10.84 -0.96
C GLU A 24 6.28 -11.06 -0.37
N ASN A 25 5.27 -10.48 -1.02
CA ASN A 25 3.89 -10.60 -0.55
C ASN A 25 3.43 -12.05 -0.59
N CYS A 26 2.98 -12.57 0.54
CA CYS A 26 2.51 -13.94 0.64
C CYS A 26 1.02 -13.99 0.95
N GLY A 27 0.21 -13.97 -0.10
CA GLY A 27 -1.24 -14.02 0.08
C GLY A 27 -1.71 -13.08 1.18
N ILE A 28 -1.06 -11.92 1.28
CA ILE A 28 -1.43 -10.94 2.30
C ILE A 28 -2.40 -9.92 1.75
N LEU A 29 -2.29 -9.63 0.46
CA LEU A 29 -3.17 -8.66 -0.19
C LEU A 29 -3.69 -9.20 -1.52
N GLU A 30 -4.64 -8.50 -2.11
CA GLU A 30 -5.22 -8.91 -3.38
C GLU A 30 -5.58 -7.69 -4.24
N TRP A 31 -5.43 -7.84 -5.55
CA TRP A 31 -5.73 -6.75 -6.47
C TRP A 31 -7.19 -6.82 -6.92
N GLU A 32 -8.01 -5.93 -6.38
CA GLU A 32 -9.43 -5.88 -6.73
C GLU A 32 -9.64 -5.13 -8.03
N ASP A 33 -8.88 -4.06 -8.22
CA ASP A 33 -8.99 -3.24 -9.43
C ASP A 33 -7.67 -2.55 -9.73
N ARG A 34 -6.94 -3.05 -10.72
CA ARG A 34 -5.66 -2.48 -11.12
C ARG A 34 -5.85 -1.11 -11.74
N GLU A 35 -7.03 -0.87 -12.31
CA GLU A 35 -7.34 0.40 -12.94
C GLU A 35 -7.50 1.50 -11.89
N GLN A 36 -8.34 1.24 -10.90
CA GLN A 36 -8.60 2.21 -9.84
C GLN A 36 -7.60 2.03 -8.70
N GLY A 37 -6.93 0.88 -8.67
CA GLY A 37 -5.96 0.61 -7.62
C GLY A 37 -6.61 0.04 -6.37
N ILE A 38 -7.68 -0.72 -6.56
CA ILE A 38 -8.38 -1.34 -5.43
C ILE A 38 -7.65 -2.57 -4.94
N PHE A 39 -7.38 -2.61 -3.64
CA PHE A 39 -6.69 -3.75 -3.04
C PHE A 39 -7.33 -4.13 -1.71
N ARG A 40 -7.31 -5.42 -1.40
CA ARG A 40 -7.88 -5.92 -0.15
C ARG A 40 -6.80 -6.53 0.74
N VAL A 41 -7.00 -6.42 2.05
CA VAL A 41 -6.05 -6.97 3.02
C VAL A 41 -6.47 -8.36 3.48
N VAL A 42 -6.18 -9.36 2.66
CA VAL A 42 -6.52 -10.74 2.99
C VAL A 42 -6.06 -11.10 4.40
N LYS A 43 -4.78 -10.85 4.68
CA LYS A 43 -4.21 -11.15 5.99
C LYS A 43 -3.90 -9.86 6.75
N SER A 44 -4.86 -9.39 7.54
CA SER A 44 -4.68 -8.17 8.31
C SER A 44 -3.63 -8.37 9.41
N GLU A 45 -3.47 -9.62 9.84
CA GLU A 45 -2.50 -9.94 10.89
C GLU A 45 -1.09 -9.96 10.32
N ALA A 46 -0.96 -10.47 9.10
CA ALA A 46 0.35 -10.56 8.45
C ALA A 46 0.76 -9.21 7.88
N LEU A 47 -0.23 -8.40 7.49
CA LEU A 47 0.04 -7.08 6.93
C LEU A 47 0.75 -6.19 7.94
N ALA A 48 0.27 -6.22 9.19
CA ALA A 48 0.86 -5.42 10.25
C ALA A 48 2.20 -6.01 10.70
N LYS A 49 2.22 -7.31 10.92
CA LYS A 49 3.43 -8.00 11.35
C LYS A 49 4.60 -7.64 10.45
N MET A 50 4.39 -7.69 9.14
CA MET A 50 5.43 -7.38 8.18
C MET A 50 5.82 -5.91 8.26
N TRP A 51 4.81 -5.03 8.26
CA TRP A 51 5.06 -3.59 8.33
C TRP A 51 5.96 -3.25 9.51
N GLY A 52 5.56 -3.69 10.70
CA GLY A 52 6.36 -3.42 11.89
C GLY A 52 7.82 -3.74 11.69
N GLN A 53 8.10 -4.89 11.08
CA GLN A 53 9.48 -5.31 10.83
C GLN A 53 10.27 -4.21 10.14
N ARG A 54 9.58 -3.42 9.32
CA ARG A 54 10.21 -2.34 8.58
C ARG A 54 10.55 -1.18 9.52
N LYS A 55 9.67 -0.93 10.48
CA LYS A 55 9.86 0.16 11.43
C LYS A 55 10.50 -0.36 12.72
N LYS A 56 10.92 -1.62 12.70
CA LYS A 56 11.55 -2.24 13.86
C LYS A 56 10.84 -1.83 15.14
N ASN A 57 9.51 -1.95 15.14
CA ASN A 57 8.71 -1.59 16.31
C ASN A 57 8.48 -2.81 17.20
N ASP A 58 8.15 -3.94 16.57
CA ASP A 58 7.90 -5.17 17.30
C ASP A 58 6.46 -5.22 17.83
N ARG A 59 5.94 -4.05 18.20
CA ARG A 59 4.57 -3.95 18.71
C ARG A 59 3.62 -3.44 17.64
N MET A 60 3.88 -3.81 16.39
CA MET A 60 3.05 -3.38 15.28
C MET A 60 1.87 -4.32 15.08
N THR A 61 0.67 -3.75 14.93
CA THR A 61 -0.53 -4.55 14.73
C THR A 61 -1.55 -3.81 13.87
N TYR A 62 -2.30 -4.56 13.07
CA TYR A 62 -3.31 -3.97 12.20
C TYR A 62 -4.01 -2.81 12.89
N GLU A 63 -4.48 -3.04 14.10
CA GLU A 63 -5.17 -2.01 14.87
C GLU A 63 -4.40 -0.70 14.84
N LYS A 64 -3.08 -0.79 14.98
CA LYS A 64 -2.23 0.39 14.97
C LYS A 64 -1.93 0.83 13.54
N LEU A 65 -1.53 -0.12 12.70
CA LEU A 65 -1.22 0.18 11.30
C LEU A 65 -2.33 0.99 10.66
N SER A 66 -3.56 0.52 10.79
CA SER A 66 -4.72 1.20 10.21
C SER A 66 -4.63 2.71 10.47
N ARG A 67 -4.16 3.07 11.65
CA ARG A 67 -4.03 4.47 12.02
C ARG A 67 -3.48 5.30 10.86
N ALA A 68 -2.52 4.71 10.13
CA ALA A 68 -1.92 5.39 8.99
C ALA A 68 -2.83 5.33 7.76
N LEU A 69 -3.62 4.28 7.68
CA LEU A 69 -4.54 4.10 6.56
C LEU A 69 -5.63 5.17 6.58
N ARG A 70 -6.03 5.58 7.77
CA ARG A 70 -7.07 6.59 7.93
C ARG A 70 -6.47 7.99 7.88
N TYR A 71 -5.17 8.08 8.17
CA TYR A 71 -4.48 9.37 8.17
C TYR A 71 -4.02 9.74 6.76
N TYR A 72 -3.92 8.73 5.89
CA TYR A 72 -3.50 8.95 4.51
C TYR A 72 -4.61 9.61 3.70
N TYR A 73 -5.83 9.51 4.19
CA TYR A 73 -6.98 10.10 3.51
C TYR A 73 -6.87 11.62 3.47
N LYS A 74 -6.11 12.18 4.40
CA LYS A 74 -5.92 13.62 4.47
C LYS A 74 -4.93 14.09 3.41
N THR A 75 -3.81 13.39 3.30
CA THR A 75 -2.78 13.72 2.33
C THR A 75 -3.17 13.27 0.93
N GLY A 76 -4.16 12.38 0.86
CA GLY A 76 -4.62 11.88 -0.43
C GLY A 76 -3.94 10.58 -0.81
N ILE A 77 -2.96 10.17 -0.01
CA ILE A 77 -2.23 8.93 -0.27
C ILE A 77 -3.18 7.75 -0.44
N LEU A 78 -4.20 7.70 0.42
CA LEU A 78 -5.19 6.61 0.37
C LEU A 78 -6.57 7.16 0.03
N GLU A 79 -7.49 6.26 -0.31
CA GLU A 79 -8.84 6.65 -0.66
C GLU A 79 -9.86 5.91 0.20
N ARG A 80 -10.70 6.66 0.90
CA ARG A 80 -11.71 6.08 1.77
C ARG A 80 -12.56 5.07 1.01
N VAL A 81 -12.77 3.91 1.63
CA VAL A 81 -13.56 2.85 1.01
C VAL A 81 -14.67 2.39 1.93
N ASP A 82 -15.86 2.18 1.37
CA ASP A 82 -17.01 1.73 2.14
C ASP A 82 -17.17 0.22 2.06
N ARG A 83 -16.05 -0.48 1.93
CA ARG A 83 -16.06 -1.93 1.84
C ARG A 83 -15.34 -2.57 3.03
N ARG A 84 -15.33 -3.90 3.07
CA ARG A 84 -14.68 -4.62 4.15
C ARG A 84 -13.22 -4.91 3.82
N LEU A 85 -12.34 -4.51 4.72
CA LEU A 85 -10.90 -4.72 4.51
C LEU A 85 -10.51 -4.45 3.07
N VAL A 86 -11.01 -3.34 2.52
CA VAL A 86 -10.71 -2.96 1.15
C VAL A 86 -10.26 -1.51 1.07
N TYR A 87 -9.03 -1.30 0.62
CA TYR A 87 -8.48 0.04 0.49
C TYR A 87 -8.06 0.32 -0.95
N LYS A 88 -7.69 1.57 -1.21
CA LYS A 88 -7.27 1.98 -2.55
C LYS A 88 -6.27 3.14 -2.48
N PHE A 89 -5.28 3.12 -3.35
CA PHE A 89 -4.27 4.16 -3.39
C PHE A 89 -4.76 5.37 -4.17
N GLY A 90 -4.75 6.53 -3.53
CA GLY A 90 -5.19 7.75 -4.18
C GLY A 90 -4.25 8.21 -5.27
N LYS A 91 -4.13 9.52 -5.43
CA LYS A 91 -3.25 10.10 -6.44
C LYS A 91 -1.88 10.43 -5.86
N ASN A 92 -1.84 10.60 -4.54
CA ASN A 92 -0.59 10.91 -3.85
C ASN A 92 0.37 9.74 -3.90
N ALA A 93 -0.18 8.53 -3.98
CA ALA A 93 0.64 7.32 -4.04
C ALA A 93 1.05 7.01 -5.48
N HIS A 94 2.29 6.58 -5.66
CA HIS A 94 2.81 6.25 -6.99
C HIS A 94 3.24 4.78 -7.05
N GLY A 95 3.43 4.29 -8.26
CA GLY A 95 3.84 2.90 -8.43
C GLY A 95 2.70 2.01 -8.86
N TRP A 96 1.58 2.11 -8.15
CA TRP A 96 0.40 1.29 -8.46
C TRP A 96 -0.31 1.81 -9.71
N GLN A 97 -0.52 3.12 -9.74
CA GLN A 97 -1.19 3.75 -10.88
C GLN A 97 -0.64 3.23 -12.20
N GLU A 98 -1.49 3.19 -13.22
CA GLU A 98 -1.08 2.71 -14.53
C GLU A 98 -1.25 3.80 -15.59
N ASP A 99 -0.49 3.68 -16.67
CA ASP A 99 -0.55 4.66 -17.75
C ASP A 99 -0.22 6.06 -17.23
N LYS A 100 0.27 6.91 -18.13
CA LYS A 100 0.62 8.28 -17.77
C LYS A 100 0.85 9.13 -19.01
N LEU A 101 0.29 10.34 -19.00
CA LEU A 101 0.44 11.25 -20.13
C LEU A 101 1.09 12.56 -19.70
N SER A 102 1.79 13.20 -20.63
CA SER A 102 2.47 14.46 -20.34
C SER A 102 3.18 14.39 -18.99
N GLY A 103 3.79 13.25 -18.70
CA GLY A 103 4.50 13.08 -17.45
C GLY A 103 6.00 13.09 -17.62
N PRO A 104 6.59 14.30 -17.59
CA PRO A 104 8.04 14.47 -17.74
C PRO A 104 8.82 13.94 -16.55
N SER A 105 8.33 14.24 -15.34
CA SER A 105 8.99 13.79 -14.12
C SER A 105 8.10 14.04 -12.91
N SER A 106 7.53 15.24 -12.84
CA SER A 106 6.66 15.60 -11.72
C SER A 106 6.29 17.08 -11.78
N GLY A 107 5.44 17.52 -10.86
CA GLY A 107 5.02 18.90 -10.83
C GLY A 107 3.87 19.14 -9.87
N GLY A 1 11.98 -1.18 -16.49
CA GLY A 1 11.21 -0.42 -15.53
C GLY A 1 12.04 0.06 -14.36
N SER A 2 12.25 1.38 -14.28
CA SER A 2 13.04 1.96 -13.20
C SER A 2 12.24 3.03 -12.46
N SER A 3 12.36 3.03 -11.14
CA SER A 3 11.64 3.99 -10.31
C SER A 3 12.50 4.42 -9.12
N GLY A 4 13.06 5.62 -9.21
CA GLY A 4 13.89 6.13 -8.12
C GLY A 4 13.27 5.92 -6.76
N SER A 5 14.08 6.03 -5.71
CA SER A 5 13.60 5.84 -4.35
C SER A 5 13.65 7.15 -3.57
N SER A 6 14.83 7.77 -3.54
CA SER A 6 15.03 9.03 -2.83
C SER A 6 14.49 8.93 -1.41
N GLY A 7 14.77 7.81 -0.75
CA GLY A 7 14.32 7.61 0.61
C GLY A 7 12.93 7.01 0.68
N SER A 8 12.73 6.09 1.62
CA SER A 8 11.44 5.43 1.78
C SER A 8 11.09 5.27 3.25
N SER A 9 9.94 5.80 3.65
CA SER A 9 9.49 5.72 5.04
C SER A 9 7.98 5.94 5.13
N HIS A 10 7.24 5.28 4.26
CA HIS A 10 5.78 5.40 4.24
C HIS A 10 5.13 4.02 4.12
N LEU A 11 4.10 3.79 4.94
CA LEU A 11 3.38 2.52 4.92
C LEU A 11 2.76 2.27 3.56
N TRP A 12 1.93 3.19 3.09
CA TRP A 12 1.27 3.06 1.80
C TRP A 12 2.23 2.49 0.76
N GLU A 13 3.50 2.85 0.87
CA GLU A 13 4.51 2.37 -0.06
C GLU A 13 4.88 0.91 0.22
N PHE A 14 5.02 0.59 1.50
CA PHE A 14 5.37 -0.77 1.91
C PHE A 14 4.28 -1.76 1.49
N VAL A 15 3.04 -1.48 1.89
CA VAL A 15 1.92 -2.34 1.56
C VAL A 15 1.74 -2.45 0.05
N ARG A 16 2.08 -1.37 -0.67
CA ARG A 16 1.96 -1.35 -2.12
C ARG A 16 3.03 -2.22 -2.76
N ASP A 17 4.26 -2.11 -2.27
CA ASP A 17 5.37 -2.89 -2.80
C ASP A 17 5.07 -4.38 -2.73
N LEU A 18 4.28 -4.77 -1.75
CA LEU A 18 3.91 -6.17 -1.57
C LEU A 18 3.07 -6.68 -2.74
N LEU A 19 2.16 -5.82 -3.21
CA LEU A 19 1.29 -6.17 -4.33
C LEU A 19 2.10 -6.35 -5.61
N LEU A 20 3.15 -5.56 -5.75
CA LEU A 20 4.01 -5.63 -6.93
C LEU A 20 5.10 -6.69 -6.75
N SER A 21 5.29 -7.13 -5.51
CA SER A 21 6.29 -8.12 -5.20
C SER A 21 5.65 -9.40 -4.67
N PRO A 22 5.15 -10.24 -5.58
CA PRO A 22 4.50 -11.51 -5.23
C PRO A 22 5.49 -12.53 -4.68
N GLU A 23 6.77 -12.19 -4.73
CA GLU A 23 7.81 -13.09 -4.24
C GLU A 23 7.98 -12.96 -2.72
N GLU A 24 7.66 -11.78 -2.19
CA GLU A 24 7.77 -11.54 -0.76
C GLU A 24 6.40 -11.64 -0.08
N ASN A 25 5.38 -11.11 -0.75
CA ASN A 25 4.03 -11.12 -0.21
C ASN A 25 3.42 -12.53 -0.31
N CYS A 26 2.85 -13.00 0.79
CA CYS A 26 2.24 -14.32 0.83
C CYS A 26 0.75 -14.23 1.09
N GLY A 27 -0.03 -14.04 0.03
CA GLY A 27 -1.47 -13.93 0.16
C GLY A 27 -1.87 -12.96 1.25
N ILE A 28 -1.22 -11.80 1.27
CA ILE A 28 -1.53 -10.78 2.28
C ILE A 28 -2.46 -9.71 1.71
N LEU A 29 -2.42 -9.54 0.38
CA LEU A 29 -3.26 -8.55 -0.28
C LEU A 29 -3.79 -9.09 -1.60
N GLU A 30 -4.75 -8.39 -2.18
CA GLU A 30 -5.35 -8.80 -3.45
C GLU A 30 -5.61 -7.59 -4.34
N TRP A 31 -5.49 -7.79 -5.65
CA TRP A 31 -5.71 -6.72 -6.61
C TRP A 31 -7.16 -6.73 -7.11
N GLU A 32 -7.98 -5.87 -6.51
CA GLU A 32 -9.39 -5.78 -6.90
C GLU A 32 -9.55 -4.96 -8.17
N ASP A 33 -8.63 -4.02 -8.39
CA ASP A 33 -8.69 -3.17 -9.57
C ASP A 33 -7.34 -2.49 -9.80
N ARG A 34 -6.57 -2.99 -10.76
CA ARG A 34 -5.26 -2.42 -11.06
C ARG A 34 -5.40 -1.03 -11.67
N GLU A 35 -6.40 -0.87 -12.53
CA GLU A 35 -6.65 0.41 -13.18
C GLU A 35 -6.91 1.51 -12.16
N GLN A 36 -7.84 1.25 -11.24
CA GLN A 36 -8.19 2.21 -10.20
C GLN A 36 -7.15 2.22 -9.09
N GLY A 37 -6.56 1.04 -8.84
CA GLY A 37 -5.55 0.94 -7.80
C GLY A 37 -6.13 0.45 -6.49
N ILE A 38 -7.22 -0.29 -6.56
CA ILE A 38 -7.87 -0.82 -5.37
C ILE A 38 -7.29 -2.18 -4.98
N PHE A 39 -7.15 -2.40 -3.67
CA PHE A 39 -6.60 -3.65 -3.17
C PHE A 39 -7.26 -4.04 -1.85
N ARG A 40 -7.33 -5.34 -1.59
CA ARG A 40 -7.94 -5.84 -0.35
C ARG A 40 -6.88 -6.47 0.55
N VAL A 41 -7.04 -6.26 1.85
CA VAL A 41 -6.10 -6.81 2.83
C VAL A 41 -6.50 -8.22 3.25
N VAL A 42 -6.11 -9.21 2.47
CA VAL A 42 -6.44 -10.59 2.76
C VAL A 42 -6.03 -10.96 4.19
N LYS A 43 -4.77 -10.71 4.51
CA LYS A 43 -4.24 -11.01 5.85
C LYS A 43 -3.91 -9.73 6.60
N SER A 44 -4.87 -9.29 7.42
CA SER A 44 -4.68 -8.07 8.21
C SER A 44 -3.61 -8.27 9.28
N GLU A 45 -3.49 -9.49 9.76
CA GLU A 45 -2.51 -9.83 10.79
C GLU A 45 -1.11 -9.85 10.20
N ALA A 46 -0.94 -10.53 9.07
CA ALA A 46 0.34 -10.65 8.41
C ALA A 46 0.83 -9.28 7.91
N LEU A 47 -0.11 -8.49 7.40
CA LEU A 47 0.21 -7.16 6.89
C LEU A 47 0.95 -6.34 7.94
N ALA A 48 0.34 -6.21 9.11
CA ALA A 48 0.93 -5.46 10.21
C ALA A 48 2.23 -6.09 10.67
N LYS A 49 2.19 -7.40 10.92
CA LYS A 49 3.36 -8.13 11.38
C LYS A 49 4.57 -7.82 10.50
N MET A 50 4.37 -7.89 9.18
CA MET A 50 5.45 -7.61 8.23
C MET A 50 5.86 -6.15 8.29
N TRP A 51 4.88 -5.26 8.20
CA TRP A 51 5.14 -3.82 8.24
C TRP A 51 6.05 -3.47 9.41
N GLY A 52 5.62 -3.82 10.62
CA GLY A 52 6.41 -3.53 11.80
C GLY A 52 7.88 -3.90 11.63
N GLN A 53 8.12 -5.11 11.15
CA GLN A 53 9.49 -5.57 10.93
C GLN A 53 10.31 -4.53 10.17
N ARG A 54 9.64 -3.78 9.30
CA ARG A 54 10.31 -2.76 8.51
C ARG A 54 10.64 -1.54 9.37
N LYS A 55 9.76 -1.23 10.31
CA LYS A 55 9.96 -0.09 11.20
C LYS A 55 10.61 -0.53 12.50
N LYS A 56 11.04 -1.79 12.56
CA LYS A 56 11.68 -2.33 13.75
C LYS A 56 10.91 -1.94 15.00
N ASN A 57 9.60 -1.83 14.88
CA ASN A 57 8.74 -1.47 16.00
C ASN A 57 8.56 -2.65 16.95
N ASP A 58 8.22 -3.80 16.37
CA ASP A 58 8.01 -5.01 17.17
C ASP A 58 6.60 -5.05 17.75
N ARG A 59 6.06 -3.87 18.07
CA ARG A 59 4.72 -3.77 18.62
C ARG A 59 3.72 -3.31 17.57
N MET A 60 3.99 -3.66 16.32
CA MET A 60 3.12 -3.28 15.22
C MET A 60 1.92 -4.22 15.13
N THR A 61 0.75 -3.65 14.82
CA THR A 61 -0.47 -4.45 14.71
C THR A 61 -1.53 -3.71 13.91
N TYR A 62 -2.24 -4.44 13.05
CA TYR A 62 -3.28 -3.85 12.22
C TYR A 62 -4.02 -2.73 12.97
N GLU A 63 -4.29 -2.97 14.24
CA GLU A 63 -4.98 -1.99 15.07
C GLU A 63 -4.29 -0.63 14.98
N LYS A 64 -2.99 -0.62 15.18
CA LYS A 64 -2.20 0.60 15.12
C LYS A 64 -1.91 1.00 13.68
N LEU A 65 -1.55 0.02 12.86
CA LEU A 65 -1.25 0.27 11.45
C LEU A 65 -2.38 1.06 10.79
N SER A 66 -3.61 0.61 11.00
CA SER A 66 -4.78 1.27 10.41
C SER A 66 -4.68 2.78 10.58
N ARG A 67 -4.19 3.22 11.74
CA ARG A 67 -4.05 4.63 12.03
C ARG A 67 -3.50 5.38 10.81
N ALA A 68 -2.52 4.78 10.14
CA ALA A 68 -1.91 5.38 8.98
C ALA A 68 -2.81 5.25 7.75
N LEU A 69 -3.54 4.14 7.67
CA LEU A 69 -4.44 3.89 6.55
C LEU A 69 -5.55 4.94 6.52
N ARG A 70 -6.11 5.25 7.68
CA ARG A 70 -7.19 6.23 7.78
C ARG A 70 -6.62 7.65 7.80
N TYR A 71 -5.34 7.76 8.09
CA TYR A 71 -4.67 9.07 8.15
C TYR A 71 -4.29 9.55 6.74
N TYR A 72 -4.18 8.60 5.81
CA TYR A 72 -3.83 8.93 4.44
C TYR A 72 -4.99 9.59 3.72
N TYR A 73 -6.21 9.29 4.16
CA TYR A 73 -7.40 9.87 3.55
C TYR A 73 -7.36 11.39 3.60
N LYS A 74 -6.59 11.93 4.55
CA LYS A 74 -6.46 13.38 4.70
C LYS A 74 -5.51 13.95 3.66
N THR A 75 -4.38 13.27 3.45
CA THR A 75 -3.39 13.72 2.48
C THR A 75 -3.77 13.28 1.07
N GLY A 76 -4.80 12.45 0.97
CA GLY A 76 -5.24 11.96 -0.33
C GLY A 76 -4.47 10.74 -0.78
N ILE A 77 -3.40 10.43 -0.08
CA ILE A 77 -2.57 9.27 -0.42
C ILE A 77 -3.43 8.04 -0.66
N LEU A 78 -4.43 7.83 0.20
CA LEU A 78 -5.32 6.69 0.08
C LEU A 78 -6.71 7.14 -0.35
N GLU A 79 -7.64 6.19 -0.44
CA GLU A 79 -9.01 6.48 -0.83
C GLU A 79 -10.00 5.92 0.19
N ARG A 80 -10.91 6.77 0.65
CA ARG A 80 -11.92 6.36 1.63
C ARG A 80 -12.90 5.37 1.01
N VAL A 81 -12.84 4.13 1.46
CA VAL A 81 -13.73 3.08 0.95
C VAL A 81 -14.69 2.61 2.04
N ASP A 82 -15.92 2.33 1.66
CA ASP A 82 -16.93 1.86 2.59
C ASP A 82 -17.07 0.35 2.53
N ARG A 83 -15.94 -0.35 2.51
CA ARG A 83 -15.93 -1.81 2.44
C ARG A 83 -15.22 -2.41 3.65
N ARG A 84 -15.02 -3.72 3.63
CA ARG A 84 -14.36 -4.41 4.72
C ARG A 84 -12.94 -4.84 4.31
N LEU A 85 -11.95 -4.22 4.92
CA LEU A 85 -10.56 -4.53 4.63
C LEU A 85 -10.24 -4.28 3.16
N VAL A 86 -10.85 -3.24 2.60
CA VAL A 86 -10.64 -2.88 1.21
C VAL A 86 -10.20 -1.42 1.07
N TYR A 87 -8.95 -1.21 0.74
CA TYR A 87 -8.40 0.13 0.59
C TYR A 87 -8.04 0.40 -0.87
N LYS A 88 -7.75 1.66 -1.17
CA LYS A 88 -7.38 2.06 -2.52
C LYS A 88 -6.48 3.30 -2.50
N PHE A 89 -5.36 3.22 -3.21
CA PHE A 89 -4.41 4.32 -3.28
C PHE A 89 -5.00 5.49 -4.06
N GLY A 90 -5.01 6.67 -3.44
CA GLY A 90 -5.55 7.85 -4.09
C GLY A 90 -4.66 8.35 -5.21
N LYS A 91 -4.68 9.65 -5.45
CA LYS A 91 -3.87 10.25 -6.50
C LYS A 91 -2.57 10.80 -5.93
N ASN A 92 -2.52 10.94 -4.61
CA ASN A 92 -1.32 11.45 -3.95
C ASN A 92 -0.20 10.43 -3.99
N ALA A 93 -0.56 9.15 -4.07
CA ALA A 93 0.42 8.08 -4.12
C ALA A 93 1.04 7.97 -5.51
N HIS A 94 2.35 7.79 -5.55
CA HIS A 94 3.07 7.67 -6.82
C HIS A 94 4.01 6.47 -6.81
N GLY A 95 3.90 5.62 -7.83
CA GLY A 95 4.74 4.45 -7.91
C GLY A 95 4.00 3.24 -8.45
N TRP A 96 2.71 3.16 -8.16
CA TRP A 96 1.88 2.05 -8.62
C TRP A 96 1.28 2.35 -9.99
N GLN A 97 0.64 3.51 -10.10
CA GLN A 97 0.00 3.92 -11.34
C GLN A 97 0.96 3.74 -12.52
N GLU A 98 0.43 3.87 -13.73
CA GLU A 98 1.24 3.73 -14.94
C GLU A 98 1.27 5.03 -15.74
N ASP A 99 1.47 6.14 -15.03
CA ASP A 99 1.52 7.45 -15.67
C ASP A 99 1.93 8.53 -14.67
N LYS A 100 2.58 9.57 -15.17
CA LYS A 100 3.01 10.67 -14.32
C LYS A 100 4.01 10.18 -13.28
N LEU A 101 4.90 11.08 -12.84
CA LEU A 101 5.91 10.74 -11.84
C LEU A 101 6.31 11.97 -11.04
N SER A 102 5.61 12.21 -9.94
CA SER A 102 5.89 13.35 -9.08
C SER A 102 5.70 14.66 -9.84
N GLY A 103 5.48 15.75 -9.10
CA GLY A 103 5.28 17.04 -9.72
C GLY A 103 6.17 18.12 -9.12
N PRO A 104 5.63 18.85 -8.13
CA PRO A 104 6.36 19.91 -7.45
C PRO A 104 7.49 19.38 -6.57
N SER A 105 8.30 20.29 -6.04
CA SER A 105 9.43 19.91 -5.20
C SER A 105 9.97 21.13 -4.44
N SER A 106 10.68 20.87 -3.34
CA SER A 106 11.24 21.93 -2.53
C SER A 106 12.67 21.59 -2.11
N GLY A 107 13.31 22.52 -1.41
CA GLY A 107 14.68 22.30 -0.95
C GLY A 107 14.79 22.34 0.55
#